data_3L6W
# 
_entry.id   3L6W 
# 
_audit_conform.dict_name       mmcif_pdbx.dic 
_audit_conform.dict_version    5.380 
_audit_conform.dict_location   http://mmcif.pdb.org/dictionaries/ascii/mmcif_pdbx.dic 
# 
loop_
_database_2.database_id 
_database_2.database_code 
_database_2.pdbx_database_accession 
_database_2.pdbx_DOI 
PDB   3L6W         pdb_00003l6w 10.2210/pdb3l6w/pdb 
RCSB  RCSB056908   ?            ?                   
WWPDB D_1000056908 ?            ?                   
# 
_pdbx_database_related.db_name        PDB 
_pdbx_database_related.db_id          3EU2 
_pdbx_database_related.details        
'This structure was in the PDB earlier as 3EU2 which was withdrawn due to time limit on HPUB status' 
_pdbx_database_related.content_type   unspecified 
# 
_pdbx_database_status.status_code                     REL 
_pdbx_database_status.entry_id                        3L6W 
_pdbx_database_status.recvd_initial_deposition_date   2009-12-27 
_pdbx_database_status.deposit_site                    RCSB 
_pdbx_database_status.process_site                    PDBJ 
_pdbx_database_status.status_code_sf                  REL 
_pdbx_database_status.status_code_mr                  ? 
_pdbx_database_status.SG_entry                        ? 
_pdbx_database_status.pdb_format_compatible           Y 
_pdbx_database_status.status_code_cs                  ? 
_pdbx_database_status.methods_development_category    ? 
_pdbx_database_status.status_code_nmr_data            ? 
# 
loop_
_audit_author.name 
_audit_author.pdbx_ordinal 
'Jaenicke, E.'    1 
'Buechler, K.'    2 
'Markl, J.'       3 
'Decker, H.'      4 
'Barends, T.R.M.' 5 
# 
_citation.id                        primary 
_citation.title                     'The Cupredoxin-like Domains in Hemocyanins.' 
_citation.journal_abbrev            Biochem.J. 
_citation.journal_volume            ? 
_citation.page_first                ? 
_citation.page_last                 ? 
_citation.year                      2009 
_citation.journal_id_ASTM           BIJOAK 
_citation.country                   UK 
_citation.journal_id_ISSN           1470-8728 
_citation.journal_id_CSD            0043 
_citation.book_publisher            ? 
_citation.pdbx_database_id_PubMed   20025608 
_citation.pdbx_database_id_DOI      10.1042/BJ20091501 
# 
loop_
_citation_author.citation_id 
_citation_author.name 
_citation_author.ordinal 
_citation_author.identifier_ORCID 
primary 'Jaenicke, E.'    1 ? 
primary 'Buchler, K.'     2 ? 
primary 'Markl, J.'       3 ? 
primary 'Decker, H.'      4 ? 
primary 'Barends, T.R.M.' 5 ? 
# 
_cell.entry_id           3L6W 
_cell.length_a           251.020 
_cell.length_b           251.020 
_cell.length_c           251.020 
_cell.angle_alpha        90.00 
_cell.angle_beta         90.00 
_cell.angle_gamma        90.00 
_cell.Z_PDB              48 
_cell.pdbx_unique_axis   ? 
_cell.length_a_esd       ? 
_cell.length_b_esd       ? 
_cell.length_c_esd       ? 
_cell.angle_alpha_esd    ? 
_cell.angle_beta_esd     ? 
_cell.angle_gamma_esd    ? 
# 
_symmetry.entry_id                         3L6W 
_symmetry.space_group_name_H-M             'I 21 3' 
_symmetry.pdbx_full_space_group_name_H-M   ? 
_symmetry.cell_setting                     ? 
_symmetry.Int_Tables_number                199 
_symmetry.space_group_name_Hall            ? 
# 
_entity.id                         1 
_entity.type                       polymer 
_entity.src_method                 nat 
_entity.pdbx_description           'Hemocyanin 1' 
_entity.formula_weight             56623.797 
_entity.pdbx_number_of_molecules   2 
_entity.pdbx_ec                    ? 
_entity.pdbx_mutation              ? 
_entity.pdbx_fragment              'collar subunit' 
_entity.details                    ? 
# 
_entity_poly.entity_id                      1 
_entity_poly.type                           'polypeptide(L)' 
_entity_poly.nstd_linkage                   no 
_entity_poly.nstd_monomer                   no 
_entity_poly.pdbx_seq_one_letter_code       
;ILVRKNIHSLSHHEAEELRDALYKLQNDESHGGYEHIAGFHGYPNLCPEKGDEKYPCCVHGMSIFPHWHRLHTIQFERAL
KKHGSHLGIPYWDWTQTISSLPTFFADSGNNNPFFKYHIRSINQDTVRDVNEAIFQQTKFGEFSSIFYLALQALEEDNYC
DFEVQYEILHNEVHALIGGAEKYSMSTLEYSAFDPYFMIHHASLDKIWIIWQELQKRRVKPAHAGSCAGDIMHVPLHPFN
YESVNNDDFTRENSLPNAVVDSHRFNYKYDNLNLHGHNIEELEEVLRSLRLKSRVFAGFVLSGIRTTAVVKVYIKSGTDS
DDEYAGSFVILGGAKEMPWAYERLYRFDITETVHNLNLTDDHVKFRFDLKKYDHTELDASVLPAPIIVRRPNNAVFDIIE
IPIGKDVNLPPKVVVKRGTKIMFMSVDEAVTTPMLNLGSYTAMFKCKVPPFSFHAFELGKMYSVESGDYFMTASTTELCN
DNNLRIHVHVD
;
_entity_poly.pdbx_seq_one_letter_code_can   
;ILVRKNIHSLSHHEAEELRDALYKLQNDESHGGYEHIAGFHGYPNLCPEKGDEKYPCCVHGMSIFPHWHRLHTIQFERAL
KKHGSHLGIPYWDWTQTISSLPTFFADSGNNNPFFKYHIRSINQDTVRDVNEAIFQQTKFGEFSSIFYLALQALEEDNYC
DFEVQYEILHNEVHALIGGAEKYSMSTLEYSAFDPYFMIHHASLDKIWIIWQELQKRRVKPAHAGSCAGDIMHVPLHPFN
YESVNNDDFTRENSLPNAVVDSHRFNYKYDNLNLHGHNIEELEEVLRSLRLKSRVFAGFVLSGIRTTAVVKVYIKSGTDS
DDEYAGSFVILGGAKEMPWAYERLYRFDITETVHNLNLTDDHVKFRFDLKKYDHTELDASVLPAPIIVRRPNNAVFDIIE
IPIGKDVNLPPKVVVKRGTKIMFMSVDEAVTTPMLNLGSYTAMFKCKVPPFSFHAFELGKMYSVESGDYFMTASTTELCN
DNNLRIHVHVD
;
_entity_poly.pdbx_strand_id                 A,B 
_entity_poly.pdbx_target_identifier         ? 
# 
loop_
_entity_poly_seq.entity_id 
_entity_poly_seq.num 
_entity_poly_seq.mon_id 
_entity_poly_seq.hetero 
1 1   ILE n 
1 2   LEU n 
1 3   VAL n 
1 4   ARG n 
1 5   LYS n 
1 6   ASN n 
1 7   ILE n 
1 8   HIS n 
1 9   SER n 
1 10  LEU n 
1 11  SER n 
1 12  HIS n 
1 13  HIS n 
1 14  GLU n 
1 15  ALA n 
1 16  GLU n 
1 17  GLU n 
1 18  LEU n 
1 19  ARG n 
1 20  ASP n 
1 21  ALA n 
1 22  LEU n 
1 23  TYR n 
1 24  LYS n 
1 25  LEU n 
1 26  GLN n 
1 27  ASN n 
1 28  ASP n 
1 29  GLU n 
1 30  SER n 
1 31  HIS n 
1 32  GLY n 
1 33  GLY n 
1 34  TYR n 
1 35  GLU n 
1 36  HIS n 
1 37  ILE n 
1 38  ALA n 
1 39  GLY n 
1 40  PHE n 
1 41  HIS n 
1 42  GLY n 
1 43  TYR n 
1 44  PRO n 
1 45  ASN n 
1 46  LEU n 
1 47  CYS n 
1 48  PRO n 
1 49  GLU n 
1 50  LYS n 
1 51  GLY n 
1 52  ASP n 
1 53  GLU n 
1 54  LYS n 
1 55  TYR n 
1 56  PRO n 
1 57  CYS n 
1 58  CYS n 
1 59  VAL n 
1 60  HIS n 
1 61  GLY n 
1 62  MET n 
1 63  SER n 
1 64  ILE n 
1 65  PHE n 
1 66  PRO n 
1 67  HIS n 
1 68  TRP n 
1 69  HIS n 
1 70  ARG n 
1 71  LEU n 
1 72  HIS n 
1 73  THR n 
1 74  ILE n 
1 75  GLN n 
1 76  PHE n 
1 77  GLU n 
1 78  ARG n 
1 79  ALA n 
1 80  LEU n 
1 81  LYS n 
1 82  LYS n 
1 83  HIS n 
1 84  GLY n 
1 85  SER n 
1 86  HIS n 
1 87  LEU n 
1 88  GLY n 
1 89  ILE n 
1 90  PRO n 
1 91  TYR n 
1 92  TRP n 
1 93  ASP n 
1 94  TRP n 
1 95  THR n 
1 96  GLN n 
1 97  THR n 
1 98  ILE n 
1 99  SER n 
1 100 SER n 
1 101 LEU n 
1 102 PRO n 
1 103 THR n 
1 104 PHE n 
1 105 PHE n 
1 106 ALA n 
1 107 ASP n 
1 108 SER n 
1 109 GLY n 
1 110 ASN n 
1 111 ASN n 
1 112 ASN n 
1 113 PRO n 
1 114 PHE n 
1 115 PHE n 
1 116 LYS n 
1 117 TYR n 
1 118 HIS n 
1 119 ILE n 
1 120 ARG n 
1 121 SER n 
1 122 ILE n 
1 123 ASN n 
1 124 GLN n 
1 125 ASP n 
1 126 THR n 
1 127 VAL n 
1 128 ARG n 
1 129 ASP n 
1 130 VAL n 
1 131 ASN n 
1 132 GLU n 
1 133 ALA n 
1 134 ILE n 
1 135 PHE n 
1 136 GLN n 
1 137 GLN n 
1 138 THR n 
1 139 LYS n 
1 140 PHE n 
1 141 GLY n 
1 142 GLU n 
1 143 PHE n 
1 144 SER n 
1 145 SER n 
1 146 ILE n 
1 147 PHE n 
1 148 TYR n 
1 149 LEU n 
1 150 ALA n 
1 151 LEU n 
1 152 GLN n 
1 153 ALA n 
1 154 LEU n 
1 155 GLU n 
1 156 GLU n 
1 157 ASP n 
1 158 ASN n 
1 159 TYR n 
1 160 CYS n 
1 161 ASP n 
1 162 PHE n 
1 163 GLU n 
1 164 VAL n 
1 165 GLN n 
1 166 TYR n 
1 167 GLU n 
1 168 ILE n 
1 169 LEU n 
1 170 HIS n 
1 171 ASN n 
1 172 GLU n 
1 173 VAL n 
1 174 HIS n 
1 175 ALA n 
1 176 LEU n 
1 177 ILE n 
1 178 GLY n 
1 179 GLY n 
1 180 ALA n 
1 181 GLU n 
1 182 LYS n 
1 183 TYR n 
1 184 SER n 
1 185 MET n 
1 186 SER n 
1 187 THR n 
1 188 LEU n 
1 189 GLU n 
1 190 TYR n 
1 191 SER n 
1 192 ALA n 
1 193 PHE n 
1 194 ASP n 
1 195 PRO n 
1 196 TYR n 
1 197 PHE n 
1 198 MET n 
1 199 ILE n 
1 200 HIS n 
1 201 HIS n 
1 202 ALA n 
1 203 SER n 
1 204 LEU n 
1 205 ASP n 
1 206 LYS n 
1 207 ILE n 
1 208 TRP n 
1 209 ILE n 
1 210 ILE n 
1 211 TRP n 
1 212 GLN n 
1 213 GLU n 
1 214 LEU n 
1 215 GLN n 
1 216 LYS n 
1 217 ARG n 
1 218 ARG n 
1 219 VAL n 
1 220 LYS n 
1 221 PRO n 
1 222 ALA n 
1 223 HIS n 
1 224 ALA n 
1 225 GLY n 
1 226 SER n 
1 227 CYS n 
1 228 ALA n 
1 229 GLY n 
1 230 ASP n 
1 231 ILE n 
1 232 MET n 
1 233 HIS n 
1 234 VAL n 
1 235 PRO n 
1 236 LEU n 
1 237 HIS n 
1 238 PRO n 
1 239 PHE n 
1 240 ASN n 
1 241 TYR n 
1 242 GLU n 
1 243 SER n 
1 244 VAL n 
1 245 ASN n 
1 246 ASN n 
1 247 ASP n 
1 248 ASP n 
1 249 PHE n 
1 250 THR n 
1 251 ARG n 
1 252 GLU n 
1 253 ASN n 
1 254 SER n 
1 255 LEU n 
1 256 PRO n 
1 257 ASN n 
1 258 ALA n 
1 259 VAL n 
1 260 VAL n 
1 261 ASP n 
1 262 SER n 
1 263 HIS n 
1 264 ARG n 
1 265 PHE n 
1 266 ASN n 
1 267 TYR n 
1 268 LYS n 
1 269 TYR n 
1 270 ASP n 
1 271 ASN n 
1 272 LEU n 
1 273 ASN n 
1 274 LEU n 
1 275 HIS n 
1 276 GLY n 
1 277 HIS n 
1 278 ASN n 
1 279 ILE n 
1 280 GLU n 
1 281 GLU n 
1 282 LEU n 
1 283 GLU n 
1 284 GLU n 
1 285 VAL n 
1 286 LEU n 
1 287 ARG n 
1 288 SER n 
1 289 LEU n 
1 290 ARG n 
1 291 LEU n 
1 292 LYS n 
1 293 SER n 
1 294 ARG n 
1 295 VAL n 
1 296 PHE n 
1 297 ALA n 
1 298 GLY n 
1 299 PHE n 
1 300 VAL n 
1 301 LEU n 
1 302 SER n 
1 303 GLY n 
1 304 ILE n 
1 305 ARG n 
1 306 THR n 
1 307 THR n 
1 308 ALA n 
1 309 VAL n 
1 310 VAL n 
1 311 LYS n 
1 312 VAL n 
1 313 TYR n 
1 314 ILE n 
1 315 LYS n 
1 316 SER n 
1 317 GLY n 
1 318 THR n 
1 319 ASP n 
1 320 SER n 
1 321 ASP n 
1 322 ASP n 
1 323 GLU n 
1 324 TYR n 
1 325 ALA n 
1 326 GLY n 
1 327 SER n 
1 328 PHE n 
1 329 VAL n 
1 330 ILE n 
1 331 LEU n 
1 332 GLY n 
1 333 GLY n 
1 334 ALA n 
1 335 LYS n 
1 336 GLU n 
1 337 MET n 
1 338 PRO n 
1 339 TRP n 
1 340 ALA n 
1 341 TYR n 
1 342 GLU n 
1 343 ARG n 
1 344 LEU n 
1 345 TYR n 
1 346 ARG n 
1 347 PHE n 
1 348 ASP n 
1 349 ILE n 
1 350 THR n 
1 351 GLU n 
1 352 THR n 
1 353 VAL n 
1 354 HIS n 
1 355 ASN n 
1 356 LEU n 
1 357 ASN n 
1 358 LEU n 
1 359 THR n 
1 360 ASP n 
1 361 ASP n 
1 362 HIS n 
1 363 VAL n 
1 364 LYS n 
1 365 PHE n 
1 366 ARG n 
1 367 PHE n 
1 368 ASP n 
1 369 LEU n 
1 370 LYS n 
1 371 LYS n 
1 372 TYR n 
1 373 ASP n 
1 374 HIS n 
1 375 THR n 
1 376 GLU n 
1 377 LEU n 
1 378 ASP n 
1 379 ALA n 
1 380 SER n 
1 381 VAL n 
1 382 LEU n 
1 383 PRO n 
1 384 ALA n 
1 385 PRO n 
1 386 ILE n 
1 387 ILE n 
1 388 VAL n 
1 389 ARG n 
1 390 ARG n 
1 391 PRO n 
1 392 ASN n 
1 393 ASN n 
1 394 ALA n 
1 395 VAL n 
1 396 PHE n 
1 397 ASP n 
1 398 ILE n 
1 399 ILE n 
1 400 GLU n 
1 401 ILE n 
1 402 PRO n 
1 403 ILE n 
1 404 GLY n 
1 405 LYS n 
1 406 ASP n 
1 407 VAL n 
1 408 ASN n 
1 409 LEU n 
1 410 PRO n 
1 411 PRO n 
1 412 LYS n 
1 413 VAL n 
1 414 VAL n 
1 415 VAL n 
1 416 LYS n 
1 417 ARG n 
1 418 GLY n 
1 419 THR n 
1 420 LYS n 
1 421 ILE n 
1 422 MET n 
1 423 PHE n 
1 424 MET n 
1 425 SER n 
1 426 VAL n 
1 427 ASP n 
1 428 GLU n 
1 429 ALA n 
1 430 VAL n 
1 431 THR n 
1 432 THR n 
1 433 PRO n 
1 434 MET n 
1 435 LEU n 
1 436 ASN n 
1 437 LEU n 
1 438 GLY n 
1 439 SER n 
1 440 TYR n 
1 441 THR n 
1 442 ALA n 
1 443 MET n 
1 444 PHE n 
1 445 LYS n 
1 446 CYS n 
1 447 LYS n 
1 448 VAL n 
1 449 PRO n 
1 450 PRO n 
1 451 PHE n 
1 452 SER n 
1 453 PHE n 
1 454 HIS n 
1 455 ALA n 
1 456 PHE n 
1 457 GLU n 
1 458 LEU n 
1 459 GLY n 
1 460 LYS n 
1 461 MET n 
1 462 TYR n 
1 463 SER n 
1 464 VAL n 
1 465 GLU n 
1 466 SER n 
1 467 GLY n 
1 468 ASP n 
1 469 TYR n 
1 470 PHE n 
1 471 MET n 
1 472 THR n 
1 473 ALA n 
1 474 SER n 
1 475 THR n 
1 476 THR n 
1 477 GLU n 
1 478 LEU n 
1 479 CYS n 
1 480 ASN n 
1 481 ASP n 
1 482 ASN n 
1 483 ASN n 
1 484 LEU n 
1 485 ARG n 
1 486 ILE n 
1 487 HIS n 
1 488 VAL n 
1 489 HIS n 
1 490 VAL n 
1 491 ASP n 
# 
_entity_src_nat.entity_id                  1 
_entity_src_nat.pdbx_src_id                1 
_entity_src_nat.pdbx_alt_source_flag       sample 
_entity_src_nat.pdbx_beg_seq_num           ? 
_entity_src_nat.pdbx_end_seq_num           ? 
_entity_src_nat.common_name                'Giant keyhole limpet' 
_entity_src_nat.pdbx_organism_scientific   'Megathura crenulata' 
_entity_src_nat.pdbx_ncbi_taxonomy_id      55429 
_entity_src_nat.genus                      ? 
_entity_src_nat.species                    ? 
_entity_src_nat.strain                     ? 
_entity_src_nat.tissue                     ? 
_entity_src_nat.tissue_fraction            ? 
_entity_src_nat.pdbx_secretion             ? 
_entity_src_nat.pdbx_fragment              ? 
_entity_src_nat.pdbx_variant               ? 
_entity_src_nat.pdbx_cell_line             ? 
_entity_src_nat.pdbx_atcc                  ? 
_entity_src_nat.pdbx_cellular_location     ? 
_entity_src_nat.pdbx_organ                 ? 
_entity_src_nat.pdbx_organelle             ? 
_entity_src_nat.pdbx_cell                  ? 
_entity_src_nat.pdbx_plasmid_name          ? 
_entity_src_nat.pdbx_plasmid_details       ? 
_entity_src_nat.details                    ? 
# 
_struct_ref.id                         1 
_struct_ref.db_name                    UNP 
_struct_ref.db_code                    Q53IP9_MEGCR 
_struct_ref.pdbx_db_accession          Q53IP9 
_struct_ref.entity_id                  1 
_struct_ref.pdbx_seq_one_letter_code   
;ILVRKNIHSLSHHEAEELRDALYKLQNDESHGGYEHIAGFHGYPNLCPEKGDEKYPCCVHGMSIFPHWHRLHTIQFERAL
KKHGSHLGIPYWDWTQTISSLPTFFADSGNNNPFFKYHIRSINQDTVRDVNEAIFQQTKFGEFSSIFYLALQALEEDNYC
DFEVQYEILHNEVHALIGGAEKYSMSTLEYSAFDPYFMIHHASLDKIWIIWQELQKRRVKPAHAGSCAGDIMHVPLHPFN
YESVNNDDFTRENSLPNAVVDSHRFNYKYDNLNLHGHNIEELEEVLRSLRLKSRVFAGFVLSGIRTTAVVKVYIKSGTDS
DDEYAGSFVILGGAKEMPWAYERLYRFDITETVHNLNLTDDHVKFRFDLKKYDHTELDASVLPAPIIVRRPNNAVFDIIE
IPIGKDVNLPPKVVVKRGTKIMFMSVDEAVTTPMLNLGSYTAMFKCKVPPFSFHAFELGKMYSVESGDYFMTASTTELCN
DNNLRIHVHVD
;
_struct_ref.pdbx_align_begin           2916 
_struct_ref.pdbx_db_isoform            ? 
# 
loop_
_struct_ref_seq.align_id 
_struct_ref_seq.ref_id 
_struct_ref_seq.pdbx_PDB_id_code 
_struct_ref_seq.pdbx_strand_id 
_struct_ref_seq.seq_align_beg 
_struct_ref_seq.pdbx_seq_align_beg_ins_code 
_struct_ref_seq.seq_align_end 
_struct_ref_seq.pdbx_seq_align_end_ins_code 
_struct_ref_seq.pdbx_db_accession 
_struct_ref_seq.db_align_beg 
_struct_ref_seq.pdbx_db_align_beg_ins_code 
_struct_ref_seq.db_align_end 
_struct_ref_seq.pdbx_db_align_end_ins_code 
_struct_ref_seq.pdbx_auth_seq_align_beg 
_struct_ref_seq.pdbx_auth_seq_align_end 
1 1 3L6W A 1 ? 491 ? Q53IP9 2916 ? 3406 ? 2916 3406 
2 1 3L6W B 1 ? 491 ? Q53IP9 2916 ? 3406 ? 2916 3406 
# 
loop_
_chem_comp.id 
_chem_comp.type 
_chem_comp.mon_nstd_flag 
_chem_comp.name 
_chem_comp.pdbx_synonyms 
_chem_comp.formula 
_chem_comp.formula_weight 
ALA 'L-peptide linking' y ALANINE         ? 'C3 H7 N O2'     89.093  
ARG 'L-peptide linking' y ARGININE        ? 'C6 H15 N4 O2 1' 175.209 
ASN 'L-peptide linking' y ASPARAGINE      ? 'C4 H8 N2 O3'    132.118 
ASP 'L-peptide linking' y 'ASPARTIC ACID' ? 'C4 H7 N O4'     133.103 
CYS 'L-peptide linking' y CYSTEINE        ? 'C3 H7 N O2 S'   121.158 
GLN 'L-peptide linking' y GLUTAMINE       ? 'C5 H10 N2 O3'   146.144 
GLU 'L-peptide linking' y 'GLUTAMIC ACID' ? 'C5 H9 N O4'     147.129 
GLY 'peptide linking'   y GLYCINE         ? 'C2 H5 N O2'     75.067  
HIS 'L-peptide linking' y HISTIDINE       ? 'C6 H10 N3 O2 1' 156.162 
ILE 'L-peptide linking' y ISOLEUCINE      ? 'C6 H13 N O2'    131.173 
LEU 'L-peptide linking' y LEUCINE         ? 'C6 H13 N O2'    131.173 
LYS 'L-peptide linking' y LYSINE          ? 'C6 H15 N2 O2 1' 147.195 
MET 'L-peptide linking' y METHIONINE      ? 'C5 H11 N O2 S'  149.211 
PHE 'L-peptide linking' y PHENYLALANINE   ? 'C9 H11 N O2'    165.189 
PRO 'L-peptide linking' y PROLINE         ? 'C5 H9 N O2'     115.130 
SER 'L-peptide linking' y SERINE          ? 'C3 H7 N O3'     105.093 
THR 'L-peptide linking' y THREONINE       ? 'C4 H9 N O3'     119.119 
TRP 'L-peptide linking' y TRYPTOPHAN      ? 'C11 H12 N2 O2'  204.225 
TYR 'L-peptide linking' y TYROSINE        ? 'C9 H11 N O3'    181.189 
VAL 'L-peptide linking' y VALINE          ? 'C5 H11 N O2'    117.146 
# 
_exptl.entry_id          3L6W 
_exptl.method            'X-RAY DIFFRACTION' 
_exptl.crystals_number   1 
# 
_exptl_crystal.id                    1 
_exptl_crystal.density_meas          ? 
_exptl_crystal.density_Matthews      5.82 
_exptl_crystal.density_percent_sol   78.86 
_exptl_crystal.description           ? 
_exptl_crystal.F_000                 ? 
_exptl_crystal.preparation           ? 
# 
_exptl_crystal_grow.crystal_id      1 
_exptl_crystal_grow.method          'VAPOR DIFFUSION, SITTING DROP' 
_exptl_crystal_grow.temp            293 
_exptl_crystal_grow.temp_details    ? 
_exptl_crystal_grow.pH              4.0 
_exptl_crystal_grow.pdbx_details    
'9% PEG 1000, 50mM phosphate/citrate buffer, pH 4.0, VAPOR DIFFUSION, SITTING DROP, temperature 293K' 
_exptl_crystal_grow.pdbx_pH_range   . 
# 
_diffrn.id                     1 
_diffrn.ambient_temp           90 
_diffrn.ambient_temp_details   ? 
_diffrn.crystal_id             1 
# 
_diffrn_detector.diffrn_id              1 
_diffrn_detector.detector               CCD 
_diffrn_detector.type                   'MARMOSAIC 225 mm CCD' 
_diffrn_detector.pdbx_collection_date   2006-09-22 
_diffrn_detector.details                ? 
# 
_diffrn_radiation.diffrn_id                        1 
_diffrn_radiation.wavelength_id                    1 
_diffrn_radiation.pdbx_monochromatic_or_laue_m_l   M 
_diffrn_radiation.monochromator                    'SI(111)' 
_diffrn_radiation.pdbx_diffrn_protocol             'SINGLE WAVELENGTH' 
_diffrn_radiation.pdbx_scattering_type             x-ray 
# 
_diffrn_radiation_wavelength.id           1 
_diffrn_radiation_wavelength.wavelength   0.97941 
_diffrn_radiation_wavelength.wt           1.0 
# 
_diffrn_source.diffrn_id                   1 
_diffrn_source.source                      SYNCHROTRON 
_diffrn_source.type                        'SLS BEAMLINE X06SA' 
_diffrn_source.pdbx_synchrotron_site       SLS 
_diffrn_source.pdbx_synchrotron_beamline   X06SA 
_diffrn_source.pdbx_wavelength             0.97941 
_diffrn_source.pdbx_wavelength_list        ? 
# 
_reflns.entry_id                     3L6W 
_reflns.observed_criterion_sigma_I   0.000 
_reflns.observed_criterion_sigma_F   ? 
_reflns.d_resolution_low             30.000 
_reflns.d_resolution_high            4.000 
_reflns.number_obs                   22294 
_reflns.number_all                   ? 
_reflns.percent_possible_obs         96.8 
_reflns.pdbx_Rmerge_I_obs            0.18000 
_reflns.pdbx_Rsym_value              ? 
_reflns.pdbx_netI_over_sigmaI        10.6000 
_reflns.B_iso_Wilson_estimate        ? 
_reflns.pdbx_redundancy              ? 
_reflns.R_free_details               ? 
_reflns.limit_h_max                  ? 
_reflns.limit_h_min                  ? 
_reflns.limit_k_max                  ? 
_reflns.limit_k_min                  ? 
_reflns.limit_l_max                  ? 
_reflns.limit_l_min                  ? 
_reflns.observed_criterion_F_max     ? 
_reflns.observed_criterion_F_min     ? 
_reflns.pdbx_chi_squared             ? 
_reflns.pdbx_scaling_rejects         ? 
_reflns.pdbx_ordinal                 1 
_reflns.pdbx_diffrn_id               1 
# 
_reflns_shell.d_res_high             4.00 
_reflns_shell.d_res_low              4.20 
_reflns_shell.percent_possible_all   96.4 
_reflns_shell.Rmerge_I_obs           0.84700 
_reflns_shell.pdbx_Rsym_value        ? 
_reflns_shell.meanI_over_sigI_obs    3.460 
_reflns_shell.pdbx_redundancy        ? 
_reflns_shell.percent_possible_obs   ? 
_reflns_shell.number_unique_all      ? 
_reflns_shell.number_measured_all    ? 
_reflns_shell.number_measured_obs    ? 
_reflns_shell.number_unique_obs      ? 
_reflns_shell.pdbx_chi_squared       ? 
_reflns_shell.pdbx_ordinal           1 
_reflns_shell.pdbx_diffrn_id         1 
# 
_refine.entry_id                                 3L6W 
_refine.ls_number_reflns_obs                     ? 
_refine.ls_number_reflns_all                     ? 
_refine.pdbx_ls_sigma_I                          ? 
_refine.pdbx_ls_sigma_F                          ? 
_refine.pdbx_data_cutoff_high_absF               ? 
_refine.pdbx_data_cutoff_low_absF                ? 
_refine.pdbx_data_cutoff_high_rms_absF           ? 
_refine.ls_d_res_low                             ? 
_refine.ls_d_res_high                            4.00 
_refine.ls_percent_reflns_obs                    ? 
_refine.ls_R_factor_obs                          ? 
_refine.ls_R_factor_all                          ? 
_refine.ls_R_factor_R_work                       ? 
_refine.ls_R_factor_R_free                       ? 
_refine.ls_R_factor_R_free_error                 ? 
_refine.ls_R_factor_R_free_error_details         ? 
_refine.ls_percent_reflns_R_free                 ? 
_refine.ls_number_reflns_R_free                  ? 
_refine.ls_number_parameters                     ? 
_refine.ls_number_restraints                     ? 
_refine.occupancy_min                            ? 
_refine.occupancy_max                            ? 
_refine.correlation_coeff_Fo_to_Fc               ? 
_refine.correlation_coeff_Fo_to_Fc_free          ? 
_refine.B_iso_mean                               ? 
_refine.aniso_B[1][1]                            ? 
_refine.aniso_B[2][2]                            ? 
_refine.aniso_B[3][3]                            ? 
_refine.aniso_B[1][2]                            ? 
_refine.aniso_B[1][3]                            ? 
_refine.aniso_B[2][3]                            ? 
_refine.solvent_model_details                    ? 
_refine.solvent_model_param_ksol                 ? 
_refine.solvent_model_param_bsol                 ? 
_refine.pdbx_solvent_vdw_probe_radii             ? 
_refine.pdbx_solvent_ion_probe_radii             ? 
_refine.pdbx_solvent_shrinkage_radii             ? 
_refine.pdbx_ls_cross_valid_method               ? 
_refine.details                                  'THE COORDINATES CONTAIN ONLY A CA TRACE. NO REFINEMENT WAS CARRIED OUT' 
_refine.pdbx_starting_model                      'PDB ENTRY 1JS8' 
_refine.pdbx_method_to_determine_struct          'MOLECULAR REPLACEMENT' 
_refine.pdbx_isotropic_thermal_model             ? 
_refine.pdbx_stereochemistry_target_values       ? 
_refine.pdbx_stereochem_target_val_spec_case     ? 
_refine.pdbx_R_Free_selection_details            ? 
_refine.pdbx_overall_ESU_R                       ? 
_refine.pdbx_overall_ESU_R_Free                  ? 
_refine.overall_SU_ML                            ? 
_refine.overall_SU_B                             ? 
_refine.ls_redundancy_reflns_obs                 ? 
_refine.B_iso_min                                ? 
_refine.B_iso_max                                ? 
_refine.overall_SU_R_Cruickshank_DPI             ? 
_refine.overall_SU_R_free                        ? 
_refine.ls_wR_factor_R_free                      ? 
_refine.ls_wR_factor_R_work                      ? 
_refine.overall_FOM_free_R_set                   ? 
_refine.overall_FOM_work_R_set                   ? 
_refine.pdbx_refine_id                           'X-RAY DIFFRACTION' 
_refine.pdbx_overall_phase_error                 ? 
_refine.pdbx_diffrn_id                           1 
_refine.pdbx_TLS_residual_ADP_flag               ? 
_refine.pdbx_overall_SU_R_free_Cruickshank_DPI   ? 
_refine.pdbx_overall_SU_R_Blow_DPI               ? 
_refine.pdbx_overall_SU_R_free_Blow_DPI          ? 
# 
_refine_hist.pdbx_refine_id                   'X-RAY DIFFRACTION' 
_refine_hist.cycle_id                         LAST 
_refine_hist.pdbx_number_atoms_protein        954 
_refine_hist.pdbx_number_atoms_nucleic_acid   0 
_refine_hist.pdbx_number_atoms_ligand         0 
_refine_hist.number_atoms_solvent             0 
_refine_hist.number_atoms_total               954 
_refine_hist.d_res_high                       4.00 
_refine_hist.d_res_low                        . 
# 
_struct.entry_id                  3L6W 
_struct.title                     'Structure of the collar functional unit (KLH1-H) of keyhole limpet hemocyanin' 
_struct.pdbx_model_details        ? 
_struct.pdbx_CASP_flag            ? 
_struct.pdbx_model_type_details   ? 
# 
_struct_keywords.entry_id        3L6W 
_struct_keywords.pdbx_keywords   'OXYGEN BINDING' 
_struct_keywords.text            'HEMOCYANIN, CUPREDOXIN DOMAIN, COPPER-BINDING PROTEIN, METAL-BINDING, OXYGEN BINDING' 
# 
loop_
_struct_asym.id 
_struct_asym.pdbx_blank_PDB_chainid_flag 
_struct_asym.pdbx_modified 
_struct_asym.entity_id 
_struct_asym.details 
A N N 1 ? 
B N N 1 ? 
# 
_struct_biol.id        1 
_struct_biol.details   ? 
# 
_atom_sites.entry_id                    3L6W 
_atom_sites.fract_transf_matrix[1][1]   -0.00310079 
_atom_sites.fract_transf_matrix[1][2]   0.00244505 
_atom_sites.fract_transf_matrix[1][3]   0.00052831 
_atom_sites.fract_transf_matrix[2][1]   0.00150961 
_atom_sites.fract_transf_matrix[2][2]   0.00250000 
_atom_sites.fract_transf_matrix[2][3]   -0.00270986 
_atom_sites.fract_transf_matrix[3][1]   -0.00199460 
_atom_sites.fract_transf_matrix[3][2]   -0.00190892 
_atom_sites.fract_transf_matrix[3][3]   -0.00287225 
_atom_sites.fract_transf_vector[1]      -0.040043 
_atom_sites.fract_transf_vector[2]      0.123964 
_atom_sites.fract_transf_vector[3]      0.247411 
# 
_atom_type.symbol   C 
# 
loop_
_atom_site.group_PDB 
_atom_site.id 
_atom_site.type_symbol 
_atom_site.label_atom_id 
_atom_site.label_alt_id 
_atom_site.label_comp_id 
_atom_site.label_asym_id 
_atom_site.label_entity_id 
_atom_site.label_seq_id 
_atom_site.pdbx_PDB_ins_code 
_atom_site.Cartn_x 
_atom_site.Cartn_y 
_atom_site.Cartn_z 
_atom_site.occupancy 
_atom_site.B_iso_or_equiv 
_atom_site.pdbx_formal_charge 
_atom_site.auth_seq_id 
_atom_site.auth_comp_id 
_atom_site.auth_asym_id 
_atom_site.auth_atom_id 
_atom_site.pdbx_PDB_model_num 
ATOM 1   C CA . ILE A 1 1   ? 40.018  -9.151  -15.483 1.00 0.00 ? 2916 ILE A CA 1 
ATOM 2   C CA . LEU A 1 2   ? 40.928  -6.516  -12.762 1.00 0.00 ? 2917 LEU A CA 1 
ATOM 3   C CA . VAL A 1 3   ? 41.626  -6.417  -8.961  1.00 0.00 ? 2918 VAL A CA 1 
ATOM 4   C CA . ARG A 1 4   ? 41.063  -3.928  -6.041  1.00 0.00 ? 2919 ARG A CA 1 
ATOM 5   C CA . LYS A 1 5   ? 43.243  -4.238  -2.994  1.00 0.00 ? 2920 LYS A CA 1 
ATOM 6   C CA . ASN A 1 6   ? 43.786  -2.845  0.503   1.00 0.00 ? 2921 ASN A CA 1 
ATOM 7   C CA . ILE A 1 7   ? 45.019  0.746   0.714   1.00 0.00 ? 2922 ILE A CA 1 
ATOM 8   C CA . HIS A 1 8   ? 47.656  -0.080  3.378   1.00 0.00 ? 2923 HIS A CA 1 
ATOM 9   C CA . SER A 1 9   ? 49.283  -2.930  1.333   1.00 0.00 ? 2924 SER A CA 1 
ATOM 10  C CA . LEU A 1 10  ? 50.084  -0.681  -1.713  1.00 0.00 ? 2925 LEU A CA 1 
ATOM 11  C CA . SER A 1 11  ? 53.709  -0.471  -2.862  1.00 0.00 ? 2926 SER A CA 1 
ATOM 12  C CA . HIS A 1 12  ? 55.135  2.645   -4.419  1.00 0.00 ? 2927 HIS A CA 1 
ATOM 13  C CA . HIS A 1 13  ? 55.063  1.138   -7.928  1.00 0.00 ? 2928 HIS A CA 1 
ATOM 14  C CA . GLU A 1 14  ? 51.361  0.199   -7.205  1.00 0.00 ? 2929 GLU A CA 1 
ATOM 15  C CA . ALA A 1 15  ? 50.802  3.588   -5.453  1.00 0.00 ? 2930 ALA A CA 1 
ATOM 16  C CA . GLU A 1 16  ? 52.315  5.477   -8.421  1.00 0.00 ? 2931 GLU A CA 1 
ATOM 17  C CA . GLU A 1 17  ? 50.103  3.688   -10.967 1.00 0.00 ? 2932 GLU A CA 1 
ATOM 18  C CA . LEU A 1 18  ? 47.134  4.834   -9.004  1.00 0.00 ? 2933 LEU A CA 1 
ATOM 19  C CA . ARG A 1 19  ? 48.469  8.421   -8.661  1.00 0.00 ? 2934 ARG A CA 1 
ATOM 20  C CA . ASP A 1 20  ? 48.979  8.509   -12.426 1.00 0.00 ? 2935 ASP A CA 1 
ATOM 21  C CA . ALA A 1 21  ? 45.677  6.969   -13.404 1.00 0.00 ? 2936 ALA A CA 1 
ATOM 22  C CA . LEU A 1 22  ? 43.645  9.600   -11.517 1.00 0.00 ? 2937 LEU A CA 1 
ATOM 23  C CA . TYR A 1 23  ? 45.858  12.362  -12.839 1.00 0.00 ? 2938 TYR A CA 1 
ATOM 24  C CA . LYS A 1 24  ? 45.123  11.723  -16.530 1.00 0.00 ? 2939 LYS A CA 1 
ATOM 25  C CA . LEU A 1 25  ? 41.527  11.430  -15.451 1.00 0.00 ? 2940 LEU A CA 1 
ATOM 26  C CA . GLN A 1 26  ? 41.374  14.704  -13.527 1.00 0.00 ? 2941 GLN A CA 1 
ATOM 27  C CA . ASN A 1 27  ? 42.937  16.758  -16.406 1.00 0.00 ? 2942 ASN A CA 1 
ATOM 28  C CA . ASP A 1 28  ? 40.821  14.802  -18.835 1.00 0.00 ? 2943 ASP A CA 1 
ATOM 29  C CA . GLU A 1 29  ? 37.790  16.970  -19.383 1.00 0.00 ? 2944 GLU A CA 1 
ATOM 30  C CA . SER A 1 30  ? 35.839  14.622  -21.720 1.00 0.00 ? 2945 SER A CA 1 
ATOM 31  C CA . HIS A 1 31  ? 32.733  12.602  -20.835 1.00 0.00 ? 2946 HIS A CA 1 
ATOM 32  C CA . GLY A 1 32  ? 34.824  9.567   -19.953 1.00 0.00 ? 2947 GLY A CA 1 
ATOM 33  C CA . GLY A 1 33  ? 36.770  12.008  -17.733 1.00 0.00 ? 2948 GLY A CA 1 
ATOM 34  C CA . TYR A 1 34  ? 36.820  12.665  -14.000 1.00 0.00 ? 2949 TYR A CA 1 
ATOM 35  C CA . GLU A 1 35  ? 34.858  15.887  -13.725 1.00 0.00 ? 2950 GLU A CA 1 
ATOM 36  C CA . HIS A 1 36  ? 31.975  14.524  -15.709 1.00 0.00 ? 2951 HIS A CA 1 
ATOM 37  C CA . ILE A 1 37  ? 31.949  11.102  -13.975 1.00 0.00 ? 2952 ILE A CA 1 
ATOM 38  C CA . ALA A 1 38  ? 31.974  12.654  -10.532 1.00 0.00 ? 2953 ALA A CA 1 
ATOM 39  C CA . GLY A 1 39  ? 29.055  14.728  -11.824 1.00 0.00 ? 2954 GLY A CA 1 
ATOM 40  C CA . PHE A 1 40  ? 26.463  11.951  -12.005 1.00 0.00 ? 2955 PHE A CA 1 
ATOM 41  C CA . HIS A 1 41  ? 26.086  11.838  -8.250  1.00 0.00 ? 2956 HIS A CA 1 
ATOM 42  C CA . GLY A 1 42  ? 25.124  15.450  -7.781  1.00 0.00 ? 2957 GLY A CA 1 
ATOM 43  C CA . TYR A 1 43  ? 25.677  19.091  -8.679  1.00 0.00 ? 2958 TYR A CA 1 
ATOM 44  C CA . PRO A 1 44  ? 26.115  20.261  -11.339 1.00 0.00 ? 2959 PRO A CA 1 
ATOM 45  C CA . ASN A 1 45  ? 22.777  18.506  -11.614 1.00 0.00 ? 2960 ASN A CA 1 
ATOM 46  C CA . LEU A 1 46  ? 22.367  16.041  -14.458 1.00 0.00 ? 2961 LEU A CA 1 
ATOM 47  C CA . CYS A 1 47  ? 19.733  13.310  -15.345 1.00 0.00 ? 2962 CYS A CA 1 
ATOM 48  C CA . PRO A 1 48  ? 16.147  13.351  -16.827 1.00 0.00 ? 2963 PRO A CA 1 
ATOM 49  C CA . GLU A 1 49  ? 16.036  13.720  -20.626 1.00 0.00 ? 2964 GLU A CA 1 
ATOM 50  C CA . LYS A 1 50  ? 15.551  17.445  -20.088 1.00 0.00 ? 2965 LYS A CA 1 
ATOM 51  C CA . GLY A 1 51  ? 12.762  18.307  -17.577 1.00 0.00 ? 2966 GLY A CA 1 
ATOM 52  C CA . ASP A 1 52  ? 15.132  21.308  -17.713 1.00 0.00 ? 2967 ASP A CA 1 
ATOM 53  C CA . GLU A 1 53  ? 14.799  22.069  -13.958 1.00 0.00 ? 2968 GLU A CA 1 
ATOM 54  C CA . LYS A 1 54  ? 17.983  20.053  -13.510 1.00 0.00 ? 2969 LYS A CA 1 
ATOM 55  C CA . TYR A 1 55  ? 18.149  17.094  -11.131 1.00 0.00 ? 2970 TYR A CA 1 
ATOM 56  C CA . PRO A 1 56  ? 20.257  15.356  -8.392  1.00 0.00 ? 2971 PRO A CA 1 
ATOM 57  C CA . CYS A 1 57  ? 20.729  11.800  -9.785  1.00 0.00 ? 2972 CYS A CA 1 
ATOM 58  C CA . CYS A 1 58  ? 22.128  10.093  -6.675  1.00 0.00 ? 2973 CYS A CA 1 
ATOM 59  C CA . VAL A 1 59  ? 19.840  7.512   -5.209  1.00 0.00 ? 2974 VAL A CA 1 
ATOM 60  C CA . HIS A 1 60  ? 20.065  7.998   -1.466  1.00 0.00 ? 2975 HIS A CA 1 
ATOM 61  C CA . GLY A 1 61  ? 17.499  6.608   0.915   1.00 0.00 ? 2976 GLY A CA 1 
ATOM 62  C CA . MET A 1 62  ? 15.770  4.159   -1.493  1.00 0.00 ? 2977 MET A CA 1 
ATOM 63  C CA . SER A 1 63  ? 15.886  0.312   -1.610  1.00 0.00 ? 2978 SER A CA 1 
ATOM 64  C CA . ILE A 1 64  ? 18.422  0.397   -4.452  1.00 0.00 ? 2979 ILE A CA 1 
ATOM 65  C CA . PHE A 1 65  ? 20.873  2.752   -2.653  1.00 0.00 ? 2980 PHE A CA 1 
ATOM 66  C CA . PRO A 1 66  ? 23.904  0.479   -2.715  1.00 0.00 ? 2981 PRO A CA 1 
ATOM 67  C CA . HIS A 1 67  ? 23.132  -0.594  -6.300  1.00 0.00 ? 2982 HIS A CA 1 
ATOM 68  C CA . TRP A 1 68  ? 23.350  2.946   -7.696  1.00 0.00 ? 2983 TRP A CA 1 
ATOM 69  C CA . HIS A 1 69  ? 26.442  3.624   -5.643  1.00 0.00 ? 2984 HIS A CA 1 
ATOM 70  C CA . ARG A 1 70  ? 28.227  0.355   -6.487  1.00 0.00 ? 2985 ARG A CA 1 
ATOM 71  C CA . LEU A 1 71  ? 27.687  1.112   -10.172 1.00 0.00 ? 2986 LEU A CA 1 
ATOM 72  C CA . HIS A 1 72  ? 29.101  4.600   -9.816  1.00 0.00 ? 2987 HIS A CA 1 
ATOM 73  C CA . THR A 1 73  ? 32.206  2.924   -8.366  1.00 0.00 ? 2988 THR A CA 1 
ATOM 74  C CA . ILE A 1 74  ? 32.700  0.685   -11.398 1.00 0.00 ? 2989 ILE A CA 1 
ATOM 75  C CA . GLN A 1 75  ? 32.238  3.604   -13.800 1.00 0.00 ? 2990 GLN A CA 1 
ATOM 76  C CA . PHE A 1 76  ? 34.838  5.485   -11.799 1.00 0.00 ? 2991 PHE A CA 1 
ATOM 77  C CA . GLU A 1 77  ? 37.239  2.522   -11.780 1.00 0.00 ? 2992 GLU A CA 1 
ATOM 78  C CA . ARG A 1 78  ? 36.549  1.670   -15.393 1.00 0.00 ? 2993 ARG A CA 1 
ATOM 79  C CA . ALA A 1 79  ? 37.485  5.316   -16.159 1.00 0.00 ? 2994 ALA A CA 1 
ATOM 80  C CA . LEU A 1 80  ? 40.801  4.797   -14.275 1.00 0.00 ? 2995 LEU A CA 1 
ATOM 81  C CA . LYS A 1 81  ? 41.746  1.542   -16.065 1.00 0.00 ? 2996 LYS A CA 1 
ATOM 82  C CA . LYS A 1 82  ? 40.636  3.225   -19.327 1.00 0.00 ? 2997 LYS A CA 1 
ATOM 83  C CA . HIS A 1 83  ? 42.974  6.177   -18.507 1.00 0.00 ? 2998 HIS A CA 1 
ATOM 84  C CA . GLY A 1 84  ? 46.002  4.136   -17.371 1.00 0.00 ? 2999 GLY A CA 1 
ATOM 85  C CA . SER A 1 85  ? 45.957  1.482   -14.665 1.00 0.00 ? 3000 SER A CA 1 
ATOM 86  C CA . HIS A 1 86  ? 47.333  -2.002  -13.791 1.00 0.00 ? 3001 HIS A CA 1 
ATOM 87  C CA . LEU A 1 87  ? 45.293  -2.234  -10.534 1.00 0.00 ? 3002 LEU A CA 1 
ATOM 88  C CA . GLY A 1 88  ? 41.748  -1.707  -9.160  1.00 0.00 ? 3003 GLY A CA 1 
ATOM 89  C CA . ILE A 1 89  ? 40.471  0.967   -6.724  1.00 0.00 ? 3004 ILE A CA 1 
ATOM 90  C CA . PRO A 1 90  ? 41.996  0.670   -3.259  1.00 0.00 ? 3005 PRO A CA 1 
ATOM 91  C CA . TYR A 1 91  ? 39.636  0.389   -0.329  1.00 0.00 ? 3006 TYR A CA 1 
ATOM 92  C CA . TRP A 1 92  ? 40.064  1.548   3.212   1.00 0.00 ? 3007 TRP A CA 1 
ATOM 93  C CA . ASP A 1 93  ? 38.821  -0.405  6.224   1.00 0.00 ? 3008 ASP A CA 1 
ATOM 94  C CA . TRP A 1 94  ? 37.660  2.131   8.793   1.00 0.00 ? 3009 TRP A CA 1 
ATOM 95  C CA . THR A 1 95  ? 36.040  -0.351  11.058  1.00 0.00 ? 3010 THR A CA 1 
ATOM 96  C CA . GLN A 1 96  ? 39.502  -1.004  12.580  1.00 0.00 ? 3011 GLN A CA 1 
ATOM 97  C CA . THR A 1 97  ? 40.835  1.449   15.138  1.00 0.00 ? 3012 THR A CA 1 
ATOM 98  C CA . ILE A 1 98  ? 42.246  4.241   13.005  1.00 0.00 ? 3013 ILE A CA 1 
ATOM 99  C CA . SER A 1 99  ? 45.371  6.006   14.264  1.00 0.00 ? 3014 SER A CA 1 
ATOM 100 C CA . SER A 1 100 ? 45.581  8.622   11.436  1.00 0.00 ? 3015 SER A CA 1 
ATOM 101 C CA . LEU A 1 101 ? 44.194  9.802   8.092   1.00 0.00 ? 3016 LEU A CA 1 
ATOM 102 C CA . PRO A 1 102 ? 45.051  7.434   5.237   1.00 0.00 ? 3017 PRO A CA 1 
ATOM 103 C CA . THR A 1 103 ? 48.673  7.971   4.092   1.00 0.00 ? 3018 THR A CA 1 
ATOM 104 C CA . PHE A 1 104 ? 47.268  8.136   0.542   1.00 0.00 ? 3019 PHE A CA 1 
ATOM 105 C CA . PHE A 1 105 ? 45.819  11.609  1.405   1.00 0.00 ? 3020 PHE A CA 1 
ATOM 106 C CA . ALA A 1 106 ? 48.714  12.787  3.687   1.00 0.00 ? 3021 ALA A CA 1 
ATOM 107 C CA . ASP A 1 107 ? 51.004  14.117  0.859   1.00 0.00 ? 3022 ASP A CA 1 
ATOM 108 C CA . SER A 1 108 ? 49.399  17.570  0.639   1.00 0.00 ? 3023 SER A CA 1 
ATOM 109 C CA . GLY A 1 109 ? 52.382  18.336  -1.542  1.00 0.00 ? 3024 GLY A CA 1 
ATOM 110 C CA . ASN A 1 110 ? 53.673  16.111  -4.387  1.00 0.00 ? 3025 ASN A CA 1 
ATOM 111 C CA . ASN A 1 111 ? 50.470  17.355  -6.016  1.00 0.00 ? 3026 ASN A CA 1 
ATOM 112 C CA . ASN A 1 112 ? 48.765  14.071  -5.057  1.00 0.00 ? 3027 ASN A CA 1 
ATOM 113 C CA . PRO A 1 113 ? 45.478  14.140  -6.988  1.00 0.00 ? 3028 PRO A CA 1 
ATOM 114 C CA . PHE A 1 114 ? 43.688  12.018  -4.424  1.00 0.00 ? 3029 PHE A CA 1 
ATOM 115 C CA . PHE A 1 115 ? 43.817  14.361  -1.433  1.00 0.00 ? 3030 PHE A CA 1 
ATOM 116 C CA . LYS A 1 116 ? 42.039  17.147  -3.367  1.00 0.00 ? 3031 LYS A CA 1 
ATOM 117 C CA . TYR A 1 117 ? 40.286  17.806  -6.757  1.00 0.00 ? 3032 TYR A CA 1 
ATOM 118 C CA . HIS A 1 118 ? 39.581  21.096  -8.622  1.00 0.00 ? 3033 HIS A CA 1 
ATOM 119 C CA . ILE A 1 119 ? 35.912  21.233  -9.490  1.00 0.00 ? 3034 ILE A CA 1 
ATOM 120 C CA . ARG A 1 120 ? 36.153  22.905  -12.897 1.00 0.00 ? 3035 ARG A CA 1 
ATOM 121 C CA . SER A 1 121 ? 32.510  24.075  -12.640 1.00 0.00 ? 3036 SER A CA 1 
ATOM 122 C CA . ILE A 1 122 ? 33.024  26.978  -10.218 1.00 0.00 ? 3037 ILE A CA 1 
ATOM 123 C CA . ASN A 1 123 ? 36.586  26.693  -8.854  1.00 0.00 ? 3038 ASN A CA 1 
ATOM 124 C CA . GLN A 1 124 ? 36.746  25.646  -5.169  1.00 0.00 ? 3039 GLN A CA 1 
ATOM 125 C CA . ASP A 1 125 ? 38.984  22.710  -4.321  1.00 0.00 ? 3040 ASP A CA 1 
ATOM 126 C CA . THR A 1 126 ? 37.321  19.759  -2.577  1.00 0.00 ? 3041 THR A CA 1 
ATOM 127 C CA . VAL A 1 127 ? 38.072  20.849  0.989   1.00 0.00 ? 3042 VAL A CA 1 
ATOM 128 C CA . ARG A 1 128 ? 37.679  18.691  4.059   1.00 0.00 ? 3043 ARG A CA 1 
ATOM 129 C CA . ASP A 1 129 ? 37.008  19.131  7.819   1.00 0.00 ? 3044 ASP A CA 1 
ATOM 130 C CA . VAL A 1 130 ? 37.788  16.779  10.678  1.00 0.00 ? 3045 VAL A CA 1 
ATOM 131 C CA . ASN A 1 131 ? 36.269  14.833  13.544  1.00 0.00 ? 3046 ASN A CA 1 
ATOM 132 C CA . GLU A 1 132 ? 38.865  13.422  15.751  1.00 0.00 ? 3047 GLU A CA 1 
ATOM 133 C CA . ALA A 1 133 ? 36.461  10.937  17.402  1.00 0.00 ? 3048 ALA A CA 1 
ATOM 134 C CA . ILE A 1 134 ? 38.432  7.650   16.914  1.00 0.00 ? 3049 ILE A CA 1 
ATOM 135 C CA . PHE A 1 135 ? 38.632  5.721   20.325  1.00 0.00 ? 3050 PHE A CA 1 
ATOM 136 C CA . PHE A 1 143 ? 33.657  -3.287  19.498  1.00 0.00 ? 3058 PHE A CA 1 
ATOM 137 C CA . SER A 1 144 ? 33.408  0.370   20.313  1.00 0.00 ? 3059 SER A CA 1 
ATOM 138 C CA . SER A 1 145 ? 31.979  3.072   17.912  1.00 0.00 ? 3060 SER A CA 1 
ATOM 139 C CA . ILE A 1 146 ? 32.594  2.548   14.165  1.00 0.00 ? 3061 ILE A CA 1 
ATOM 140 C CA . PHE A 1 147 ? 32.998  -1.171  14.016  1.00 0.00 ? 3062 PHE A CA 1 
ATOM 141 C CA . TYR A 1 148 ? 29.667  -1.804  15.750  1.00 0.00 ? 3063 TYR A CA 1 
ATOM 142 C CA . LEU A 1 149 ? 27.504  0.251   13.402  1.00 0.00 ? 3064 LEU A CA 1 
ATOM 143 C CA . ALA A 1 150 ? 29.127  -1.529  10.520  1.00 0.00 ? 3065 ALA A CA 1 
ATOM 144 C CA . LEU A 1 151 ? 28.897  -4.946  12.278  1.00 0.00 ? 3066 LEU A CA 1 
ATOM 145 C CA . GLN A 1 152 ? 25.262  -4.250  12.922  1.00 0.00 ? 3067 GLN A CA 1 
ATOM 146 C CA . ALA A 1 153 ? 24.367  -3.967  9.249   1.00 0.00 ? 3068 ALA A CA 1 
ATOM 147 C CA . LEU A 1 154 ? 25.714  -7.485  8.620   1.00 0.00 ? 3069 LEU A CA 1 
ATOM 148 C CA . GLU A 1 155 ? 23.702  -8.760  11.617  1.00 0.00 ? 3070 GLU A CA 1 
ATOM 149 C CA . GLU A 1 156 ? 20.448  -7.861  9.873   1.00 0.00 ? 3071 GLU A CA 1 
ATOM 150 C CA . ASP A 1 157 ? 18.519  -10.726 8.360   1.00 0.00 ? 3072 ASP A CA 1 
ATOM 151 C CA . ASN A 1 158 ? 17.393  -9.803  4.768   1.00 0.00 ? 3073 ASN A CA 1 
ATOM 152 C CA . TYR A 1 159 ? 18.191  -7.007  2.349   1.00 0.00 ? 3074 TYR A CA 1 
ATOM 153 C CA . CYS A 1 160 ? 15.477  -4.425  3.036   1.00 0.00 ? 3075 CYS A CA 1 
ATOM 154 C CA . ASP A 1 161 ? 16.292  -4.298  6.690   1.00 0.00 ? 3076 ASP A CA 1 
ATOM 155 C CA . PHE A 1 162 ? 19.959  -4.338  5.648   1.00 0.00 ? 3077 PHE A CA 1 
ATOM 156 C CA . GLU A 1 163 ? 19.895  -1.464  3.227   1.00 0.00 ? 3078 GLU A CA 1 
ATOM 157 C CA . VAL A 1 164 ? 19.143  1.130   5.857   1.00 0.00 ? 3079 VAL A CA 1 
ATOM 158 C CA . GLN A 1 165 ? 21.837  -0.172  8.152   1.00 0.00 ? 3080 GLN A CA 1 
ATOM 159 C CA . TYR A 1 166 ? 24.224  -0.260  5.247   1.00 0.00 ? 3081 TYR A CA 1 
ATOM 160 C CA . GLU A 1 167 ? 23.548  3.394   4.289   1.00 0.00 ? 3082 GLU A CA 1 
ATOM 161 C CA . ILE A 1 168 ? 23.571  4.838   7.840   1.00 0.00 ? 3083 ILE A CA 1 
ATOM 162 C CA . LEU A 1 169 ? 26.907  3.176   8.530   1.00 0.00 ? 3084 LEU A CA 1 
ATOM 163 C CA . HIS A 1 170 ? 27.778  4.815   5.215   1.00 0.00 ? 3085 HIS A CA 1 
ATOM 164 C CA . ASN A 1 171 ? 26.600  8.270   6.140   1.00 0.00 ? 3086 ASN A CA 1 
ATOM 165 C CA . GLU A 1 172 ? 28.641  8.901   9.275   1.00 0.00 ? 3087 GLU A CA 1 
ATOM 166 C CA . VAL A 1 173 ? 31.867  8.355   7.427   1.00 0.00 ? 3088 VAL A CA 1 
ATOM 167 C CA . HIS A 1 174 ? 30.987  11.032  4.795   1.00 0.00 ? 3089 HIS A CA 1 
ATOM 168 C CA . ALA A 1 175 ? 30.298  13.300  7.703   1.00 0.00 ? 3090 ALA A CA 1 
ATOM 169 C CA . LEU A 1 176 ? 33.435  12.891  9.638   1.00 0.00 ? 3091 LEU A CA 1 
ATOM 170 C CA . ILE A 1 177 ? 35.513  13.709  6.631   1.00 0.00 ? 3092 ILE A CA 1 
ATOM 171 C CA . GLY A 1 178 ? 33.019  16.329  5.559   1.00 0.00 ? 3093 GLY A CA 1 
ATOM 172 C CA . GLY A 1 179 ? 32.900  18.244  8.779   1.00 0.00 ? 3094 GLY A CA 1 
ATOM 173 C CA . ALA A 1 180 ? 31.326  21.585  8.139   1.00 0.00 ? 3095 ALA A CA 1 
ATOM 174 C CA . GLU A 1 181 ? 32.599  22.761  4.745   1.00 0.00 ? 3096 GLU A CA 1 
ATOM 175 C CA . LYS A 1 182 ? 30.185  23.492  1.917   1.00 0.00 ? 3097 LYS A CA 1 
ATOM 176 C CA . TYR A 1 183 ? 31.908  21.561  -0.829  1.00 0.00 ? 3098 TYR A CA 1 
ATOM 177 C CA . SER A 1 184 ? 33.062  18.638  1.307   1.00 0.00 ? 3099 SER A CA 1 
ATOM 178 C CA . MET A 1 185 ? 32.345  14.885  1.492   1.00 0.00 ? 3100 MET A CA 1 
ATOM 179 C CA . SER A 1 186 ? 29.550  15.564  3.885   1.00 0.00 ? 3101 SER A CA 1 
ATOM 180 C CA . THR A 1 187 ? 27.449  17.324  1.163   1.00 0.00 ? 3102 THR A CA 1 
ATOM 181 C CA . LEU A 1 188 ? 25.399  15.194  -1.174  1.00 0.00 ? 3103 LEU A CA 1 
ATOM 182 C CA . GLU A 1 189 ? 25.096  18.148  -3.454  1.00 0.00 ? 3104 GLU A CA 1 
ATOM 183 C CA . TYR A 1 190 ? 28.893  18.227  -4.064  1.00 0.00 ? 3105 TYR A CA 1 
ATOM 184 C CA . SER A 1 191 ? 30.336  15.070  -2.564  1.00 0.00 ? 3106 SER A CA 1 
ATOM 185 C CA . ALA A 1 192 ? 31.136  12.991  -5.641  1.00 0.00 ? 3107 ALA A CA 1 
ATOM 186 C CA . PHE A 1 193 ? 33.996  15.232  -6.681  1.00 0.00 ? 3108 PHE A CA 1 
ATOM 187 C CA . ASP A 1 194 ? 36.318  14.456  -3.844  1.00 0.00 ? 3109 ASP A CA 1 
ATOM 188 C CA . PRO A 1 195 ? 38.548  11.577  -4.931  1.00 0.00 ? 3110 PRO A CA 1 
ATOM 189 C CA . TYR A 1 196 ? 37.946  9.775   -1.632  1.00 0.00 ? 3111 TYR A CA 1 
ATOM 190 C CA . PHE A 1 197 ? 34.239  9.594   -2.384  1.00 0.00 ? 3112 PHE A CA 1 
ATOM 191 C CA . MET A 1 198 ? 35.082  7.532   -5.460  1.00 0.00 ? 3113 MET A CA 1 
ATOM 192 C CA . ILE A 1 199 ? 37.160  5.096   -3.413  1.00 0.00 ? 3114 ILE A CA 1 
ATOM 193 C CA . HIS A 1 200 ? 35.073  5.259   -0.292  1.00 0.00 ? 3115 HIS A CA 1 
ATOM 194 C CA . HIS A 1 201 ? 31.928  3.914   -1.870  1.00 0.00 ? 3116 HIS A CA 1 
ATOM 195 C CA . ALA A 1 202 ? 34.175  1.244   -3.275  1.00 0.00 ? 3117 ALA A CA 1 
ATOM 196 C CA . SER A 1 203 ? 34.870  0.553   0.397   1.00 0.00 ? 3118 SER A CA 1 
ATOM 197 C CA . LEU A 1 204 ? 31.280  -0.271  1.378   1.00 0.00 ? 3119 LEU A CA 1 
ATOM 198 C CA . ASP A 1 205 ? 30.921  -2.326  -1.755  1.00 0.00 ? 3120 ASP A CA 1 
ATOM 199 C CA . LYS A 1 206 ? 33.582  -4.630  -0.295  1.00 0.00 ? 3121 LYS A CA 1 
ATOM 200 C CA . ILE A 1 207 ? 31.413  -4.913  2.841   1.00 0.00 ? 3122 ILE A CA 1 
ATOM 201 C CA . TRP A 1 208 ? 28.212  -5.484  0.885   1.00 0.00 ? 3123 TRP A CA 1 
ATOM 202 C CA . ILE A 1 209 ? 29.826  -8.363  -0.929  1.00 0.00 ? 3124 ILE A CA 1 
ATOM 203 C CA . ILE A 1 210 ? 30.657  -10.205 2.301   1.00 0.00 ? 3125 ILE A CA 1 
ATOM 204 C CA . TRP A 1 211 ? 27.073  -9.778  3.264   1.00 0.00 ? 3126 TRP A CA 1 
ATOM 205 C CA . GLN A 1 212 ? 25.976  -11.181 -0.124  1.00 0.00 ? 3127 GLN A CA 1 
ATOM 206 C CA . GLU A 1 213 ? 27.550  -14.537 0.546   1.00 0.00 ? 3128 GLU A CA 1 
ATOM 207 C CA . LEU A 1 214 ? 27.000  -14.376 4.365   1.00 0.00 ? 3129 LEU A CA 1 
ATOM 208 C CA . GLN A 1 215 ? 23.201  -14.580 3.827   1.00 0.00 ? 3130 GLN A CA 1 
ATOM 209 C CA . LYS A 1 216 ? 23.765  -17.298 1.227   1.00 0.00 ? 3131 LYS A CA 1 
ATOM 210 C CA . ARG A 1 217 ? 25.458  -19.253 4.063   1.00 0.00 ? 3132 ARG A CA 1 
ATOM 211 C CA . ARG A 1 218 ? 22.459  -19.024 6.461   1.00 0.00 ? 3133 ARG A CA 1 
ATOM 212 C CA . VAL A 1 219 ? 19.566  -20.113 4.139   1.00 0.00 ? 3134 VAL A CA 1 
ATOM 213 C CA . LYS A 1 220 ? 18.103  -16.674 3.120   1.00 0.00 ? 3135 LYS A CA 1 
ATOM 214 C CA . SER A 1 226 ? 13.279  -9.951  -1.684  1.00 0.00 ? 3141 SER A CA 1 
ATOM 215 C CA . CYS A 1 227 ? 10.984  -6.849  -0.869  1.00 0.00 ? 3142 CYS A CA 1 
ATOM 216 C CA . ALA A 1 228 ? 10.126  -3.492  -2.385  1.00 0.00 ? 3143 ALA A CA 1 
ATOM 217 C CA . GLY A 1 229 ? 10.768  -5.271  -5.728  1.00 0.00 ? 3144 GLY A CA 1 
ATOM 218 C CA . ASP A 1 230 ? 9.185   -2.563  -7.952  1.00 0.00 ? 3145 ASP A CA 1 
ATOM 219 C CA . ILE A 1 231 ? 12.113  -0.108  -7.294  1.00 0.00 ? 3146 ILE A CA 1 
ATOM 220 C CA . MET A 1 232 ? 14.870  -2.501  -8.506  1.00 0.00 ? 3147 MET A CA 1 
ATOM 221 C CA . HIS A 1 233 ? 12.896  -3.449  -11.567 1.00 0.00 ? 3148 HIS A CA 1 
ATOM 222 C CA . VAL A 1 234 ? 13.594  0.062   -13.129 1.00 0.00 ? 3149 VAL A CA 1 
ATOM 223 C CA . PRO A 1 235 ? 17.049  1.029   -14.678 1.00 0.00 ? 3150 PRO A CA 1 
ATOM 224 C CA . LEU A 1 236 ? 19.323  3.498   -12.947 1.00 0.00 ? 3151 LEU A CA 1 
ATOM 225 C CA . HIS A 1 237 ? 19.338  7.152   -14.008 1.00 0.00 ? 3152 HIS A CA 1 
ATOM 226 C CA . PRO A 1 238 ? 21.594  8.674   -15.343 1.00 0.00 ? 3153 PRO A CA 1 
ATOM 227 C CA . PHE A 1 239 ? 23.680  5.596   -16.252 1.00 0.00 ? 3154 PHE A CA 1 
ATOM 228 C CA . ASN A 1 240 ? 21.367  4.301   -19.061 1.00 0.00 ? 3155 ASN A CA 1 
ATOM 229 C CA . TYR A 1 241 ? 21.031  7.841   -20.534 1.00 0.00 ? 3156 TYR A CA 1 
ATOM 230 C CA . GLU A 1 242 ? 22.656  9.277   -23.609 1.00 0.00 ? 3157 GLU A CA 1 
ATOM 231 C CA . SER A 1 243 ? 25.689  11.468  -22.867 1.00 0.00 ? 3158 SER A CA 1 
ATOM 232 C CA . VAL A 1 244 ? 26.377  9.157   -19.925 1.00 0.00 ? 3159 VAL A CA 1 
ATOM 233 C CA . ASN A 1 245 ? 29.471  6.914   -19.517 1.00 0.00 ? 3160 ASN A CA 1 
ATOM 234 C CA . ASN A 1 246 ? 28.928  5.562   -23.061 1.00 0.00 ? 3161 ASN A CA 1 
ATOM 235 C CA . ASP A 1 247 ? 30.888  2.639   -21.653 1.00 0.00 ? 3162 ASP A CA 1 
ATOM 236 C CA . ASP A 1 248 ? 29.715  -0.675  -23.018 1.00 0.00 ? 3163 ASP A CA 1 
ATOM 237 C CA . PHE A 1 249 ? 28.981  -2.234  -19.568 1.00 0.00 ? 3164 PHE A CA 1 
ATOM 238 C CA . THR A 1 250 ? 27.550  0.774   -17.807 1.00 0.00 ? 3165 THR A CA 1 
ATOM 239 C CA . ARG A 1 251 ? 25.158  1.825   -20.563 1.00 0.00 ? 3166 ARG A CA 1 
ATOM 240 C CA . GLU A 1 252 ? 23.556  -1.601  -20.737 1.00 0.00 ? 3167 GLU A CA 1 
ATOM 241 C CA . ASN A 1 253 ? 23.872  -2.819  -17.166 1.00 0.00 ? 3168 ASN A CA 1 
ATOM 242 C CA . SER A 1 254 ? 21.996  0.034   -15.553 1.00 0.00 ? 3169 SER A CA 1 
ATOM 243 C CA . LEU A 1 255 ? 19.338  -2.513  -14.314 1.00 0.00 ? 3170 LEU A CA 1 
ATOM 244 C CA . PRO A 1 256 ? 19.841  -3.562  -10.649 1.00 0.00 ? 3171 PRO A CA 1 
ATOM 245 C CA . ASN A 1 257 ? 19.407  -7.343  -11.001 1.00 0.00 ? 3172 ASN A CA 1 
ATOM 246 C CA . ALA A 1 258 ? 22.291  -7.236  -13.489 1.00 0.00 ? 3173 ALA A CA 1 
ATOM 247 C CA . VAL A 1 259 ? 24.203  -4.828  -11.090 1.00 0.00 ? 3174 VAL A CA 1 
ATOM 248 C CA . VAL A 1 260 ? 23.981  -6.868  -7.891  1.00 0.00 ? 3175 VAL A CA 1 
ATOM 249 C CA . ASP A 1 261 ? 26.306  -9.748  -8.752  1.00 0.00 ? 3176 ASP A CA 1 
ATOM 250 C CA . SER A 1 262 ? 29.679  -7.953  -8.651  1.00 0.00 ? 3177 SER A CA 1 
ATOM 251 C CA . HIS A 1 263 ? 31.700  -10.679 -10.367 1.00 0.00 ? 3178 HIS A CA 1 
ATOM 252 C CA . ARG A 1 264 ? 29.920  -9.463  -13.537 1.00 0.00 ? 3179 ARG A CA 1 
ATOM 253 C CA . PHE A 1 265 ? 31.808  -6.183  -13.771 1.00 0.00 ? 3180 PHE A CA 1 
ATOM 254 C CA . ASN A 1 266 ? 35.354  -7.550  -13.736 1.00 0.00 ? 3181 ASN A CA 1 
ATOM 255 C CA . TYR A 1 267 ? 36.598  -6.622  -10.293 1.00 0.00 ? 3182 TYR A CA 1 
ATOM 256 C CA . LYS A 1 268 ? 37.543  -8.546  -7.144  1.00 0.00 ? 3183 LYS A CA 1 
ATOM 257 C CA . TYR A 1 269 ? 39.199  -7.819  -3.715  1.00 0.00 ? 3184 TYR A CA 1 
ATOM 258 C CA . ASP A 1 270 ? 42.356  -9.243  -2.092  1.00 0.00 ? 3185 ASP A CA 1 
ATOM 259 C CA . ASN A 1 271 ? 40.569  -10.382 1.090   1.00 0.00 ? 3186 ASN A CA 1 
ATOM 260 C CA . LEU A 1 272 ? 37.045  -10.362 2.466   1.00 0.00 ? 3187 LEU A CA 1 
ATOM 261 C CA . ASN A 1 273 ? 38.230  -9.738  6.045   1.00 0.00 ? 3188 ASN A CA 1 
ATOM 262 C CA . LEU A 1 274 ? 36.967  -6.801  8.102   1.00 0.00 ? 3189 LEU A CA 1 
ATOM 263 C CA . HIS A 1 275 ? 38.809  -5.633  11.252  1.00 0.00 ? 3190 HIS A CA 1 
ATOM 264 C CA . GLY A 1 276 ? 41.203  -8.537  10.688  1.00 0.00 ? 3191 GLY A CA 1 
ATOM 265 C CA . HIS A 1 277 ? 38.413  -11.061 11.287  1.00 0.00 ? 3192 HIS A CA 1 
ATOM 266 C CA . ASN A 1 278 ? 37.955  -14.105 9.021   1.00 0.00 ? 3193 ASN A CA 1 
ATOM 267 C CA . ILE A 1 279 ? 34.675  -14.591 7.168   1.00 0.00 ? 3194 ILE A CA 1 
ATOM 268 C CA . GLU A 1 280 ? 33.830  -17.537 9.483   1.00 0.00 ? 3195 GLU A CA 1 
ATOM 269 C CA . GLU A 1 281 ? 35.358  -15.907 12.597  1.00 0.00 ? 3196 GLU A CA 1 
ATOM 270 C CA . LEU A 1 282 ? 33.460  -12.682 11.901  1.00 0.00 ? 3197 LEU A CA 1 
ATOM 271 C CA . GLU A 1 283 ? 30.309  -14.787 11.534  1.00 0.00 ? 3198 GLU A CA 1 
ATOM 272 C CA . GLU A 1 284 ? 31.058  -16.179 14.992  1.00 0.00 ? 3199 GLU A CA 1 
ATOM 273 C CA . VAL A 1 285 ? 31.217  -12.557 16.223  1.00 0.00 ? 3200 VAL A CA 1 
ATOM 274 C CA . LEU A 1 286 ? 27.649  -11.824 15.035  1.00 0.00 ? 3201 LEU A CA 1 
ATOM 275 C CA . ARG A 1 287 ? 26.731  -14.745 17.322  1.00 0.00 ? 3202 ARG A CA 1 
ATOM 276 C CA . SER A 1 288 ? 28.422  -13.038 20.298  1.00 0.00 ? 3203 SER A CA 1 
ATOM 277 C CA . LEU A 1 289 ? 26.063  -9.966  19.975  1.00 0.00 ? 3204 LEU A CA 1 
ATOM 278 C CA . ARG A 1 290 ? 23.144  -12.231 19.347  1.00 0.00 ? 3205 ARG A CA 1 
ATOM 279 C CA . LEU A 1 291 ? 23.661  -13.876 22.835  1.00 0.00 ? 3206 LEU A CA 1 
ATOM 280 C CA . LYS A 1 292 ? 23.079  -10.814 24.966  1.00 0.00 ? 3207 LYS A CA 1 
ATOM 281 C CA . SER A 1 293 ? 19.691  -8.977  24.947  1.00 0.00 ? 3208 SER A CA 1 
ATOM 282 C CA . ARG A 1 294 ? 19.664  -5.664  22.992  1.00 0.00 ? 3209 ARG A CA 1 
ATOM 283 C CA . VAL A 1 295 ? 17.094  -2.816  23.020  1.00 0.00 ? 3210 VAL A CA 1 
ATOM 284 C CA . PHE A 1 296 ? 17.030  -0.721  19.902  1.00 0.00 ? 3211 PHE A CA 1 
ATOM 285 C CA . ALA A 1 297 ? 15.637  2.702   19.456  1.00 0.00 ? 3212 ALA A CA 1 
ATOM 286 C CA . GLY A 1 298 ? 14.186  2.470   15.963  1.00 0.00 ? 3213 GLY A CA 1 
ATOM 287 C CA . PHE A 1 299 ? 13.388  4.999   13.288  1.00 0.00 ? 3214 PHE A CA 1 
ATOM 288 C CA . VAL A 1 300 ? 10.989  5.563   10.502  1.00 0.00 ? 3215 VAL A CA 1 
ATOM 289 C CA . LEU A 1 301 ? 13.174  7.950   8.399   1.00 0.00 ? 3216 LEU A CA 1 
ATOM 290 C CA . SER A 1 302 ? 12.034  10.531  5.829   1.00 0.00 ? 3217 SER A CA 1 
ATOM 291 C CA . GLY A 1 303 ? 13.981  12.818  3.627   1.00 0.00 ? 3218 GLY A CA 1 
ATOM 292 C CA . ILE A 1 304 ? 14.939  16.185  5.022   1.00 0.00 ? 3219 ILE A CA 1 
ATOM 293 C CA . ARG A 1 305 ? 16.660  17.170  1.762   1.00 0.00 ? 3220 ARG A CA 1 
ATOM 294 C CA . THR A 1 306 ? 20.065  18.283  3.232   1.00 0.00 ? 3221 THR A CA 1 
ATOM 295 C CA . THR A 1 307 ? 22.653  16.174  5.029   1.00 0.00 ? 3222 THR A CA 1 
ATOM 296 C CA . ALA A 1 308 ? 22.478  16.812  8.723   1.00 0.00 ? 3223 ALA A CA 1 
ATOM 297 C CA . VAL A 1 309 ? 23.381  15.083  11.952  1.00 0.00 ? 3224 VAL A CA 1 
ATOM 298 C CA . VAL A 1 310 ? 20.937  13.750  14.452  1.00 0.00 ? 3225 VAL A CA 1 
ATOM 299 C CA . LYS A 1 311 ? 22.085  13.798  18.018  1.00 0.00 ? 3226 LYS A CA 1 
ATOM 300 C CA . VAL A 1 312 ? 20.078  11.675  20.462  1.00 0.00 ? 3227 VAL A CA 1 
ATOM 301 C CA . TYR A 1 313 ? 19.476  11.755  24.222  1.00 0.00 ? 3228 TYR A CA 1 
ATOM 302 C CA . ILE A 1 314 ? 17.255  9.678   26.540  1.00 0.00 ? 3229 ILE A CA 1 
ATOM 303 C CA . LYS A 1 315 ? 15.708  11.834  29.203  1.00 0.00 ? 3230 LYS A CA 1 
ATOM 304 C CA . SER A 1 316 ? 16.143  10.786  32.842  1.00 0.00 ? 3231 SER A CA 1 
ATOM 305 C CA . GLY A 1 317 ? 13.838  9.826   35.671  1.00 0.00 ? 3232 GLY A CA 1 
ATOM 306 C CA . THR A 1 318 ? 15.214  12.538  38.107  1.00 0.00 ? 3233 THR A CA 1 
ATOM 307 C CA . ASP A 1 319 ? 14.639  16.276  37.382  1.00 0.00 ? 3234 ASP A CA 1 
ATOM 308 C CA . SER A 1 320 ? 15.456  16.083  33.616  1.00 0.00 ? 3235 SER A CA 1 
ATOM 309 C CA . ASP A 1 321 ? 19.008  14.657  33.362  1.00 0.00 ? 3236 ASP A CA 1 
ATOM 310 C CA . ASP A 1 322 ? 19.992  13.762  29.813  1.00 0.00 ? 3237 ASP A CA 1 
ATOM 311 C CA . GLU A 1 323 ? 22.388  11.157  28.442  1.00 0.00 ? 3238 GLU A CA 1 
ATOM 312 C CA . TYR A 1 324 ? 24.455  10.927  25.176  1.00 0.00 ? 3239 TYR A CA 1 
ATOM 313 C CA . ALA A 1 325 ? 23.184  8.076   23.113  1.00 0.00 ? 3240 ALA A CA 1 
ATOM 314 C CA . GLY A 1 326 ? 25.863  8.617   20.512  1.00 0.00 ? 3241 GLY A CA 1 
ATOM 315 C CA . SER A 1 327 ? 24.856  9.809   17.078  1.00 0.00 ? 3242 SER A CA 1 
ATOM 316 C CA . PHE A 1 328 ? 24.101  9.055   13.442  1.00 0.00 ? 3243 PHE A CA 1 
ATOM 317 C CA . VAL A 1 329 ? 23.689  11.026  10.271  1.00 0.00 ? 3244 VAL A CA 1 
ATOM 318 C CA . ILE A 1 330 ? 21.050  11.248  7.544   1.00 0.00 ? 3245 ILE A CA 1 
ATOM 319 C CA . LEU A 1 331 ? 22.496  12.002  4.252   1.00 0.00 ? 3246 LEU A CA 1 
ATOM 320 C CA . GLY A 1 332 ? 20.785  14.381  1.858   1.00 0.00 ? 3247 GLY A CA 1 
ATOM 321 C CA . GLY A 1 333 ? 20.862  17.667  -0.092  1.00 0.00 ? 3248 GLY A CA 1 
ATOM 322 C CA . ALA A 1 334 ? 18.713  20.653  -1.029  1.00 0.00 ? 3249 ALA A CA 1 
ATOM 323 C CA . LYS A 1 335 ? 16.610  19.787  -4.149  1.00 0.00 ? 3250 LYS A CA 1 
ATOM 324 C CA . GLU A 1 336 ? 17.367  16.055  -3.728  1.00 0.00 ? 3251 GLU A CA 1 
ATOM 325 C CA . MET A 1 337 ? 14.761  13.686  -5.042  1.00 0.00 ? 3252 MET A CA 1 
ATOM 326 C CA . PRO A 1 338 ? 12.356  12.806  -2.122  1.00 0.00 ? 3253 PRO A CA 1 
ATOM 327 C CA . TRP A 1 339 ? 12.923  9.667   -0.123  1.00 0.00 ? 3254 TRP A CA 1 
ATOM 328 C CA . ALA A 1 340 ? 11.645  8.025   3.049   1.00 0.00 ? 3255 ALA A CA 1 
ATOM 329 C CA . TYR A 1 341 ? 12.892  4.743   4.308   1.00 0.00 ? 3256 TYR A CA 1 
ATOM 330 C CA . GLU A 1 342 ? 10.265  2.191   3.798   1.00 0.00 ? 3257 GLU A CA 1 
ATOM 331 C CA . ARG A 1 343 ? 11.570  0.159   6.781   1.00 0.00 ? 3258 ARG A CA 1 
ATOM 332 C CA . LEU A 1 344 ? 12.884  0.660   10.295  1.00 0.00 ? 3259 LEU A CA 1 
ATOM 333 C CA . TYR A 1 345 ? 16.376  2.059   11.095  1.00 0.00 ? 3260 TYR A CA 1 
ATOM 334 C CA . ARG A 1 346 ? 17.593  -0.290  13.760  1.00 0.00 ? 3261 ARG A CA 1 
ATOM 335 C CA . PHE A 1 347 ? 19.938  1.590   16.114  1.00 0.00 ? 3262 PHE A CA 1 
ATOM 336 C CA . ASP A 1 348 ? 21.223  0.447   19.520  1.00 0.00 ? 3263 ASP A CA 1 
ATOM 337 C CA . ILE A 1 349 ? 20.249  2.109   22.821  1.00 0.00 ? 3264 ILE A CA 1 
ATOM 338 C CA . THR A 1 350 ? 20.811  -1.097  24.875  1.00 0.00 ? 3265 THR A CA 1 
ATOM 339 C CA . GLU A 1 351 ? 22.815  -0.251  27.989  1.00 0.00 ? 3266 GLU A CA 1 
ATOM 340 C CA . THR A 1 352 ? 22.238  3.485   27.699  1.00 0.00 ? 3267 THR A CA 1 
ATOM 341 C CA . VAL A 1 353 ? 18.633  2.595   28.566  1.00 0.00 ? 3268 VAL A CA 1 
ATOM 342 C CA . HIS A 1 354 ? 19.493  0.000   31.177  1.00 0.00 ? 3269 HIS A CA 1 
ATOM 343 C CA . ASN A 1 355 ? 21.622  2.520   33.183  1.00 0.00 ? 3270 ASN A CA 1 
ATOM 344 C CA . LEU A 1 356 ? 18.589  4.824   33.402  1.00 0.00 ? 3271 LEU A CA 1 
ATOM 345 C CA . ASN A 1 357 ? 16.699  1.664   34.574  1.00 0.00 ? 3272 ASN A CA 1 
ATOM 346 C CA . LEU A 1 358 ? 13.432  1.856   32.578  1.00 0.00 ? 3273 LEU A CA 1 
ATOM 347 C CA . THR A 1 359 ? 11.721  -0.712  30.253  1.00 0.00 ? 3274 THR A CA 1 
ATOM 348 C CA . ASP A 1 360 ? 10.236  -0.829  26.756  1.00 0.00 ? 3275 ASP A CA 1 
ATOM 349 C CA . ASP A 1 361 ? 6.763   -0.947  28.432  1.00 0.00 ? 3276 ASP A CA 1 
ATOM 350 C CA . HIS A 1 362 ? 7.957   1.643   30.899  1.00 0.00 ? 3277 HIS A CA 1 
ATOM 351 C CA . VAL A 1 363 ? 7.250   4.982   29.537  1.00 0.00 ? 3278 VAL A CA 1 
ATOM 352 C CA . LYS A 1 364 ? 10.791  5.396   28.302  1.00 0.00 ? 3279 LYS A CA 1 
ATOM 353 C CA . PHE A 1 365 ? 11.284  8.678   26.330  1.00 0.00 ? 3280 PHE A CA 1 
ATOM 354 C CA . ARG A 1 366 ? 13.664  10.605  24.231  1.00 0.00 ? 3281 ARG A CA 1 
ATOM 355 C CA . PHE A 1 367 ? 14.050  14.028  22.503  1.00 0.00 ? 3282 PHE A CA 1 
ATOM 356 C CA . ASP A 1 368 ? 16.513  15.302  19.961  1.00 0.00 ? 3283 ASP A CA 1 
ATOM 357 C CA . LEU A 1 369 ? 18.683  18.385  19.134  1.00 0.00 ? 3284 LEU A CA 1 
ATOM 358 C CA . LYS A 1 370 ? 19.741  18.177  15.498  1.00 0.00 ? 3285 LYS A CA 1 
ATOM 359 C CA . LYS A 1 371 ? 22.146  20.141  13.253  1.00 0.00 ? 3286 LYS A CA 1 
ATOM 360 C CA . TYR A 1 372 ? 22.909  20.776  9.573   1.00 0.00 ? 3287 TYR A CA 1 
ATOM 361 C CA . ASP A 1 373 ? 26.597  21.067  8.755   1.00 0.00 ? 3288 ASP A CA 1 
ATOM 362 C CA . HIS A 1 374 ? 26.606  24.056  11.056  1.00 0.00 ? 3289 HIS A CA 1 
ATOM 363 C CA . THR A 1 375 ? 23.336  25.548  12.336  1.00 0.00 ? 3290 THR A CA 1 
ATOM 364 C CA . GLU A 1 376 ? 20.240  24.724  14.398  1.00 0.00 ? 3291 GLU A CA 1 
ATOM 365 C CA . LEU A 1 377 ? 17.487  22.266  13.613  1.00 0.00 ? 3292 LEU A CA 1 
ATOM 366 C CA . ASP A 1 378 ? 13.866  21.350  12.947  1.00 0.00 ? 3293 ASP A CA 1 
ATOM 367 C CA . ALA A 1 379 ? 13.397  19.178  16.043  1.00 0.00 ? 3294 ALA A CA 1 
ATOM 368 C CA . SER A 1 380 ? 9.864   18.978  14.737  1.00 0.00 ? 3295 SER A CA 1 
ATOM 369 C CA . VAL A 1 381 ? 10.162  16.365  11.991  1.00 0.00 ? 3296 VAL A CA 1 
ATOM 370 C CA . LEU A 1 382 ? 11.848  13.877  14.153  1.00 0.00 ? 3297 LEU A CA 1 
ATOM 371 C CA . PRO A 1 383 ? 9.600   11.886  13.487  1.00 0.00 ? 3298 PRO A CA 1 
ATOM 372 C CA . ALA A 1 384 ? 8.756   10.280  16.860  1.00 0.00 ? 3299 ALA A CA 1 
ATOM 373 C CA . PRO A 1 385 ? 10.747  7.075   17.604  1.00 0.00 ? 3300 PRO A CA 1 
ATOM 374 C CA . ILE A 1 386 ? 9.554   3.478   17.605  1.00 0.00 ? 3301 ILE A CA 1 
ATOM 375 C CA . ILE A 1 387 ? 11.181  0.961   19.974  1.00 0.00 ? 3302 ILE A CA 1 
ATOM 376 C CA . VAL A 1 388 ? 12.157  -2.600  19.226  1.00 0.00 ? 3303 VAL A CA 1 
ATOM 377 C CA . ARG A 1 389 ? 13.380  -5.258  21.657  1.00 0.00 ? 3304 ARG A CA 1 
ATOM 378 C CA . ARG A 1 390 ? 16.033  -7.773  20.459  1.00 0.00 ? 3305 ARG A CA 1 
ATOM 379 C CA . PRO A 1 391 ? 15.851  -10.540 23.177  1.00 0.00 ? 3306 PRO A CA 1 
ATOM 380 C CA . ASN A 1 392 ? 18.381  -13.342 23.422  1.00 0.00 ? 3307 ASN A CA 1 
ATOM 381 C CA . ASN A 1 393 ? 18.678  -14.144 19.723  1.00 0.00 ? 3308 ASN A CA 1 
ATOM 382 C CA . ALA A 1 394 ? 19.192  -17.688 20.885  1.00 0.00 ? 3309 ALA A CA 1 
ATOM 383 C CA . VAL A 1 395 ? 15.421  -17.208 21.936  1.00 0.00 ? 3310 VAL A CA 1 
ATOM 384 C CA . PHE A 1 396 ? 13.825  -15.355 18.801  1.00 0.00 ? 3311 PHE A CA 1 
ATOM 385 C CA . ASP A 1 397 ? 14.385  -12.767 16.017  1.00 0.00 ? 3312 ASP A CA 1 
ATOM 386 C CA . ILE A 1 398 ? 12.369  -9.419  16.128  1.00 0.00 ? 3313 ILE A CA 1 
ATOM 387 C CA . ILE A 1 399 ? 9.981   -7.473  18.538  1.00 0.00 ? 3314 ILE A CA 1 
ATOM 388 C CA . GLU A 1 400 ? 8.149   -4.126  17.956  1.00 0.00 ? 3315 GLU A CA 1 
ATOM 389 C CA . ILE A 1 401 ? 6.490   -1.451  20.209  1.00 0.00 ? 3316 ILE A CA 1 
ATOM 390 C CA . PRO A 1 402 ? 4.733   1.450   18.195  1.00 0.00 ? 3317 PRO A CA 1 
ATOM 391 C CA . ILE A 1 403 ? 3.170   3.491   21.022  1.00 0.00 ? 3318 ILE A CA 1 
ATOM 392 C CA . GLY A 1 404 ? 0.008   5.527   21.432  1.00 0.00 ? 3319 GLY A CA 1 
ATOM 393 C CA . LYS A 1 405 ? -0.812  9.349   21.570  1.00 0.00 ? 3320 LYS A CA 1 
ATOM 394 C CA . ASP A 1 406 ? 1.175   12.473  20.331  1.00 0.00 ? 3321 ASP A CA 1 
ATOM 395 C CA . VAL A 1 407 ? 3.606   10.677  17.940  1.00 0.00 ? 3322 VAL A CA 1 
ATOM 396 C CA . ASN A 1 408 ? 4.242   10.616  14.171  1.00 0.00 ? 3323 ASN A CA 1 
ATOM 397 C CA . LEU A 1 409 ? 5.343   7.595   12.112  1.00 0.00 ? 3324 LEU A CA 1 
ATOM 398 C CA . PRO A 1 410 ? 3.279   7.194   8.942   1.00 0.00 ? 3325 PRO A CA 1 
ATOM 399 C CA . PRO A 1 411 ? 4.365   3.893   7.292   1.00 0.00 ? 3326 PRO A CA 1 
ATOM 400 C CA . LYS A 1 412 ? 6.300   1.306   9.293   1.00 0.00 ? 3327 LYS A CA 1 
ATOM 401 C CA . VAL A 1 413 ? 7.058   -1.900  7.535   1.00 0.00 ? 3328 VAL A CA 1 
ATOM 402 C CA . VAL A 1 414 ? 9.317   -4.413  9.285   1.00 0.00 ? 3329 VAL A CA 1 
ATOM 403 C CA . VAL A 1 415 ? 9.661   -7.758  7.702   1.00 0.00 ? 3330 VAL A CA 1 
ATOM 404 C CA . LYS A 1 416 ? 10.169  -11.239 9.037   1.00 0.00 ? 3331 LYS A CA 1 
ATOM 405 C CA . ARG A 1 417 ? 7.447   -13.828 8.785   1.00 0.00 ? 3332 ARG A CA 1 
ATOM 406 C CA . GLY A 1 418 ? 7.313   -13.545 12.543  1.00 0.00 ? 3333 GLY A CA 1 
ATOM 407 C CA . THR A 1 419 ? 8.119   -10.036 13.757  1.00 0.00 ? 3334 THR A CA 1 
ATOM 408 C CA . LYS A 1 420 ? 6.254   -9.368  17.035  1.00 0.00 ? 3335 LYS A CA 1 
ATOM 409 C CA . ILE A 1 421 ? 4.303   -6.112  17.167  1.00 0.00 ? 3336 ILE A CA 1 
ATOM 410 C CA . MET A 1 422 ? 2.857   -4.259  20.251  1.00 0.00 ? 3337 MET A CA 1 
ATOM 411 C CA . PHE A 1 423 ? 2.417   -0.721  21.606  1.00 0.00 ? 3338 PHE A CA 1 
ATOM 412 C CA . MET A 1 424 ? 3.363   1.735   24.379  1.00 0.00 ? 3339 MET A CA 1 
ATOM 413 C CA . SER A 1 425 ? 0.704   3.355   26.582  1.00 0.00 ? 3340 SER A CA 1 
ATOM 414 C CA . VAL A 1 426 ? 2.116   6.772   27.159  1.00 0.00 ? 3341 VAL A CA 1 
ATOM 415 C CA . ASP A 1 427 ? 0.185   9.900   28.241  1.00 0.00 ? 3342 ASP A CA 1 
ATOM 416 C CA . GLU A 1 428 ? -2.108  7.363   29.768  1.00 0.00 ? 3343 GLU A CA 1 
ATOM 417 C CA . ALA A 1 429 ? -5.239  9.490   29.024  1.00 0.00 ? 3344 ALA A CA 1 
ATOM 418 C CA . VAL A 1 430 ? -6.788  6.466   27.172  1.00 0.00 ? 3345 VAL A CA 1 
ATOM 419 C CA . THR A 1 431 ? -6.620  2.740   27.711  1.00 0.00 ? 3346 THR A CA 1 
ATOM 420 C CA . THR A 1 432 ? -5.380  1.221   24.483  1.00 0.00 ? 3347 THR A CA 1 
ATOM 421 C CA . PRO A 1 433 ? -8.073  0.076   22.149  1.00 0.00 ? 3348 PRO A CA 1 
ATOM 422 C CA . MET A 1 434 ? -6.102  0.021   18.988  1.00 0.00 ? 3349 MET A CA 1 
ATOM 423 C CA . LEU A 1 435 ? -8.530  -0.013  16.029  1.00 0.00 ? 3350 LEU A CA 1 
ATOM 424 C CA . ASN A 1 436 ? -7.278  -2.028  13.180  1.00 0.00 ? 3351 ASN A CA 1 
ATOM 425 C CA . LEU A 1 437 ? -6.866  -2.848  9.603   1.00 0.00 ? 3352 LEU A CA 1 
ATOM 426 C CA . GLY A 1 438 ? -9.818  -0.510  9.513   1.00 0.00 ? 3353 GLY A CA 1 
ATOM 427 C CA . SER A 1 439 ? -10.345 -1.854  5.929   1.00 0.00 ? 3354 SER A CA 1 
ATOM 428 C CA . TYR A 1 440 ? -8.075  -0.014  3.495   1.00 0.00 ? 3355 TYR A CA 1 
ATOM 429 C CA . THR A 1 441 ? -6.393  3.316   3.133   1.00 0.00 ? 3356 THR A CA 1 
ATOM 430 C CA . ALA A 1 442 ? -9.661  4.961   2.359   1.00 0.00 ? 3357 ALA A CA 1 
ATOM 431 C CA . MET A 1 443 ? -10.683 4.548   6.010   1.00 0.00 ? 3358 MET A CA 1 
ATOM 432 C CA . PHE A 1 444 ? -7.170  4.191   6.990   1.00 0.00 ? 3359 PHE A CA 1 
ATOM 433 C CA . LYS A 1 445 ? -7.061  8.011   6.714   1.00 0.00 ? 3360 LYS A CA 1 
ATOM 434 C CA . CYS A 1 446 ? -10.189 8.276   8.820   1.00 0.00 ? 3361 CYS A CA 1 
ATOM 435 C CA . LYS A 1 447 ? -13.533 7.037   9.874   1.00 0.00 ? 3362 LYS A CA 1 
ATOM 436 C CA . VAL A 1 448 ? -13.370 4.418   12.611  1.00 0.00 ? 3363 VAL A CA 1 
ATOM 437 C CA . PRO A 1 449 ? -16.222 2.158   13.684  1.00 0.00 ? 3364 PRO A CA 1 
ATOM 438 C CA . PRO A 1 450 ? -18.110 3.281   16.872  1.00 0.00 ? 3365 PRO A CA 1 
ATOM 439 C CA . PHE A 1 451 ? -17.293 0.544   19.404  1.00 0.00 ? 3366 PHE A CA 1 
ATOM 440 C CA . SER A 1 452 ? -17.295 -1.780  16.490  1.00 0.00 ? 3367 SER A CA 1 
ATOM 441 C CA . PHE A 1 453 ? -14.027 -2.765  18.100  1.00 0.00 ? 3368 PHE A CA 1 
ATOM 442 C CA . HIS A 1 454 ? -12.456 -4.563  15.136  1.00 0.00 ? 3369 HIS A CA 1 
ATOM 443 C CA . ALA A 1 455 ? -10.202 -7.122  16.730  1.00 0.00 ? 3370 ALA A CA 1 
ATOM 444 C CA . PHE A 1 456 ? -6.406  -6.920  16.733  1.00 0.00 ? 3371 PHE A CA 1 
ATOM 445 C CA . GLU A 1 457 ? -4.431  -4.809  19.197  1.00 0.00 ? 3372 GLU A CA 1 
ATOM 446 C CA . LEU A 1 458 ? -5.043  -4.232  22.933  1.00 0.00 ? 3373 LEU A CA 1 
ATOM 447 C CA . GLY A 1 459 ? -2.529  -3.112  25.573  1.00 0.00 ? 3374 GLY A CA 1 
ATOM 448 C CA . LYS A 1 460 ? 0.453   -5.461  26.146  1.00 0.00 ? 3375 LYS A CA 1 
ATOM 449 C CA . MET A 1 461 ? 0.298   -7.986  23.292  1.00 0.00 ? 3376 MET A CA 1 
ATOM 450 C CA . TYR A 1 462 ? 1.984   -9.490  20.268  1.00 0.00 ? 3377 TYR A CA 1 
ATOM 451 C CA . SER A 1 463 ? 1.318   -11.042 16.875  1.00 0.00 ? 3378 SER A CA 1 
ATOM 452 C CA . VAL A 1 464 ? 2.930   -13.591 14.603  1.00 0.00 ? 3379 VAL A CA 1 
ATOM 453 C CA . GLU A 1 465 ? 0.810   -12.644 11.559  1.00 0.00 ? 3380 GLU A CA 1 
ATOM 454 C CA . SER A 1 466 ? 1.975   -11.759 8.050   1.00 0.00 ? 3381 SER A CA 1 
ATOM 455 C CA . GLY A 1 467 ? 0.235   -9.287  5.764   1.00 0.00 ? 3382 GLY A CA 1 
ATOM 456 C CA . ASP A 1 468 ? -1.252  -5.678  6.023   1.00 0.00 ? 3383 ASP A CA 1 
ATOM 457 C CA . TYR A 1 469 ? -2.686  -4.226  9.206   1.00 0.00 ? 3384 TYR A CA 1 
ATOM 458 C CA . PHE A 1 470 ? -3.357  -0.758  10.239  1.00 0.00 ? 3385 PHE A CA 1 
ATOM 459 C CA . MET A 1 471 ? -3.325  0.671   13.711  1.00 0.00 ? 3386 MET A CA 1 
ATOM 460 C CA . THR A 1 472 ? -5.963  3.317   14.470  1.00 0.00 ? 3387 THR A CA 1 
ATOM 461 C CA . ALA A 1 473 ? -6.999  4.991   17.660  1.00 0.00 ? 3388 ALA A CA 1 
ATOM 462 C CA . SER A 1 474 ? -10.407 3.678   18.820  1.00 0.00 ? 3389 SER A CA 1 
ATOM 463 C CA . THR A 1 475 ? -12.327 7.006   18.657  1.00 0.00 ? 3390 THR A CA 1 
ATOM 464 C CA . THR A 1 476 ? -12.971 9.169   15.622  1.00 0.00 ? 3391 THR A CA 1 
ATOM 465 C CA . GLU A 1 477 ? -11.871 12.156  17.715  1.00 0.00 ? 3392 GLU A CA 1 
ATOM 466 C CA . LEU A 1 478 ? -8.586  10.483  18.629  1.00 0.00 ? 3393 LEU A CA 1 
ATOM 467 C CA . CYS A 1 479 ? -7.914  9.899   14.945  1.00 0.00 ? 3394 CYS A CA 1 
ATOM 468 C CA . ASN A 1 480 ? -7.640  13.666  14.138  1.00 0.00 ? 3395 ASN A CA 1 
ATOM 469 C CA . ASP A 1 481 ? -6.209  14.306  17.568  1.00 0.00 ? 3396 ASP A CA 1 
ATOM 470 C CA . ASN A 1 482 ? -2.850  12.660  16.643  1.00 0.00 ? 3397 ASN A CA 1 
ATOM 471 C CA . ASN A 1 483 ? -3.125  10.499  13.696  1.00 0.00 ? 3398 ASN A CA 1 
ATOM 472 C CA . LEU A 1 484 ? -2.878  7.077   15.046  1.00 0.00 ? 3399 LEU A CA 1 
ATOM 473 C CA . ARG A 1 485 ? -2.452  5.963   11.447  1.00 0.00 ? 3400 ARG A CA 1 
ATOM 474 C CA . ILE A 1 486 ? 0.359   3.488   11.301  1.00 0.00 ? 3401 ILE A CA 1 
ATOM 475 C CA . HIS A 1 487 ? 0.156   1.137   8.348   1.00 0.00 ? 3402 HIS A CA 1 
ATOM 476 C CA . VAL A 1 488 ? 2.323   -1.835  9.179   1.00 0.00 ? 3403 VAL A CA 1 
ATOM 477 C CA . HIS A 1 489 ? 3.379   -4.317  6.476   1.00 0.00 ? 3404 HIS A CA 1 
ATOM 478 C CA . VAL A 1 490 ? 5.118   -7.675  6.672   1.00 0.00 ? 3405 VAL A CA 1 
ATOM 479 C CA . ASP A 1 491 ? 6.722   -9.569  3.678   1.00 0.00 ? 3406 ASP A CA 1 
ATOM 480 C CA . ILE B 1 1   ? -27.611 -33.657 -6.375  1.00 0.00 ? 2916 ILE B CA 1 
ATOM 481 C CA . LEU B 1 2   ? -30.158 -30.713 -6.243  1.00 0.00 ? 2917 LEU B CA 1 
ATOM 482 C CA . VAL B 1 3   ? -31.679 -28.104 -8.656  1.00 0.00 ? 2918 VAL B CA 1 
ATOM 483 C CA . ARG B 1 4   ? -32.922 -24.436 -8.447  1.00 0.00 ? 2919 ARG B CA 1 
ATOM 484 C CA . LYS B 1 5   ? -35.390 -23.244 -11.020 1.00 0.00 ? 2920 LYS B CA 1 
ATOM 485 C CA . ASN B 1 6   ? -37.261 -20.162 -12.231 1.00 0.00 ? 2921 ASN B CA 1 
ATOM 486 C CA . ILE B 1 7   ? -39.929 -18.785 -9.898  1.00 0.00 ? 2922 ILE B CA 1 
ATOM 487 C CA . HIS B 1 8   ? -42.487 -18.336 -12.724 1.00 0.00 ? 2923 HIS B CA 1 
ATOM 488 C CA . SER B 1 9   ? -42.217 -21.985 -13.973 1.00 0.00 ? 2924 SER B CA 1 
ATOM 489 C CA . LEU B 1 10  ? -43.188 -23.532 -10.560 1.00 0.00 ? 2925 LEU B CA 1 
ATOM 490 C CA . SER B 1 11  ? -46.184 -25.882 -10.462 1.00 0.00 ? 2926 SER B CA 1 
ATOM 491 C CA . HIS B 1 12  ? -48.412 -26.156 -7.440  1.00 0.00 ? 2927 HIS B CA 1 
ATOM 492 C CA . HIS B 1 13  ? -46.900 -29.508 -6.408  1.00 0.00 ? 2928 HIS B CA 1 
ATOM 493 C CA . GLU B 1 14  ? -43.428 -27.802 -6.781  1.00 0.00 ? 2929 GLU B CA 1 
ATOM 494 C CA . ALA B 1 15  ? -44.794 -24.577 -5.169  1.00 0.00 ? 2930 ALA B CA 1 
ATOM 495 C CA . GLU B 1 16  ? -46.249 -26.551 -2.229  1.00 0.00 ? 2931 GLU B CA 1 
ATOM 496 C CA . GLU B 1 17  ? -42.967 -28.379 -1.550  1.00 0.00 ? 2932 GLU B CA 1 
ATOM 497 C CA . LEU B 1 18  ? -41.313 -25.039 -1.260  1.00 0.00 ? 2933 LEU B CA 1 
ATOM 498 C CA . ARG B 1 19  ? -44.098 -23.608 0.968   1.00 0.00 ? 2934 ARG B CA 1 
ATOM 499 C CA . ASP B 1 20  ? -43.722 -26.628 3.245   1.00 0.00 ? 2935 ASP B CA 1 
ATOM 500 C CA . ALA B 1 21  ? -39.952 -26.674 3.379   1.00 0.00 ? 2936 ALA B CA 1 
ATOM 501 C CA . LEU B 1 22  ? -39.737 -23.073 4.644   1.00 0.00 ? 2937 LEU B CA 1 
ATOM 502 C CA . TYR B 1 23  ? -42.555 -23.686 7.086   1.00 0.00 ? 2938 TYR B CA 1 
ATOM 503 C CA . LYS B 1 24  ? -40.795 -26.461 9.028   1.00 0.00 ? 2939 LYS B CA 1 
ATOM 504 C CA . LEU B 1 25  ? -37.775 -24.217 8.904   1.00 0.00 ? 2940 LEU B CA 1 
ATOM 505 C CA . GLN B 1 26  ? -39.486 -21.096 10.238  1.00 0.00 ? 2941 GLN B CA 1 
ATOM 506 C CA . ASN B 1 27  ? -41.076 -22.946 13.237  1.00 0.00 ? 2942 ASN B CA 1 
ATOM 507 C CA . ASP B 1 28  ? -37.833 -24.809 13.696  1.00 0.00 ? 2943 ASP B CA 1 
ATOM 508 C CA . GLU B 1 29  ? -35.990 -22.835 16.322  1.00 0.00 ? 2944 GLU B CA 1 
ATOM 509 C CA . SER B 1 30  ? -32.743 -24.892 16.394  1.00 0.00 ? 2945 SER B CA 1 
ATOM 510 C CA . HIS B 1 31  ? -29.364 -23.854 14.973  1.00 0.00 ? 2946 HIS B CA 1 
ATOM 511 C CA . GLY B 1 32  ? -30.090 -25.589 11.684  1.00 0.00 ? 2947 GLY B CA 1 
ATOM 512 C CA . GLY B 1 33  ? -33.345 -23.573 11.756  1.00 0.00 ? 2948 GLY B CA 1 
ATOM 513 C CA . TYR B 1 34  ? -34.523 -20.458 9.945   1.00 0.00 ? 2949 TYR B CA 1 
ATOM 514 C CA . GLU B 1 35  ? -34.254 -17.813 12.637  1.00 0.00 ? 2950 GLU B CA 1 
ATOM 515 C CA . HIS B 1 36  ? -30.698 -18.716 13.436  1.00 0.00 ? 2951 HIS B CA 1 
ATOM 516 C CA . ILE B 1 37  ? -29.602 -19.071 9.777   1.00 0.00 ? 2952 ILE B CA 1 
ATOM 517 C CA . ALA B 1 38  ? -31.076 -15.727 8.829   1.00 0.00 ? 2953 ALA B CA 1 
ATOM 518 C CA . GLY B 1 39  ? -29.121 -14.408 11.818  1.00 0.00 ? 2954 GLY B CA 1 
ATOM 519 C CA . PHE B 1 40  ? -25.623 -14.769 10.371  1.00 0.00 ? 2955 PHE B CA 1 
ATOM 520 C CA . HIS B 1 41  ? -26.102 -11.827 8.054   1.00 0.00 ? 2956 HIS B CA 1 
ATOM 521 C CA . GLY B 1 42  ? -26.921 -9.284  10.710  1.00 0.00 ? 2957 GLY B CA 1 
ATOM 522 C CA . TYR B 1 43  ? -28.762 -8.421  13.909  1.00 0.00 ? 2958 TYR B CA 1 
ATOM 523 C CA . PRO B 1 44  ? -29.039 -10.046 16.341  1.00 0.00 ? 2959 PRO B CA 1 
ATOM 524 C CA . ASN B 1 45  ? -25.305 -9.652  15.887  1.00 0.00 ? 2960 ASN B CA 1 
ATOM 525 C CA . LEU B 1 46  ? -23.241 -12.824 15.854  1.00 0.00 ? 2961 LEU B CA 1 
ATOM 526 C CA . CYS B 1 47  ? -19.564 -13.677 14.886  1.00 0.00 ? 2962 CYS B CA 1 
ATOM 527 C CA . PRO B 1 48  ? -16.109 -13.204 16.590  1.00 0.00 ? 2963 PRO B CA 1 
ATOM 528 C CA . GLU B 1 49  ? -15.302 -15.840 19.233  1.00 0.00 ? 2964 GLU B CA 1 
ATOM 529 C CA . LYS B 1 50  ? -16.601 -13.399 21.832  1.00 0.00 ? 2965 LYS B CA 1 
ATOM 530 C CA . GLY B 1 51  ? -15.107 -9.862  21.530  1.00 0.00 ? 2966 GLY B CA 1 
ATOM 531 C CA . ASP B 1 52  ? -18.436 -9.533  23.389  1.00 0.00 ? 2967 ASP B CA 1 
ATOM 532 C CA . GLU B 1 53  ? -19.330 -6.182  21.726  1.00 0.00 ? 2968 GLU B CA 1 
ATOM 533 C CA . LYS B 1 54  ? -21.348 -8.226  19.244  1.00 0.00 ? 2969 LYS B CA 1 
ATOM 534 C CA . TYR B 1 55  ? -20.766 -7.953  15.499  1.00 0.00 ? 2970 TYR B CA 1 
ATOM 535 C CA . PRO B 1 56  ? -22.487 -7.661  12.047  1.00 0.00 ? 2971 PRO B CA 1 
ATOM 536 C CA . CYS B 1 57  ? -21.054 -10.659 10.106  1.00 0.00 ? 2972 CYS B CA 1 
ATOM 537 C CA . CYS B 1 58  ? -22.254 -9.761  6.599   1.00 0.00 ? 2973 CYS B CA 1 
ATOM 538 C CA . VAL B 1 59  ? -19.482 -8.918  4.222   1.00 0.00 ? 2974 VAL B CA 1 
ATOM 539 C CA . HIS B 1 60  ? -20.742 -5.956  2.238   1.00 0.00 ? 2975 HIS B CA 1 
ATOM 540 C CA . GLY B 1 61  ? -18.447 -3.717  0.262   1.00 0.00 ? 2976 GLY B CA 1 
ATOM 541 C CA . MET B 1 62  ? -15.334 -5.975  0.252   1.00 0.00 ? 2977 MET B CA 1 
ATOM 542 C CA . SER B 1 63  ? -13.757 -7.998  -2.619  1.00 0.00 ? 2978 SER B CA 1 
ATOM 543 C CA . ILE B 1 64  ? -15.361 -11.210 -1.343  1.00 0.00 ? 2979 ILE B CA 1 
ATOM 544 C CA . PHE B 1 65  ? -18.925 -9.774  -1.183  1.00 0.00 ? 2980 PHE B CA 1 
ATOM 545 C CA . PRO B 1 66  ? -20.582 -12.259 -3.513  1.00 0.00 ? 2981 PRO B CA 1 
ATOM 546 C CA . HIS B 1 67  ? -18.628 -15.150 -1.955  1.00 0.00 ? 2982 HIS B CA 1 
ATOM 547 C CA . TRP B 1 68  ? -20.020 -14.566 1.544   1.00 0.00 ? 2983 TRP B CA 1 
ATOM 548 C CA . HIS B 1 69  ? -23.481 -14.039 0.139   1.00 0.00 ? 2984 HIS B CA 1 
ATOM 549 C CA . ARG B 1 70  ? -23.444 -17.057 -2.201  1.00 0.00 ? 2985 ARG B CA 1 
ATOM 550 C CA . LEU B 1 71  ? -22.457 -19.230 0.757   1.00 0.00 ? 2986 LEU B CA 1 
ATOM 551 C CA . HIS B 1 72  ? -25.271 -17.872 2.886   1.00 0.00 ? 2987 HIS B CA 1 
ATOM 552 C CA . THR B 1 73  ? -27.595 -18.958 0.063   1.00 0.00 ? 2988 THR B CA 1 
ATOM 553 C CA . ILE B 1 74  ? -26.373 -22.558 0.126   1.00 0.00 ? 2989 ILE B CA 1 
ATOM 554 C CA . GLN B 1 75  ? -26.675 -22.737 3.919   1.00 0.00 ? 2990 GLN B CA 1 
ATOM 555 C CA . PHE B 1 76  ? -30.210 -21.445 3.562   1.00 0.00 ? 2991 PHE B CA 1 
ATOM 556 C CA . GLU B 1 77  ? -31.041 -23.934 0.792   1.00 0.00 ? 2992 GLU B CA 1 
ATOM 557 C CA . ARG B 1 78  ? -29.247 -26.773 2.517   1.00 0.00 ? 2993 ARG B CA 1 
ATOM 558 C CA . ALA B 1 79  ? -31.455 -25.974 5.558   1.00 0.00 ? 2994 ALA B CA 1 
ATOM 559 C CA . LEU B 1 80  ? -34.560 -26.261 3.301   1.00 0.00 ? 2995 LEU B CA 1 
ATOM 560 C CA . LYS B 1 81  ? -33.579 -29.617 1.732   1.00 0.00 ? 2996 LYS B CA 1 
ATOM 561 C CA . LYS B 1 82  ? -32.586 -30.767 5.253   1.00 0.00 ? 2997 LYS B CA 1 
ATOM 562 C CA . HIS B 1 83  ? -36.084 -29.726 6.492   1.00 0.00 ? 2998 HIS B CA 1 
ATOM 563 C CA . GLY B 1 84  ? -38.113 -31.194 3.602   1.00 0.00 ? 2999 GLY B CA 1 
ATOM 564 C CA . SER B 1 85  ? -37.552 -30.434 -0.068  1.00 0.00 ? 3000 SER B CA 1 
ATOM 565 C CA . HIS B 1 86  ? -37.459 -32.082 -3.542  1.00 0.00 ? 3001 HIS B CA 1 
ATOM 566 C CA . LEU B 1 87  ? -36.321 -28.847 -5.291  1.00 0.00 ? 3002 LEU B CA 1 
ATOM 567 C CA . GLY B 1 88  ? -33.762 -26.002 -4.985  1.00 0.00 ? 3003 GLY B CA 1 
ATOM 568 C CA . ILE B 1 89  ? -34.351 -22.297 -4.186  1.00 0.00 ? 3004 ILE B CA 1 
ATOM 569 C CA . PRO B 1 90  ? -36.349 -20.496 -6.868  1.00 0.00 ? 3005 PRO B CA 1 
ATOM 570 C CA . TYR B 1 91  ? -34.834 -17.391 -8.385  1.00 0.00 ? 3006 TYR B CA 1 
ATOM 571 C CA . TRP B 1 92  ? -36.515 -14.340 -9.777  1.00 0.00 ? 3007 TRP B CA 1 
ATOM 572 C CA . ASP B 1 93  ? -35.278 -12.481 -12.849 1.00 0.00 ? 3008 ASP B CA 1 
ATOM 573 C CA . TRP B 1 94  ? -35.939 -8.794  -12.261 1.00 0.00 ? 3009 TRP B CA 1 
ATOM 574 C CA . THR B 1 95  ? -33.975 -7.592  -15.195 1.00 0.00 ? 3010 THR B CA 1 
ATOM 575 C CA . GLN B 1 96  ? -37.068 -8.279  -17.362 1.00 0.00 ? 3011 GLN B CA 1 
ATOM 576 C CA . THR B 1 97  ? -39.870 -5.733  -17.359 1.00 0.00 ? 3012 THR B CA 1 
ATOM 577 C CA . ILE B 1 98  ? -41.815 -6.592  -14.225 1.00 0.00 ? 3013 ILE B CA 1 
ATOM 578 C CA . SER B 1 99  ? -45.591 -6.146  -14.324 1.00 0.00 ? 3014 SER B CA 1 
ATOM 579 C CA . SER B 1 100 ? -46.251 -7.090  -10.642 1.00 0.00 ? 3015 SER B CA 1 
ATOM 580 C CA . LEU B 1 101 ? -44.782 -8.427  -7.393  1.00 0.00 ? 3016 LEU B CA 1 
ATOM 581 C CA . PRO B 1 102 ? -43.862 -12.115 -7.614  1.00 0.00 ? 3017 PRO B CA 1 
ATOM 582 C CA . THR B 1 103 ? -46.996 -14.301 -7.269  1.00 0.00 ? 3018 THR B CA 1 
ATOM 583 C CA . PHE B 1 104 ? -45.029 -16.282 -4.660  1.00 0.00 ? 3019 PHE B CA 1 
ATOM 584 C CA . PHE B 1 105 ? -45.451 -13.296 -2.248  1.00 0.00 ? 3020 PHE B CA 1 
ATOM 585 C CA . ALA B 1 106 ? -49.007 -12.267 -3.373  1.00 0.00 ? 3021 ALA B CA 1 
ATOM 586 C CA . ASP B 1 107 ? -50.934 -14.750 -1.109  1.00 0.00 ? 3022 ASP B CA 1 
ATOM 587 C CA . SER B 1 108 ? -50.964 -12.523 1.988   1.00 0.00 ? 3023 SER B CA 1 
ATOM 588 C CA . GLY B 1 109 ? -53.400 -15.098 3.280   1.00 0.00 ? 3024 GLY B CA 1 
ATOM 589 C CA . ASN B 1 110 ? -52.923 -18.898 3.070   1.00 0.00 ? 3025 ASN B CA 1 
ATOM 590 C CA . ASN B 1 111 ? -50.287 -18.116 5.696   1.00 0.00 ? 3026 ASN B CA 1 
ATOM 591 C CA . ASN B 1 112 ? -47.607 -18.253 2.975   1.00 0.00 ? 3027 ASN B CA 1 
ATOM 592 C CA . PRO B 1 113 ? -44.323 -18.237 4.913   1.00 0.00 ? 3028 PRO B CA 1 
ATOM 593 C CA . PHE B 1 114 ? -42.433 -16.559 2.102   1.00 0.00 ? 3029 PHE B CA 1 
ATOM 594 C CA . PHE B 1 115 ? -44.235 -13.214 2.011   1.00 0.00 ? 3030 PHE B CA 1 
ATOM 595 C CA . LYS B 1 116 ? -43.436 -12.529 5.693   1.00 0.00 ? 3031 LYS B CA 1 
ATOM 596 C CA . TYR B 1 117 ? -41.413 -13.996 8.653   1.00 0.00 ? 3032 TYR B CA 1 
ATOM 597 C CA . HIS B 1 118 ? -41.784 -13.483 12.448  1.00 0.00 ? 3033 HIS B CA 1 
ATOM 598 C CA . ILE B 1 119 ? -38.439 -12.465 13.863  1.00 0.00 ? 3034 ILE B CA 1 
ATOM 599 C CA . ARG B 1 120 ? -38.589 -14.320 17.179  1.00 0.00 ? 3035 ARG B CA 1 
ATOM 600 C CA . SER B 1 121 ? -35.968 -11.960 18.681  1.00 0.00 ? 3036 SER B CA 1 
ATOM 601 C CA . ILE B 1 122 ? -38.217 -8.936  19.284  1.00 0.00 ? 3037 ILE B CA 1 
ATOM 602 C CA . ASN B 1 123 ? -41.518 -9.606  17.473  1.00 0.00 ? 3038 ASN B CA 1 
ATOM 603 C CA . GLN B 1 124 ? -42.049 -7.410  14.375  1.00 0.00 ? 3039 GLN B CA 1 
ATOM 604 C CA . ASP B 1 125 ? -42.937 -9.188  11.150  1.00 0.00 ? 3040 ASP B CA 1 
ATOM 605 C CA . THR B 1 126 ? -40.616 -8.590  8.190   1.00 0.00 ? 3041 THR B CA 1 
ATOM 606 C CA . VAL B 1 127 ? -42.554 -5.696  6.662   1.00 0.00 ? 3042 VAL B CA 1 
ATOM 607 C CA . ARG B 1 128 ? -41.986 -4.265  3.218   1.00 0.00 ? 3043 ARG B CA 1 
ATOM 608 C CA . ASP B 1 129 ? -42.448 -0.920  1.378   1.00 0.00 ? 3044 ASP B CA 1 
ATOM 609 C CA . VAL B 1 130 ? -42.771 -0.256  -2.332  1.00 0.00 ? 3045 VAL B CA 1 
ATOM 610 C CA . ASN B 1 131 ? -41.263 1.617   -5.252  1.00 0.00 ? 3046 ASN B CA 1 
ATOM 611 C CA . GLU B 1 132 ? -43.429 1.453   -8.231  1.00 0.00 ? 3047 GLU B CA 1 
ATOM 612 C CA . ALA B 1 133 ? -40.640 2.534   -10.624 1.00 0.00 ? 3048 ALA B CA 1 
ATOM 613 C CA . ILE B 1 134 ? -40.839 -0.305  -13.236 1.00 0.00 ? 3049 ILE B CA 1 
ATOM 614 C CA . PHE B 1 135 ? -40.965 1.236   -16.843 1.00 0.00 ? 3050 PHE B CA 1 
ATOM 615 C CA . PHE B 1 143 ? -32.560 -1.621  -22.115 1.00 0.00 ? 3058 PHE B CA 1 
ATOM 616 C CA . SER B 1 144 ? -34.100 0.893   -19.789 1.00 0.00 ? 3059 SER B CA 1 
ATOM 617 C CA . SER B 1 145 ? -33.463 1.030   -15.957 1.00 0.00 ? 3060 SER B CA 1 
ATOM 618 C CA . ILE B 1 146 ? -32.919 -2.322  -14.178 1.00 0.00 ? 3061 ILE B CA 1 
ATOM 619 C CA . PHE B 1 147 ? -31.641 -4.432  -16.994 1.00 0.00 ? 3062 PHE B CA 1 
ATOM 620 C CA . TYR B 1 148 ? -28.855 -1.976  -17.836 1.00 0.00 ? 3063 TYR B CA 1 
ATOM 621 C CA . LEU B 1 149 ? -27.311 -1.793  -14.372 1.00 0.00 ? 3064 LEU B CA 1 
ATOM 622 C CA . ALA B 1 150 ? -27.306 -5.548  -14.293 1.00 0.00 ? 3065 ALA B CA 1 
ATOM 623 C CA . LEU B 1 151 ? -26.039 -5.795  -17.919 1.00 0.00 ? 3066 LEU B CA 1 
ATOM 624 C CA . GLN B 1 152 ? -23.309 -3.377  -17.017 1.00 0.00 ? 3067 GLN B CA 1 
ATOM 625 C CA . ALA B 1 153 ? -21.810 -5.617  -14.351 1.00 0.00 ? 3068 ALA B CA 1 
ATOM 626 C CA . LEU B 1 154 ? -21.333 -8.403  -16.919 1.00 0.00 ? 3069 LEU B CA 1 
ATOM 627 C CA . GLU B 1 155 ? -19.711 -5.886  -19.305 1.00 0.00 ? 3070 GLU B CA 1 
ATOM 628 C CA . GLU B 1 156 ? -16.856 -5.337  -16.860 1.00 0.00 ? 3071 GLU B CA 1 
ATOM 629 C CA . ASP B 1 157 ? -13.595 -7.036  -17.692 1.00 0.00 ? 3072 ASP B CA 1 
ATOM 630 C CA . ASN B 1 158 ? -12.187 -8.800  -14.542 1.00 0.00 ? 3073 ASN B CA 1 
ATOM 631 C CA . TYR B 1 159 ? -13.534 -9.605  -11.100 1.00 0.00 ? 3074 TYR B CA 1 
ATOM 632 C CA . CYS B 1 160 ? -12.427 -6.635  -8.989  1.00 0.00 ? 3075 CYS B CA 1 
ATOM 633 C CA . ASP B 1 161 ? -14.028 -4.174  -11.315 1.00 0.00 ? 3076 ASP B CA 1 
ATOM 634 C CA . PHE B 1 162 ? -16.977 -6.585  -11.481 1.00 0.00 ? 3077 PHE B CA 1 
ATOM 635 C CA . GLU B 1 163 ? -17.602 -6.976  -7.796  1.00 0.00 ? 3078 GLU B CA 1 
ATOM 636 C CA . VAL B 1 164 ? -18.660 -3.392  -7.287  1.00 0.00 ? 3079 VAL B CA 1 
ATOM 637 C CA . GLN B 1 165 ? -20.979 -3.478  -10.259 1.00 0.00 ? 3080 GLN B CA 1 
ATOM 638 C CA . TYR B 1 166 ? -22.362 -6.757  -9.043  1.00 0.00 ? 3081 TYR B CA 1 
ATOM 639 C CA . GLU B 1 167 ? -23.123 -5.395  -5.538  1.00 0.00 ? 3082 GLU B CA 1 
ATOM 640 C CA . ILE B 1 168 ? -24.574 -2.020  -6.633  1.00 0.00 ? 3083 ILE B CA 1 
ATOM 641 C CA . LEU B 1 169 ? -26.933 -3.774  -9.026  1.00 0.00 ? 3084 LEU B CA 1 
ATOM 642 C CA . HIS B 1 170 ? -27.639 -5.852  -5.926  1.00 0.00 ? 3085 HIS B CA 1 
ATOM 643 C CA . ASN B 1 171 ? -28.305 -2.948  -3.624  1.00 0.00 ? 3086 ASN B CA 1 
ATOM 644 C CA . GLU B 1 172 ? -31.077 -1.168  -5.508  1.00 0.00 ? 3087 GLU B CA 1 
ATOM 645 C CA . VAL B 1 173 ? -33.239 -4.241  -5.467  1.00 0.00 ? 3088 VAL B CA 1 
ATOM 646 C CA . HIS B 1 174 ? -33.018 -4.530  -1.630  1.00 0.00 ? 3089 HIS B CA 1 
ATOM 647 C CA . ALA B 1 175 ? -34.054 -0.925  -1.553  1.00 0.00 ? 3090 ALA B CA 1 
ATOM 648 C CA . LEU B 1 176 ? -37.061 -1.039  -3.719  1.00 0.00 ? 3091 LEU B CA 1 
ATOM 649 C CA . ILE B 1 177 ? -38.542 -3.816  -1.688  1.00 0.00 ? 3092 ILE B CA 1 
ATOM 650 C CA . GLY B 1 178 ? -37.242 -2.250  1.489   1.00 0.00 ? 3093 GLY B CA 1 
ATOM 651 C CA . GLY B 1 179 ? -38.696 1.167   0.985   1.00 0.00 ? 3094 GLY B CA 1 
ATOM 652 C CA . ALA B 1 180 ? -38.609 3.010   4.248   1.00 0.00 ? 3095 ALA B CA 1 
ATOM 653 C CA . GLU B 1 181 ? -39.451 0.468   6.960   1.00 0.00 ? 3096 GLU B CA 1 
ATOM 654 C CA . LYS B 1 182 ? -37.010 -0.249  9.768   1.00 0.00 ? 3097 LYS B CA 1 
ATOM 655 C CA . TYR B 1 183 ? -37.060 -4.020  9.629   1.00 0.00 ? 3098 TYR B CA 1 
ATOM 656 C CA . SER B 1 184 ? -37.300 -4.344  5.851   1.00 0.00 ? 3099 SER B CA 1 
ATOM 657 C CA . MET B 1 185 ? -35.104 -5.729  3.040   1.00 0.00 ? 3100 MET B CA 1 
ATOM 658 C CA . SER B 1 186 ? -33.502 -2.369  2.675   1.00 0.00 ? 3101 SER B CA 1 
ATOM 659 C CA . THR B 1 187 ? -31.800 -2.640  6.131   1.00 0.00 ? 3102 THR B CA 1 
ATOM 660 C CA . LEU B 1 188 ? -28.560 -4.547  6.389   1.00 0.00 ? 3103 LEU B CA 1 
ATOM 661 C CA . GLU B 1 189 ? -29.042 -4.688  10.099  1.00 0.00 ? 3104 GLU B CA 1 
ATOM 662 C CA . TYR B 1 190 ? -32.254 -6.771  9.730   1.00 0.00 ? 3105 TYR B CA 1 
ATOM 663 C CA . SER B 1 191 ? -32.502 -7.817  6.105   1.00 0.00 ? 3106 SER B CA 1 
ATOM 664 C CA . ALA B 1 192 ? -31.605 -11.507 6.251   1.00 0.00 ? 3107 ALA B CA 1 
ATOM 665 C CA . PHE B 1 193 ? -34.830 -12.445 7.986   1.00 0.00 ? 3108 PHE B CA 1 
ATOM 666 C CA . ASP B 1 194 ? -37.173 -11.702 5.158   1.00 0.00 ? 3109 ASP B CA 1 
ATOM 667 C CA . PRO B 1 195 ? -37.636 -14.908 3.169   1.00 0.00 ? 3110 PRO B CA 1 
ATOM 668 C CA . TYR B 1 196 ? -37.091 -13.038 -0.101  1.00 0.00 ? 3111 TYR B CA 1 
ATOM 669 C CA . PHE B 1 197 ? -33.602 -12.072 1.010   1.00 0.00 ? 3112 PHE B CA 1 
ATOM 670 C CA . MET B 1 198 ? -32.752 -15.769 1.161   1.00 0.00 ? 3113 MET B CA 1 
ATOM 671 C CA . ILE B 1 199 ? -33.987 -16.328 -2.389  1.00 0.00 ? 3114 ILE B CA 1 
ATOM 672 C CA . HIS B 1 200 ? -32.948 -12.981 -3.745  1.00 0.00 ? 3115 HIS B CA 1 
ATOM 673 C CA . HIS B 1 201 ? -29.261 -13.454 -3.126  1.00 0.00 ? 3116 HIS B CA 1 
ATOM 674 C CA . ALA B 1 202 ? -29.757 -16.803 -4.765  1.00 0.00 ? 3117 ALA B CA 1 
ATOM 675 C CA . SER B 1 203 ? -30.906 -14.676 -7.697  1.00 0.00 ? 3118 SER B CA 1 
ATOM 676 C CA . LEU B 1 204 ? -27.640 -12.769 -8.165  1.00 0.00 ? 3119 LEU B CA 1 
ATOM 677 C CA . ASP B 1 205 ? -25.728 -15.980 -7.720  1.00 0.00 ? 3120 ASP B CA 1 
ATOM 678 C CA . LYS B 1 206 ? -27.397 -17.172 -10.932 1.00 0.00 ? 3121 LYS B CA 1 
ATOM 679 C CA . ILE B 1 207 ? -26.097 -13.997 -12.618 1.00 0.00 ? 3122 ILE B CA 1 
ATOM 680 C CA . TRP B 1 208 ? -22.609 -14.350 -11.168 1.00 0.00 ? 3123 TRP B CA 1 
ATOM 681 C CA . ILE B 1 209 ? -22.368 -17.833 -12.577 1.00 0.00 ? 3124 ILE B CA 1 
ATOM 682 C CA . ILE B 1 210 ? -23.041 -16.663 -16.140 1.00 0.00 ? 3125 ILE B CA 1 
ATOM 683 C CA . TRP B 1 211 ? -20.312 -14.159 -15.649 1.00 0.00 ? 3126 TRP B CA 1 
ATOM 684 C CA . GLN B 1 212 ? -17.977 -16.921 -14.396 1.00 0.00 ? 3127 GLN B CA 1 
ATOM 685 C CA . GLU B 1 213 ? -18.065 -18.749 -17.689 1.00 0.00 ? 3128 GLU B CA 1 
ATOM 686 C CA . LEU B 1 214 ? -18.525 -15.548 -19.801 1.00 0.00 ? 3129 LEU B CA 1 
ATOM 687 C CA . GLN B 1 215 ? -14.996 -14.391 -18.819 1.00 0.00 ? 3130 GLN B CA 1 
ATOM 688 C CA . LYS B 1 216 ? -13.728 -17.930 -19.401 1.00 0.00 ? 3131 LYS B CA 1 
ATOM 689 C CA . ARG B 1 217 ? -15.015 -17.488 -22.990 1.00 0.00 ? 3132 ARG B CA 1 
ATOM 690 C CA . ARG B 1 218 ? -13.040 -14.255 -23.657 1.00 0.00 ? 3133 ARG B CA 1 
ATOM 691 C CA . VAL B 1 219 ? -9.515  -15.273 -22.440 1.00 0.00 ? 3134 VAL B CA 1 
ATOM 692 C CA . LYS B 1 220 ? -9.481  -13.718 -18.892 1.00 0.00 ? 3135 LYS B CA 1 
ATOM 693 C CA . SER B 1 226 ? -7.056  -11.938 -9.810  1.00 0.00 ? 3141 SER B CA 1 
ATOM 694 C CA . CYS B 1 227 ? -6.568  -8.799  -7.470  1.00 0.00 ? 3142 CYS B CA 1 
ATOM 695 C CA . ALA B 1 228 ? -6.913  -7.923  -3.808  1.00 0.00 ? 3143 ALA B CA 1 
ATOM 696 C CA . GLY B 1 229 ? -5.947  -11.596 -3.236  1.00 0.00 ? 3144 GLY B CA 1 
ATOM 697 C CA . ASP B 1 230 ? -5.219  -11.256 0.524   1.00 0.00 ? 3145 ASP B CA 1 
ATOM 698 C CA . ILE B 1 231 ? -8.982  -10.839 1.361   1.00 0.00 ? 3146 ILE B CA 1 
ATOM 699 C CA . MET B 1 232 ? -10.086 -14.131 -0.293  1.00 0.00 ? 3147 MET B CA 1 
ATOM 700 C CA . HIS B 1 233 ? -7.256  -16.040 1.290   1.00 0.00 ? 3148 HIS B CA 1 
ATOM 701 C CA . VAL B 1 234 ? -9.015  -15.804 4.769   1.00 0.00 ? 3149 VAL B CA 1 
ATOM 702 C CA . PRO B 1 235 ? -12.096 -18.011 5.724   1.00 0.00 ? 3150 PRO B CA 1 
ATOM 703 C CA . LEU B 1 236 ? -15.539 -16.493 6.051   1.00 0.00 ? 3151 LEU B CA 1 
ATOM 704 C CA . HIS B 1 237 ? -16.878 -15.510 9.474   1.00 0.00 ? 3152 HIS B CA 1 
ATOM 705 C CA . PRO B 1 238 ? -19.199 -16.759 10.972  1.00 0.00 ? 3153 PRO B CA 1 
ATOM 706 C CA . PHE B 1 239 ? -19.492 -19.865 8.754   1.00 0.00 ? 3154 PHE B CA 1 
ATOM 707 C CA . ASN B 1 240 ? -16.273 -21.605 9.991   1.00 0.00 ? 3155 ASN B CA 1 
ATOM 708 C CA . TYR B 1 241 ? -17.163 -20.836 13.656  1.00 0.00 ? 3156 TYR B CA 1 
ATOM 709 C CA . GLU B 1 242 ? -18.498 -23.162 16.295  1.00 0.00 ? 3157 GLU B CA 1 
ATOM 710 C CA . SER B 1 243 ? -22.258 -22.858 16.857  1.00 0.00 ? 3158 SER B CA 1 
ATOM 711 C CA . VAL B 1 244 ? -22.539 -22.072 13.146  1.00 0.00 ? 3159 VAL B CA 1 
ATOM 712 C CA . ASN B 1 245 ? -24.373 -24.217 10.536  1.00 0.00 ? 3160 ASN B CA 1 
ATOM 713 C CA . ASN B 1 246 ? -22.508 -27.314 11.808  1.00 0.00 ? 3161 ASN B CA 1 
ATOM 714 C CA . ASP B 1 247 ? -23.287 -28.541 8.307   1.00 0.00 ? 3162 ASP B CA 1 
ATOM 715 C CA . ASP B 1 248 ? -20.527 -30.679 6.881   1.00 0.00 ? 3163 ASP B CA 1 
ATOM 716 C CA . PHE B 1 249 ? -20.005 -28.519 3.730   1.00 0.00 ? 3164 PHE B CA 1 
ATOM 717 C CA . THR B 1 250 ? -20.448 -25.092 5.231   1.00 0.00 ? 3165 THR B CA 1 
ATOM 718 C CA . ARG B 1 251 ? -18.179 -25.609 8.233   1.00 0.00 ? 3166 ARG B CA 1 
ATOM 719 C CA . GLU B 1 252 ? -15.269 -26.717 6.080   1.00 0.00 ? 3167 GLU B CA 1 
ATOM 720 C CA . ASN B 1 253 ? -15.837 -24.758 2.890   1.00 0.00 ? 3168 ASN B CA 1 
ATOM 721 C CA . SER B 1 254 ? -15.792 -21.323 4.459   1.00 0.00 ? 3169 SER B CA 1 
ATOM 722 C CA . LEU B 1 255 ? -12.659 -20.472 2.327   1.00 0.00 ? 3170 LEU B CA 1 
ATOM 723 C CA . PRO B 1 256 ? -13.484 -18.443 -0.831  1.00 0.00 ? 3171 PRO B CA 1 
ATOM 724 C CA . ASN B 1 257 ? -11.402 -20.369 -3.393  1.00 0.00 ? 3172 ASN B CA 1 
ATOM 725 C CA . ALA B 1 258 ? -13.399 -23.455 -2.391  1.00 0.00 ? 3173 ALA B CA 1 
ATOM 726 C CA . VAL B 1 259 ? -16.651 -21.305 -2.446  1.00 0.00 ? 3174 VAL B CA 1 
ATOM 727 C CA . VAL B 1 260 ? -16.313 -19.794 -5.917  1.00 0.00 ? 3175 VAL B CA 1 
ATOM 728 C CA . ASP B 1 261 ? -16.910 -22.871 -8.065  1.00 0.00 ? 3176 ASP B CA 1 
ATOM 729 C CA . SER B 1 262 ? -20.652 -23.393 -7.480  1.00 0.00 ? 3177 SER B CA 1 
ATOM 730 C CA . HIS B 1 263 ? -20.855 -26.905 -8.920  1.00 0.00 ? 3178 HIS B CA 1 
ATOM 731 C CA . ARG B 1 264 ? -19.097 -27.922 -5.669  1.00 0.00 ? 3179 ARG B CA 1 
ATOM 732 C CA . PHE B 1 265 ? -22.102 -27.318 -3.436  1.00 0.00 ? 3180 PHE B CA 1 
ATOM 733 C CA . ASN B 1 266 ? -24.622 -29.513 -5.247  1.00 0.00 ? 3181 ASN B CA 1 
ATOM 734 C CA . TYR B 1 267 ? -26.894 -27.008 -6.926  1.00 0.00 ? 3182 TYR B CA 1 
ATOM 735 C CA . LYS B 1 268 ? -27.613 -25.988 -10.526 1.00 0.00 ? 3183 LYS B CA 1 
ATOM 736 C CA . TYR B 1 269 ? -30.155 -23.771 -12.437 1.00 0.00 ? 3184 TYR B CA 1 
ATOM 737 C CA . ASP B 1 270 ? -32.672 -24.626 -15.185 1.00 0.00 ? 3185 ASP B CA 1 
ATOM 738 C CA . ASN B 1 271 ? -31.348 -22.002 -17.630 1.00 0.00 ? 3186 ASN B CA 1 
ATOM 739 C CA . LEU B 1 272 ? -28.592 -19.412 -17.716 1.00 0.00 ? 3187 LEU B CA 1 
ATOM 740 C CA . ASN B 1 273 ? -30.712 -16.926 -19.697 1.00 0.00 ? 3188 ASN B CA 1 
ATOM 741 C CA . LEU B 1 274 ? -31.340 -13.384 -18.466 1.00 0.00 ? 3189 LEU B CA 1 
ATOM 742 C CA . HIS B 1 275 ? -34.171 -11.243 -19.910 1.00 0.00 ? 3190 HIS B CA 1 
ATOM 743 C CA . GLY B 1 276 ? -34.887 -14.139 -22.275 1.00 0.00 ? 3191 GLY B CA 1 
ATOM 744 C CA . HIS B 1 277 ? -31.503 -13.701 -23.967 1.00 0.00 ? 3192 HIS B CA 1 
ATOM 745 C CA . ASN B 1 278 ? -29.278 -16.699 -24.785 1.00 0.00 ? 3193 ASN B CA 1 
ATOM 746 C CA . ILE B 1 279 ? -25.780 -16.899 -23.318 1.00 0.00 ? 3194 ILE B CA 1 
ATOM 747 C CA . GLU B 1 280 ? -24.305 -16.226 -26.800 1.00 0.00 ? 3195 GLU B CA 1 
ATOM 748 C CA . GLU B 1 281 ? -27.051 -13.748 -27.804 1.00 0.00 ? 3196 GLU B CA 1 
ATOM 749 C CA . LEU B 1 282 ? -26.618 -11.864 -24.526 1.00 0.00 ? 3197 LEU B CA 1 
ATOM 750 C CA . GLU B 1 283 ? -22.877 -11.792 -25.228 1.00 0.00 ? 3198 GLU B CA 1 
ATOM 751 C CA . GLU B 1 284 ? -23.723 -10.194 -28.574 1.00 0.00 ? 3199 GLU B CA 1 
ATOM 752 C CA . VAL B 1 285 ? -25.699 -7.561  -26.616 1.00 0.00 ? 3200 VAL B CA 1 
ATOM 753 C CA . LEU B 1 286 ? -22.626 -6.537  -24.572 1.00 0.00 ? 3201 LEU B CA 1 
ATOM 754 C CA . ARG B 1 287 ? -21.091 -5.840  -28.003 1.00 0.00 ? 3202 ARG B CA 1 
ATOM 755 C CA . SER B 1 288 ? -23.982 -3.500  -28.898 1.00 0.00 ? 3203 SER B CA 1 
ATOM 756 C CA . LEU B 1 289 ? -23.166 -1.207  -25.867 1.00 0.00 ? 3204 LEU B CA 1 
ATOM 757 C CA . ARG B 1 290 ? -19.500 -1.512  -26.580 1.00 0.00 ? 3205 ARG B CA 1 
ATOM 758 C CA . LEU B 1 291 ? -20.041 0.087   -30.086 1.00 0.00 ? 3206 LEU B CA 1 
ATOM 759 C CA . LYS B 1 292 ? -21.334 3.447   -28.952 1.00 0.00 ? 3207 LYS B CA 1 
ATOM 760 C CA . SER B 1 293 ? -19.159 5.815   -26.828 1.00 0.00 ? 3208 SER B CA 1 
ATOM 761 C CA . ARG B 1 294 ? -20.111 5.975   -23.104 1.00 0.00 ? 3209 ARG B CA 1 
ATOM 762 C CA . VAL B 1 295 ? -19.095 8.515   -20.415 1.00 0.00 ? 3210 VAL B CA 1 
ATOM 763 C CA . PHE B 1 296 ? -19.227 7.218   -16.892 1.00 0.00 ? 3211 PHE B CA 1 
ATOM 764 C CA . ALA B 1 297 ? -19.377 9.168   -13.724 1.00 0.00 ? 3212 ALA B CA 1 
ATOM 765 C CA . GLY B 1 298 ? -17.212 7.053   -11.442 1.00 0.00 ? 3213 GLY B CA 1 
ATOM 766 C CA . PHE B 1 299 ? -16.990 6.624   -7.706  1.00 0.00 ? 3214 PHE B CA 1 
ATOM 767 C CA . VAL B 1 300 ? -14.499 5.850   -5.054  1.00 0.00 ? 3215 VAL B CA 1 
ATOM 768 C CA . LEU B 1 301 ? -16.953 4.475   -2.411  1.00 0.00 ? 3216 LEU B CA 1 
ATOM 769 C CA . SER B 1 302 ? -16.478 4.301   1.372   1.00 0.00 ? 3217 SER B CA 1 
ATOM 770 C CA . GLY B 1 303 ? -18.659 2.907   4.050   1.00 0.00 ? 3218 GLY B CA 1 
ATOM 771 C CA . ILE B 1 304 ? -21.260 5.189   5.544   1.00 0.00 ? 3219 ILE B CA 1 
ATOM 772 C CA . ARG B 1 305 ? -22.443 2.459   7.934   1.00 0.00 ? 3220 ARG B CA 1 
ATOM 773 C CA . THR B 1 306 ? -26.232 2.622   7.151   1.00 0.00 ? 3221 THR B CA 1 
ATOM 774 C CA . THR B 1 307 ? -27.998 1.812   3.895   1.00 0.00 ? 3222 THR B CA 1 
ATOM 775 C CA . ALA B 1 308 ? -28.962 4.987   2.143   1.00 0.00 ? 3223 ALA B CA 1 
ATOM 776 C CA . VAL B 1 309 ? -29.747 6.180   -1.350  1.00 0.00 ? 3224 VAL B CA 1 
ATOM 777 C CA . VAL B 1 310 ? -27.610 8.483   -3.382  1.00 0.00 ? 3225 VAL B CA 1 
ATOM 778 C CA . LYS B 1 311 ? -29.448 10.693  -5.785  1.00 0.00 ? 3226 LYS B CA 1 
ATOM 779 C CA . VAL B 1 312 ? -27.341 12.374  -8.475  1.00 0.00 ? 3227 VAL B CA 1 
ATOM 780 C CA . TYR B 1 313 ? -27.706 15.513  -10.602 1.00 0.00 ? 3228 TYR B CA 1 
ATOM 781 C CA . ILE B 1 314 ? -25.405 17.216  -13.136 1.00 0.00 ? 3229 ILE B CA 1 
ATOM 782 C CA . LYS B 1 315 ? -25.587 20.958  -12.811 1.00 0.00 ? 3230 LYS B CA 1 
ATOM 783 C CA . SER B 1 316 ? -26.348 22.997  -15.939 1.00 0.00 ? 3231 SER B CA 1 
ATOM 784 C CA . ASP B 1 321 ? -30.633 24.031  -13.929 1.00 0.00 ? 3236 ASP B CA 1 
ATOM 785 C CA . ASP B 1 322 ? -30.298 20.486  -12.631 1.00 0.00 ? 3237 ASP B CA 1 
ATOM 786 C CA . GLU B 1 323 ? -30.958 17.127  -14.272 1.00 0.00 ? 3238 GLU B CA 1 
ATOM 787 C CA . TYR B 1 324 ? -31.920 13.648  -12.874 1.00 0.00 ? 3239 TYR B CA 1 
ATOM 788 C CA . ALA B 1 325 ? -29.115 11.252  -13.498 1.00 0.00 ? 3240 ALA B CA 1 
ATOM 789 C CA . GLY B 1 326 ? -31.094 8.383   -12.053 1.00 0.00 ? 3241 GLY B CA 1 
ATOM 790 C CA . SER B 1 327 ? -29.941 6.818   -8.821  1.00 0.00 ? 3242 SER B CA 1 
ATOM 791 C CA . PHE B 1 328 ? -28.127 4.037   -6.994  1.00 0.00 ? 3243 PHE B CA 1 
ATOM 792 C CA . VAL B 1 329 ? -27.890 2.791   -3.460  1.00 0.00 ? 3244 VAL B CA 1 
ATOM 793 C CA . ILE B 1 330 ? -25.057 1.998   -1.051  1.00 0.00 ? 3245 ILE B CA 1 
ATOM 794 C CA . LEU B 1 331 ? -25.891 -0.748  1.241   1.00 0.00 ? 3246 LEU B CA 1 
ATOM 795 C CA . GLY B 1 332 ? -24.872 -0.640  4.883   1.00 0.00 ? 3247 GLY B CA 1 
ATOM 796 C CA . GLY B 1 333 ? -25.904 -0.535  8.561   1.00 0.00 ? 3248 GLY B CA 1 
ATOM 797 C CA . ALA B 1 334 ? -25.095 1.161   11.860  1.00 0.00 ? 3249 ALA B CA 1 
ATOM 798 C CA . LYS B 1 335 ? -22.173 -0.696  13.570  1.00 0.00 ? 3250 LYS B CA 1 
ATOM 799 C CA . GLU B 1 336 ? -21.328 -2.536  10.319  1.00 0.00 ? 3251 GLU B CA 1 
ATOM 800 C CA . MET B 1 337 ? -17.734 -3.547  9.881   1.00 0.00 ? 3252 MET B CA 1 
ATOM 801 C CA . PRO B 1 338 ? -15.921 -0.723  7.926   1.00 0.00 ? 3253 PRO B CA 1 
ATOM 802 C CA . TRP B 1 339 ? -15.525 -0.999  4.192   1.00 0.00 ? 3254 TRP B CA 1 
ATOM 803 C CA . ALA B 1 340 ? -14.428 1.148   1.264   1.00 0.00 ? 3255 ALA B CA 1 
ATOM 804 C CA . TYR B 1 341 ? -14.396 -0.056  -2.266  1.00 0.00 ? 3256 TYR B CA 1 
ATOM 805 C CA . GLU B 1 342 ? -10.888 -0.540  -3.332  1.00 0.00 ? 3257 GLU B CA 1 
ATOM 806 C CA . ARG B 1 343 ? -11.836 0.144   -6.987  1.00 0.00 ? 3258 ARG B CA 1 
ATOM 807 C CA . LEU B 1 344 ? -14.003 2.464   -9.049  1.00 0.00 ? 3259 LEU B CA 1 
ATOM 808 C CA . TYR B 1 345 ? -17.838 2.223   -9.221  1.00 0.00 ? 3260 TYR B CA 1 
ATOM 809 C CA . ARG B 1 346 ? -18.500 2.550   -12.902 1.00 0.00 ? 3261 ARG B CA 1 
ATOM 810 C CA . PHE B 1 347 ? -21.895 4.220   -13.421 1.00 0.00 ? 3262 PHE B CA 1 
ATOM 811 C CA . ASP B 1 348 ? -23.304 5.666   -16.659 1.00 0.00 ? 3263 ASP B CA 1 
ATOM 812 C CA . ILE B 1 349 ? -23.920 9.396   -17.224 1.00 0.00 ? 3264 ILE B CA 1 
ATOM 813 C CA . THR B 1 350 ? -23.504 9.128   -21.041 1.00 0.00 ? 3265 THR B CA 1 
ATOM 814 C CA . GLU B 1 351 ? -26.329 11.015  -22.741 1.00 0.00 ? 3266 GLU B CA 1 
ATOM 815 C CA . THR B 1 352 ? -27.364 12.878  -19.605 1.00 0.00 ? 3267 THR B CA 1 
ATOM 816 C CA . VAL B 1 353 ? -24.030 14.675  -20.050 1.00 0.00 ? 3268 VAL B CA 1 
ATOM 817 C CA . HIS B 1 354 ? -24.263 14.996  -23.809 1.00 0.00 ? 3269 HIS B CA 1 
ATOM 818 C CA . ASN B 1 355 ? -27.664 16.811  -23.584 1.00 0.00 ? 3270 ASN B CA 1 
ATOM 819 C CA . LEU B 1 356 ? -26.053 19.431  -21.327 1.00 0.00 ? 3271 LEU B CA 1 
ATOM 820 C CA . ASN B 1 357 ? -23.313 19.595  -24.045 1.00 0.00 ? 3272 ASN B CA 1 
ATOM 821 C CA . LEU B 1 358 ? -20.084 19.614  -21.979 1.00 0.00 ? 3273 LEU B CA 1 
ATOM 822 C CA . THR B 1 359 ? -16.956 17.352  -22.134 1.00 0.00 ? 3274 THR B CA 1 
ATOM 823 C CA . ASP B 1 360 ? -14.809 15.308  -19.754 1.00 0.00 ? 3275 ASP B CA 1 
ATOM 824 C CA . ASP B 1 361 ? -12.107 18.034  -20.138 1.00 0.00 ? 3276 ASP B CA 1 
ATOM 825 C CA . HIS B 1 362 ? -14.825 20.640  -19.945 1.00 0.00 ? 3277 HIS B CA 1 
ATOM 826 C CA . VAL B 1 363 ? -15.330 21.557  -16.422 1.00 0.00 ? 3278 VAL B CA 1 
ATOM 827 C CA . LYS B 1 364 ? -18.320 19.278  -16.099 1.00 0.00 ? 3279 LYS B CA 1 
ATOM 828 C CA . PHE B 1 365 ? -19.711 19.182  -12.499 1.00 0.00 ? 3280 PHE B CA 1 
ATOM 829 C CA . ARG B 1 366 ? -22.137 17.501  -10.248 1.00 0.00 ? 3281 ARG B CA 1 
ATOM 830 C CA . PHE B 1 367 ? -23.551 17.704  -6.668  1.00 0.00 ? 3282 PHE B CA 1 
ATOM 831 C CA . ASP B 1 368 ? -25.669 15.334  -4.659  1.00 0.00 ? 3283 ASP B CA 1 
ATOM 832 C CA . LEU B 1 369 ? -28.700 15.269  -2.270  1.00 0.00 ? 3284 LEU B CA 1 
ATOM 833 C CA . LYS B 1 370 ? -28.703 11.962  -0.414  1.00 0.00 ? 3285 LYS B CA 1 
ATOM 834 C CA . LYS B 1 371 ? -31.136 10.178  1.950   1.00 0.00 ? 3286 LYS B CA 1 
ATOM 835 C CA . TYR B 1 372 ? -31.235 7.379   4.536   1.00 0.00 ? 3287 TYR B CA 1 
ATOM 836 C CA . ASP B 1 373 ? -34.396 5.290   4.478   1.00 0.00 ? 3288 ASP B CA 1 
ATOM 837 C CA . HIS B 1 374 ? -36.212 8.485   5.328   1.00 0.00 ? 3289 HIS B CA 1 
ATOM 838 C CA . THR B 1 375 ? -34.289 11.612  6.365   1.00 0.00 ? 3290 THR B CA 1 
ATOM 839 C CA . GLU B 1 376 ? -31.700 14.119  5.126   1.00 0.00 ? 3291 GLU B CA 1 
ATOM 840 C CA . LEU B 1 377 ? -28.060 13.529  4.328   1.00 0.00 ? 3292 LEU B CA 1 
ATOM 841 C CA . ASP B 1 378 ? -24.351 14.164  4.811   1.00 0.00 ? 3293 ASP B CA 1 
ATOM 842 C CA . ALA B 1 379 ? -23.715 15.640  1.356   1.00 0.00 ? 3294 ALA B CA 1 
ATOM 843 C CA . SER B 1 380 ? -20.244 16.103  2.757   1.00 0.00 ? 3295 SER B CA 1 
ATOM 844 C CA . VAL B 1 381 ? -18.756 12.624  2.402   1.00 0.00 ? 3296 VAL B CA 1 
ATOM 845 C CA . LEU B 1 382 ? -19.654 12.297  -1.175  1.00 0.00 ? 3297 LEU B CA 1 
ATOM 846 C CA . PRO B 1 383 ? -16.683 11.805  -1.799  1.00 0.00 ? 3298 PRO B CA 1 
ATOM 847 C CA . ALA B 1 384 ? -16.025 13.932  -4.916  1.00 0.00 ? 3299 ALA B CA 1 
ATOM 848 C CA . PRO B 1 385 ? -16.560 12.052  -8.228  1.00 0.00 ? 3300 PRO B CA 1 
ATOM 849 C CA . ILE B 1 386 ? -13.973 10.814  -10.707 1.00 0.00 ? 3301 ILE B CA 1 
ATOM 850 C CA . ILE B 1 387 ? -14.855 10.657  -14.420 1.00 0.00 ? 3302 ILE B CA 1 
ATOM 851 C CA . VAL B 1 388 ? -14.007 7.921   -16.869 1.00 0.00 ? 3303 VAL B CA 1 
ATOM 852 C CA . ARG B 1 389 ? -14.490 7.918   -20.642 1.00 0.00 ? 3304 ARG B CA 1 
ATOM 853 C CA . ARG B 1 390 ? -15.454 4.621   -22.375 1.00 0.00 ? 3305 ARG B CA 1 
ATOM 854 C CA . PRO B 1 391 ? -14.728 5.397   -26.110 1.00 0.00 ? 3306 PRO B CA 1 
ATOM 855 C CA . ASN B 1 392 ? -15.791 3.102   -28.924 1.00 0.00 ? 3307 ASN B CA 1 
ATOM 856 C CA . ASN B 1 393 ? -14.861 -0.210  -27.317 1.00 0.00 ? 3308 ASN B CA 1 
ATOM 857 C CA . ALA B 1 394 ? -14.054 -1.293  -30.832 1.00 0.00 ? 3309 ALA B CA 1 
ATOM 858 C CA . VAL B 1 395 ? -11.205 1.385   -30.315 1.00 0.00 ? 3310 VAL B CA 1 
ATOM 859 C CA . PHE B 1 396 ? -9.891  0.626   -26.640 1.00 0.00 ? 3311 PHE B CA 1 
ATOM 860 C CA . ASP B 1 397 ? -10.855 -0.452  -23.081 1.00 0.00 ? 3312 ASP B CA 1 
ATOM 861 C CA . ILE B 1 398 ? -10.557 2.153   -20.181 1.00 0.00 ? 3313 ILE B CA 1 
ATOM 862 C CA . ILE B 1 399 ? -9.857  5.969   -19.681 1.00 0.00 ? 3314 ILE B CA 1 
ATOM 863 C CA . GLU B 1 400 ? -9.560  7.970   -16.395 1.00 0.00 ? 3315 GLU B CA 1 
ATOM 864 C CA . ILE B 1 401 ? -9.774  11.706  -15.401 1.00 0.00 ? 3316 ILE B CA 1 
ATOM 865 C CA . PRO B 1 402 ? -9.024  12.376  -11.586 1.00 0.00 ? 3317 PRO B CA 1 
ATOM 866 C CA . ILE B 1 403 ? -9.180  16.191  -11.447 1.00 0.00 ? 3318 ILE B CA 1 
ATOM 867 C CA . GLY B 1 404 ? -7.386  18.882  -9.484  1.00 0.00 ? 3319 GLY B CA 1 
ATOM 868 C CA . LYS B 1 405 ? -8.342  21.215  -6.494  1.00 0.00 ? 3320 LYS B CA 1 
ATOM 869 C CA . ASP B 1 406 ? -11.137 20.941  -3.781  1.00 0.00 ? 3321 ASP B CA 1 
ATOM 870 C CA . VAL B 1 407 ? -11.943 17.194  -4.188  1.00 0.00 ? 3322 VAL B CA 1 
ATOM 871 C CA . ASN B 1 408 ? -11.613 14.044  -2.048  1.00 0.00 ? 3323 ASN B CA 1 
ATOM 872 C CA . LEU B 1 409 ? -10.806 10.530  -3.306  1.00 0.00 ? 3324 LEU B CA 1 
ATOM 873 C CA . PRO B 1 410 ? -8.106  8.847   -1.221  1.00 0.00 ? 3325 PRO B CA 1 
ATOM 874 C CA . PRO B 1 411 ? -7.261  5.511   -2.941  1.00 0.00 ? 3326 PRO B CA 1 
ATOM 875 C CA . LYS B 1 412 ? -8.298  4.907   -6.546  1.00 0.00 ? 3327 LYS B CA 1 
ATOM 876 C CA . VAL B 1 413 ? -7.182  1.679   -8.057  1.00 0.00 ? 3328 VAL B CA 1 
ATOM 877 C CA . VAL B 1 414 ? -8.478  0.780   -11.521 1.00 0.00 ? 3329 VAL B CA 1 
ATOM 878 C CA . VAL B 1 415 ? -6.979  -2.202  -13.158 1.00 0.00 ? 3330 VAL B CA 1 
ATOM 879 C CA . LYS B 1 416 ? -6.234  -3.123  -16.729 1.00 0.00 ? 3331 LYS B CA 1 
ATOM 880 C CA . ARG B 1 417 ? -2.686  -3.389  -17.961 1.00 0.00 ? 3332 ARG B CA 1 
ATOM 881 C CA . GLY B 1 418 ? -3.549  -0.356  -20.033 1.00 0.00 ? 3333 GLY B CA 1 
ATOM 882 C CA . THR B 1 419 ? -6.037  1.924   -18.288 1.00 0.00 ? 3334 THR B CA 1 
ATOM 883 C CA . LYS B 1 420 ? -5.443  5.539   -19.404 1.00 0.00 ? 3335 LYS B CA 1 
ATOM 884 C CA . ILE B 1 421 ? -5.166  8.088   -16.600 1.00 0.00 ? 3336 ILE B CA 1 
ATOM 885 C CA . MET B 1 422 ? -5.403  11.953  -16.787 1.00 0.00 ? 3337 MET B CA 1 
ATOM 886 C CA . PHE B 1 423 ? -6.847  14.899  -14.843 1.00 0.00 ? 3338 PHE B CA 1 
ATOM 887 C CA . MET B 1 424 ? -9.363  17.778  -14.887 1.00 0.00 ? 3339 MET B CA 1 
ATOM 888 C CA . SER B 1 425 ? -8.238  21.397  -14.451 1.00 0.00 ? 3340 SER B CA 1 
ATOM 889 C CA . VAL B 1 426 ? -11.070 22.887  -12.512 1.00 0.00 ? 3341 VAL B CA 1 
ATOM 890 C CA . ASP B 1 427 ? -10.973 26.080  -10.395 1.00 0.00 ? 3342 ASP B CA 1 
ATOM 891 C CA . GLU B 1 428 ? -8.229  26.993  -12.775 1.00 0.00 ? 3343 GLU B CA 1 
ATOM 892 C CA . ALA B 1 429 ? -6.237  28.844  -10.038 1.00 0.00 ? 3344 ALA B CA 1 
ATOM 893 C CA . VAL B 1 430 ? -3.162  26.645  -10.864 1.00 0.00 ? 3345 VAL B CA 1 
ATOM 894 C CA . THR B 1 431 ? -1.832  25.154  -14.059 1.00 0.00 ? 3346 THR B CA 1 
ATOM 895 C CA . THR B 1 432 ? -1.526  21.432  -13.488 1.00 0.00 ? 3347 THR B CA 1 
ATOM 896 C CA . PRO B 1 433 ? 1.852   20.291  -12.348 1.00 0.00 ? 3348 PRO B CA 1 
ATOM 897 C CA . MET B 1 434 ? 0.876   17.017  -10.862 1.00 0.00 ? 3349 MET B CA 1 
ATOM 898 C CA . LEU B 1 435 ? 3.688   15.833  -8.551  1.00 0.00 ? 3350 LEU B CA 1 
ATOM 899 C CA . ASN B 1 436 ? 4.109   12.150  -8.591  1.00 0.00 ? 3351 ASN B CA 1 
ATOM 900 C CA . LEU B 1 437 ? 4.918   8.869   -7.099  1.00 0.00 ? 3352 LEU B CA 1 
ATOM 901 C CA . GLY B 1 438 ? 6.514   11.239  -4.643  1.00 0.00 ? 3353 GLY B CA 1 
ATOM 902 C CA . SER B 1 439 ? 8.370   8.108   -3.343  1.00 0.00 ? 3354 SER B CA 1 
ATOM 903 C CA . TYR B 1 440 ? 6.153   6.181   -0.930  1.00 0.00 ? 3355 TYR B CA 1 
ATOM 904 C CA . THR B 1 441 ? 3.335   6.801   1.463   1.00 0.00 ? 3356 THR B CA 1 
ATOM 905 C CA . ALA B 1 442 ? 5.662   8.454   3.881   1.00 0.00 ? 3357 ALA B CA 1 
ATOM 906 C CA . MET B 1 443 ? 5.899   11.452  1.536   1.00 0.00 ? 3358 MET B CA 1 
ATOM 907 C CA . PHE B 1 444 ? 2.758   10.478  -0.083  1.00 0.00 ? 3359 PHE B CA 1 
ATOM 908 C CA . LYS B 1 445 ? 1.085   12.093  2.963   1.00 0.00 ? 3360 LYS B CA 1 
ATOM 909 C CA . CYS B 1 446 ? 3.224   15.180  2.531   1.00 0.00 ? 3361 CYS B CA 1 
ATOM 910 C CA . LYS B 1 447 ? 6.437   16.832  1.649   1.00 0.00 ? 3362 LYS B CA 1 
ATOM 911 C CA . VAL B 1 448 ? 6.794   17.543  -2.057  1.00 0.00 ? 3363 VAL B CA 1 
ATOM 912 C CA . PRO B 1 449 ? 10.012  18.493  -3.829  1.00 0.00 ? 3364 PRO B CA 1 
ATOM 913 C CA . PRO B 1 450 ? 10.451  22.274  -4.539  1.00 0.00 ? 3365 PRO B CA 1 
ATOM 914 C CA . PHE B 1 451 ? 10.334  22.485  -8.348  1.00 0.00 ? 3366 PHE B CA 1 
ATOM 915 C CA . SER B 1 452 ? 11.999  19.151  -8.317  1.00 0.00 ? 3367 SER B CA 1 
ATOM 916 C CA . PHE B 1 453 ? 9.200   18.452  -10.748 1.00 0.00 ? 3368 PHE B CA 1 
ATOM 917 C CA . HIS B 1 454 ? 9.275   14.650  -10.621 1.00 0.00 ? 3369 HIS B CA 1 
ATOM 918 C CA . ALA B 1 455 ? 8.041   13.612  -14.023 1.00 0.00 ? 3370 ALA B CA 1 
ATOM 919 C CA . PHE B 1 456 ? 4.637   12.051  -14.676 1.00 0.00 ? 3371 PHE B CA 1 
ATOM 920 C CA . GLU B 1 457 ? 1.442   14.079  -15.010 1.00 0.00 ? 3372 GLU B CA 1 
ATOM 921 C CA . LEU B 1 458 ? 0.875   17.447  -16.743 1.00 0.00 ? 3373 LEU B CA 1 
ATOM 922 C CA . GLY B 1 459 ? -2.405  18.886  -18.051 1.00 0.00 ? 3374 GLY B CA 1 
ATOM 923 C CA . LYS B 1 460 ? -4.133  16.862  -20.819 1.00 0.00 ? 3375 LYS B CA 1 
ATOM 924 C CA . MET B 1 461 ? -2.261  13.542  -20.945 1.00 0.00 ? 3376 MET B CA 1 
ATOM 925 C CA . TYR B 1 462 ? -2.398  9.786   -20.582 1.00 0.00 ? 3377 TYR B CA 1 
ATOM 926 C CA . SER B 1 463 ? -0.376  6.759   -19.529 1.00 0.00 ? 3378 SER B CA 1 
ATOM 927 C CA . VAL B 1 464 ? -0.171  3.093   -20.406 1.00 0.00 ? 3379 VAL B CA 1 
ATOM 928 C CA . GLU B 1 465 ? 1.972   2.189   -17.363 1.00 0.00 ? 3380 GLU B CA 1 
ATOM 929 C CA . SER B 1 466 ? 1.375   -0.533  -14.779 1.00 0.00 ? 3381 SER B CA 1 
ATOM 930 C CA . GLY B 1 467 ? 2.357   -0.286  -11.127 1.00 0.00 ? 3382 GLY B CA 1 
ATOM 931 C CA . ASP B 1 468 ? 2.046   2.327   -8.231  1.00 0.00 ? 3383 ASP B CA 1 
ATOM 932 C CA . TYR B 1 469 ? 1.949   6.066   -8.786  1.00 0.00 ? 3384 TYR B CA 1 
ATOM 933 C CA . PHE B 1 470 ? 0.809   8.837   -6.648  1.00 0.00 ? 3385 PHE B CA 1 
ATOM 934 C CA . MET B 1 471 ? -0.626  12.140  -7.707  1.00 0.00 ? 3386 MET B CA 1 
ATOM 935 C CA . THR B 1 472 ? 0.370   15.163  -5.608  1.00 0.00 ? 3387 THR B CA 1 
ATOM 936 C CA . ALA B 1 473 ? -0.171  18.841  -6.082  1.00 0.00 ? 3388 ALA B CA 1 
ATOM 937 C CA . SER B 1 474 ? 3.105   20.565  -7.070  1.00 0.00 ? 3389 SER B CA 1 
ATOM 938 C CA . THR B 1 475 ? 3.390   22.913  -4.037  1.00 0.00 ? 3390 THR B CA 1 
ATOM 939 C CA . THR B 1 476 ? 3.718   21.965  -0.391  1.00 0.00 ? 3391 THR B CA 1 
ATOM 940 C CA . GLU B 1 477 ? 0.996   24.524  0.355   1.00 0.00 ? 3392 GLU B CA 1 
ATOM 941 C CA . LEU B 1 478 ? -1.365  22.957  -2.174  1.00 0.00 ? 3393 LEU B CA 1 
ATOM 942 C CA . CYS B 1 479 ? -0.860  19.598  -0.492  1.00 0.00 ? 3394 CYS B CA 1 
ATOM 943 C CA . ASN B 1 480 ? -2.533  20.713  2.806   1.00 0.00 ? 3395 ASN B CA 1 
ATOM 944 C CA . ASP B 1 481 ? -4.841  22.987  0.876   1.00 0.00 ? 3396 ASP B CA 1 
ATOM 945 C CA . ASN B 1 482 ? -6.858  20.013  -0.516  1.00 0.00 ? 3397 ASN B CA 1 
ATOM 946 C CA . ASN B 1 483 ? -5.016  16.854  -0.283  1.00 0.00 ? 3398 ASN B CA 1 
ATOM 947 C CA . LEU B 1 484 ? -4.071  16.088  -3.762  1.00 0.00 ? 3399 LEU B CA 1 
ATOM 948 C CA . ARG B 1 485 ? -3.142  12.642  -2.483  1.00 0.00 ? 3400 ARG B CA 1 
ATOM 949 C CA . ILE B 1 486 ? -4.503  10.089  -4.867  1.00 0.00 ? 3401 ILE B CA 1 
ATOM 950 C CA . HIS B 1 487 ? -2.641  6.800   -4.790  1.00 0.00 ? 3402 HIS B CA 1 
ATOM 951 C CA . VAL B 1 488 ? -3.449  5.023   -8.016  1.00 0.00 ? 3403 VAL B CA 1 
ATOM 952 C CA . HIS B 1 489 ? -2.689  1.307   -8.460  1.00 0.00 ? 3404 HIS B CA 1 
ATOM 953 C CA . VAL B 1 490 ? -2.810  -0.950  -11.497 1.00 0.00 ? 3405 VAL B CA 1 
ATOM 954 C CA . ASP B 1 491 ? -2.715  -4.837  -11.431 1.00 0.00 ? 3406 ASP B CA 1 
# 
loop_
_pdbx_poly_seq_scheme.asym_id 
_pdbx_poly_seq_scheme.entity_id 
_pdbx_poly_seq_scheme.seq_id 
_pdbx_poly_seq_scheme.mon_id 
_pdbx_poly_seq_scheme.ndb_seq_num 
_pdbx_poly_seq_scheme.pdb_seq_num 
_pdbx_poly_seq_scheme.auth_seq_num 
_pdbx_poly_seq_scheme.pdb_mon_id 
_pdbx_poly_seq_scheme.auth_mon_id 
_pdbx_poly_seq_scheme.pdb_strand_id 
_pdbx_poly_seq_scheme.pdb_ins_code 
_pdbx_poly_seq_scheme.hetero 
A 1 1   ILE 1   2916 2916 ILE ILE A . n 
A 1 2   LEU 2   2917 2917 LEU LEU A . n 
A 1 3   VAL 3   2918 2918 VAL VAL A . n 
A 1 4   ARG 4   2919 2919 ARG ARG A . n 
A 1 5   LYS 5   2920 2920 LYS LYS A . n 
A 1 6   ASN 6   2921 2921 ASN ASN A . n 
A 1 7   ILE 7   2922 2922 ILE ILE A . n 
A 1 8   HIS 8   2923 2923 HIS HIS A . n 
A 1 9   SER 9   2924 2924 SER SER A . n 
A 1 10  LEU 10  2925 2925 LEU LEU A . n 
A 1 11  SER 11  2926 2926 SER SER A . n 
A 1 12  HIS 12  2927 2927 HIS HIS A . n 
A 1 13  HIS 13  2928 2928 HIS HIS A . n 
A 1 14  GLU 14  2929 2929 GLU GLU A . n 
A 1 15  ALA 15  2930 2930 ALA ALA A . n 
A 1 16  GLU 16  2931 2931 GLU GLU A . n 
A 1 17  GLU 17  2932 2932 GLU GLU A . n 
A 1 18  LEU 18  2933 2933 LEU LEU A . n 
A 1 19  ARG 19  2934 2934 ARG ARG A . n 
A 1 20  ASP 20  2935 2935 ASP ASP A . n 
A 1 21  ALA 21  2936 2936 ALA ALA A . n 
A 1 22  LEU 22  2937 2937 LEU LEU A . n 
A 1 23  TYR 23  2938 2938 TYR TYR A . n 
A 1 24  LYS 24  2939 2939 LYS LYS A . n 
A 1 25  LEU 25  2940 2940 LEU LEU A . n 
A 1 26  GLN 26  2941 2941 GLN GLN A . n 
A 1 27  ASN 27  2942 2942 ASN ASN A . n 
A 1 28  ASP 28  2943 2943 ASP ASP A . n 
A 1 29  GLU 29  2944 2944 GLU GLU A . n 
A 1 30  SER 30  2945 2945 SER SER A . n 
A 1 31  HIS 31  2946 2946 HIS HIS A . n 
A 1 32  GLY 32  2947 2947 GLY GLY A . n 
A 1 33  GLY 33  2948 2948 GLY GLY A . n 
A 1 34  TYR 34  2949 2949 TYR TYR A . n 
A 1 35  GLU 35  2950 2950 GLU GLU A . n 
A 1 36  HIS 36  2951 2951 HIS HIS A . n 
A 1 37  ILE 37  2952 2952 ILE ILE A . n 
A 1 38  ALA 38  2953 2953 ALA ALA A . n 
A 1 39  GLY 39  2954 2954 GLY GLY A . n 
A 1 40  PHE 40  2955 2955 PHE PHE A . n 
A 1 41  HIS 41  2956 2956 HIS HIS A . n 
A 1 42  GLY 42  2957 2957 GLY GLY A . n 
A 1 43  TYR 43  2958 2958 TYR TYR A . n 
A 1 44  PRO 44  2959 2959 PRO PRO A . n 
A 1 45  ASN 45  2960 2960 ASN ASN A . n 
A 1 46  LEU 46  2961 2961 LEU LEU A . n 
A 1 47  CYS 47  2962 2962 CYS CYS A . n 
A 1 48  PRO 48  2963 2963 PRO PRO A . n 
A 1 49  GLU 49  2964 2964 GLU GLU A . n 
A 1 50  LYS 50  2965 2965 LYS LYS A . n 
A 1 51  GLY 51  2966 2966 GLY GLY A . n 
A 1 52  ASP 52  2967 2967 ASP ASP A . n 
A 1 53  GLU 53  2968 2968 GLU GLU A . n 
A 1 54  LYS 54  2969 2969 LYS LYS A . n 
A 1 55  TYR 55  2970 2970 TYR TYR A . n 
A 1 56  PRO 56  2971 2971 PRO PRO A . n 
A 1 57  CYS 57  2972 2972 CYS CYS A . n 
A 1 58  CYS 58  2973 2973 CYS CYS A . n 
A 1 59  VAL 59  2974 2974 VAL VAL A . n 
A 1 60  HIS 60  2975 2975 HIS HIS A . n 
A 1 61  GLY 61  2976 2976 GLY GLY A . n 
A 1 62  MET 62  2977 2977 MET MET A . n 
A 1 63  SER 63  2978 2978 SER SER A . n 
A 1 64  ILE 64  2979 2979 ILE ILE A . n 
A 1 65  PHE 65  2980 2980 PHE PHE A . n 
A 1 66  PRO 66  2981 2981 PRO PRO A . n 
A 1 67  HIS 67  2982 2982 HIS HIS A . n 
A 1 68  TRP 68  2983 2983 TRP TRP A . n 
A 1 69  HIS 69  2984 2984 HIS HIS A . n 
A 1 70  ARG 70  2985 2985 ARG ARG A . n 
A 1 71  LEU 71  2986 2986 LEU LEU A . n 
A 1 72  HIS 72  2987 2987 HIS HIS A . n 
A 1 73  THR 73  2988 2988 THR THR A . n 
A 1 74  ILE 74  2989 2989 ILE ILE A . n 
A 1 75  GLN 75  2990 2990 GLN GLN A . n 
A 1 76  PHE 76  2991 2991 PHE PHE A . n 
A 1 77  GLU 77  2992 2992 GLU GLU A . n 
A 1 78  ARG 78  2993 2993 ARG ARG A . n 
A 1 79  ALA 79  2994 2994 ALA ALA A . n 
A 1 80  LEU 80  2995 2995 LEU LEU A . n 
A 1 81  LYS 81  2996 2996 LYS LYS A . n 
A 1 82  LYS 82  2997 2997 LYS LYS A . n 
A 1 83  HIS 83  2998 2998 HIS HIS A . n 
A 1 84  GLY 84  2999 2999 GLY GLY A . n 
A 1 85  SER 85  3000 3000 SER SER A . n 
A 1 86  HIS 86  3001 3001 HIS HIS A . n 
A 1 87  LEU 87  3002 3002 LEU LEU A . n 
A 1 88  GLY 88  3003 3003 GLY GLY A . n 
A 1 89  ILE 89  3004 3004 ILE ILE A . n 
A 1 90  PRO 90  3005 3005 PRO PRO A . n 
A 1 91  TYR 91  3006 3006 TYR TYR A . n 
A 1 92  TRP 92  3007 3007 TRP TRP A . n 
A 1 93  ASP 93  3008 3008 ASP ASP A . n 
A 1 94  TRP 94  3009 3009 TRP TRP A . n 
A 1 95  THR 95  3010 3010 THR THR A . n 
A 1 96  GLN 96  3011 3011 GLN GLN A . n 
A 1 97  THR 97  3012 3012 THR THR A . n 
A 1 98  ILE 98  3013 3013 ILE ILE A . n 
A 1 99  SER 99  3014 3014 SER SER A . n 
A 1 100 SER 100 3015 3015 SER SER A . n 
A 1 101 LEU 101 3016 3016 LEU LEU A . n 
A 1 102 PRO 102 3017 3017 PRO PRO A . n 
A 1 103 THR 103 3018 3018 THR THR A . n 
A 1 104 PHE 104 3019 3019 PHE PHE A . n 
A 1 105 PHE 105 3020 3020 PHE PHE A . n 
A 1 106 ALA 106 3021 3021 ALA ALA A . n 
A 1 107 ASP 107 3022 3022 ASP ASP A . n 
A 1 108 SER 108 3023 3023 SER SER A . n 
A 1 109 GLY 109 3024 3024 GLY GLY A . n 
A 1 110 ASN 110 3025 3025 ASN ASN A . n 
A 1 111 ASN 111 3026 3026 ASN ASN A . n 
A 1 112 ASN 112 3027 3027 ASN ASN A . n 
A 1 113 PRO 113 3028 3028 PRO PRO A . n 
A 1 114 PHE 114 3029 3029 PHE PHE A . n 
A 1 115 PHE 115 3030 3030 PHE PHE A . n 
A 1 116 LYS 116 3031 3031 LYS LYS A . n 
A 1 117 TYR 117 3032 3032 TYR TYR A . n 
A 1 118 HIS 118 3033 3033 HIS HIS A . n 
A 1 119 ILE 119 3034 3034 ILE ILE A . n 
A 1 120 ARG 120 3035 3035 ARG ARG A . n 
A 1 121 SER 121 3036 3036 SER SER A . n 
A 1 122 ILE 122 3037 3037 ILE ILE A . n 
A 1 123 ASN 123 3038 3038 ASN ASN A . n 
A 1 124 GLN 124 3039 3039 GLN GLN A . n 
A 1 125 ASP 125 3040 3040 ASP ASP A . n 
A 1 126 THR 126 3041 3041 THR THR A . n 
A 1 127 VAL 127 3042 3042 VAL VAL A . n 
A 1 128 ARG 128 3043 3043 ARG ARG A . n 
A 1 129 ASP 129 3044 3044 ASP ASP A . n 
A 1 130 VAL 130 3045 3045 VAL VAL A . n 
A 1 131 ASN 131 3046 3046 ASN ASN A . n 
A 1 132 GLU 132 3047 3047 GLU GLU A . n 
A 1 133 ALA 133 3048 3048 ALA ALA A . n 
A 1 134 ILE 134 3049 3049 ILE ILE A . n 
A 1 135 PHE 135 3050 3050 PHE PHE A . n 
A 1 136 GLN 136 3051 ?    ?   ?   A . n 
A 1 137 GLN 137 3052 ?    ?   ?   A . n 
A 1 138 THR 138 3053 ?    ?   ?   A . n 
A 1 139 LYS 139 3054 ?    ?   ?   A . n 
A 1 140 PHE 140 3055 ?    ?   ?   A . n 
A 1 141 GLY 141 3056 ?    ?   ?   A . n 
A 1 142 GLU 142 3057 ?    ?   ?   A . n 
A 1 143 PHE 143 3058 3058 PHE PHE A . n 
A 1 144 SER 144 3059 3059 SER SER A . n 
A 1 145 SER 145 3060 3060 SER SER A . n 
A 1 146 ILE 146 3061 3061 ILE ILE A . n 
A 1 147 PHE 147 3062 3062 PHE PHE A . n 
A 1 148 TYR 148 3063 3063 TYR TYR A . n 
A 1 149 LEU 149 3064 3064 LEU LEU A . n 
A 1 150 ALA 150 3065 3065 ALA ALA A . n 
A 1 151 LEU 151 3066 3066 LEU LEU A . n 
A 1 152 GLN 152 3067 3067 GLN GLN A . n 
A 1 153 ALA 153 3068 3068 ALA ALA A . n 
A 1 154 LEU 154 3069 3069 LEU LEU A . n 
A 1 155 GLU 155 3070 3070 GLU GLU A . n 
A 1 156 GLU 156 3071 3071 GLU GLU A . n 
A 1 157 ASP 157 3072 3072 ASP ASP A . n 
A 1 158 ASN 158 3073 3073 ASN ASN A . n 
A 1 159 TYR 159 3074 3074 TYR TYR A . n 
A 1 160 CYS 160 3075 3075 CYS CYS A . n 
A 1 161 ASP 161 3076 3076 ASP ASP A . n 
A 1 162 PHE 162 3077 3077 PHE PHE A . n 
A 1 163 GLU 163 3078 3078 GLU GLU A . n 
A 1 164 VAL 164 3079 3079 VAL VAL A . n 
A 1 165 GLN 165 3080 3080 GLN GLN A . n 
A 1 166 TYR 166 3081 3081 TYR TYR A . n 
A 1 167 GLU 167 3082 3082 GLU GLU A . n 
A 1 168 ILE 168 3083 3083 ILE ILE A . n 
A 1 169 LEU 169 3084 3084 LEU LEU A . n 
A 1 170 HIS 170 3085 3085 HIS HIS A . n 
A 1 171 ASN 171 3086 3086 ASN ASN A . n 
A 1 172 GLU 172 3087 3087 GLU GLU A . n 
A 1 173 VAL 173 3088 3088 VAL VAL A . n 
A 1 174 HIS 174 3089 3089 HIS HIS A . n 
A 1 175 ALA 175 3090 3090 ALA ALA A . n 
A 1 176 LEU 176 3091 3091 LEU LEU A . n 
A 1 177 ILE 177 3092 3092 ILE ILE A . n 
A 1 178 GLY 178 3093 3093 GLY GLY A . n 
A 1 179 GLY 179 3094 3094 GLY GLY A . n 
A 1 180 ALA 180 3095 3095 ALA ALA A . n 
A 1 181 GLU 181 3096 3096 GLU GLU A . n 
A 1 182 LYS 182 3097 3097 LYS LYS A . n 
A 1 183 TYR 183 3098 3098 TYR TYR A . n 
A 1 184 SER 184 3099 3099 SER SER A . n 
A 1 185 MET 185 3100 3100 MET MET A . n 
A 1 186 SER 186 3101 3101 SER SER A . n 
A 1 187 THR 187 3102 3102 THR THR A . n 
A 1 188 LEU 188 3103 3103 LEU LEU A . n 
A 1 189 GLU 189 3104 3104 GLU GLU A . n 
A 1 190 TYR 190 3105 3105 TYR TYR A . n 
A 1 191 SER 191 3106 3106 SER SER A . n 
A 1 192 ALA 192 3107 3107 ALA ALA A . n 
A 1 193 PHE 193 3108 3108 PHE PHE A . n 
A 1 194 ASP 194 3109 3109 ASP ASP A . n 
A 1 195 PRO 195 3110 3110 PRO PRO A . n 
A 1 196 TYR 196 3111 3111 TYR TYR A . n 
A 1 197 PHE 197 3112 3112 PHE PHE A . n 
A 1 198 MET 198 3113 3113 MET MET A . n 
A 1 199 ILE 199 3114 3114 ILE ILE A . n 
A 1 200 HIS 200 3115 3115 HIS HIS A . n 
A 1 201 HIS 201 3116 3116 HIS HIS A . n 
A 1 202 ALA 202 3117 3117 ALA ALA A . n 
A 1 203 SER 203 3118 3118 SER SER A . n 
A 1 204 LEU 204 3119 3119 LEU LEU A . n 
A 1 205 ASP 205 3120 3120 ASP ASP A . n 
A 1 206 LYS 206 3121 3121 LYS LYS A . n 
A 1 207 ILE 207 3122 3122 ILE ILE A . n 
A 1 208 TRP 208 3123 3123 TRP TRP A . n 
A 1 209 ILE 209 3124 3124 ILE ILE A . n 
A 1 210 ILE 210 3125 3125 ILE ILE A . n 
A 1 211 TRP 211 3126 3126 TRP TRP A . n 
A 1 212 GLN 212 3127 3127 GLN GLN A . n 
A 1 213 GLU 213 3128 3128 GLU GLU A . n 
A 1 214 LEU 214 3129 3129 LEU LEU A . n 
A 1 215 GLN 215 3130 3130 GLN GLN A . n 
A 1 216 LYS 216 3131 3131 LYS LYS A . n 
A 1 217 ARG 217 3132 3132 ARG ARG A . n 
A 1 218 ARG 218 3133 3133 ARG ARG A . n 
A 1 219 VAL 219 3134 3134 VAL VAL A . n 
A 1 220 LYS 220 3135 3135 LYS LYS A . n 
A 1 221 PRO 221 3136 ?    ?   ?   A . n 
A 1 222 ALA 222 3137 ?    ?   ?   A . n 
A 1 223 HIS 223 3138 ?    ?   ?   A . n 
A 1 224 ALA 224 3139 ?    ?   ?   A . n 
A 1 225 GLY 225 3140 ?    ?   ?   A . n 
A 1 226 SER 226 3141 3141 SER SER A . n 
A 1 227 CYS 227 3142 3142 CYS CYS A . n 
A 1 228 ALA 228 3143 3143 ALA ALA A . n 
A 1 229 GLY 229 3144 3144 GLY GLY A . n 
A 1 230 ASP 230 3145 3145 ASP ASP A . n 
A 1 231 ILE 231 3146 3146 ILE ILE A . n 
A 1 232 MET 232 3147 3147 MET MET A . n 
A 1 233 HIS 233 3148 3148 HIS HIS A . n 
A 1 234 VAL 234 3149 3149 VAL VAL A . n 
A 1 235 PRO 235 3150 3150 PRO PRO A . n 
A 1 236 LEU 236 3151 3151 LEU LEU A . n 
A 1 237 HIS 237 3152 3152 HIS HIS A . n 
A 1 238 PRO 238 3153 3153 PRO PRO A . n 
A 1 239 PHE 239 3154 3154 PHE PHE A . n 
A 1 240 ASN 240 3155 3155 ASN ASN A . n 
A 1 241 TYR 241 3156 3156 TYR TYR A . n 
A 1 242 GLU 242 3157 3157 GLU GLU A . n 
A 1 243 SER 243 3158 3158 SER SER A . n 
A 1 244 VAL 244 3159 3159 VAL VAL A . n 
A 1 245 ASN 245 3160 3160 ASN ASN A . n 
A 1 246 ASN 246 3161 3161 ASN ASN A . n 
A 1 247 ASP 247 3162 3162 ASP ASP A . n 
A 1 248 ASP 248 3163 3163 ASP ASP A . n 
A 1 249 PHE 249 3164 3164 PHE PHE A . n 
A 1 250 THR 250 3165 3165 THR THR A . n 
A 1 251 ARG 251 3166 3166 ARG ARG A . n 
A 1 252 GLU 252 3167 3167 GLU GLU A . n 
A 1 253 ASN 253 3168 3168 ASN ASN A . n 
A 1 254 SER 254 3169 3169 SER SER A . n 
A 1 255 LEU 255 3170 3170 LEU LEU A . n 
A 1 256 PRO 256 3171 3171 PRO PRO A . n 
A 1 257 ASN 257 3172 3172 ASN ASN A . n 
A 1 258 ALA 258 3173 3173 ALA ALA A . n 
A 1 259 VAL 259 3174 3174 VAL VAL A . n 
A 1 260 VAL 260 3175 3175 VAL VAL A . n 
A 1 261 ASP 261 3176 3176 ASP ASP A . n 
A 1 262 SER 262 3177 3177 SER SER A . n 
A 1 263 HIS 263 3178 3178 HIS HIS A . n 
A 1 264 ARG 264 3179 3179 ARG ARG A . n 
A 1 265 PHE 265 3180 3180 PHE PHE A . n 
A 1 266 ASN 266 3181 3181 ASN ASN A . n 
A 1 267 TYR 267 3182 3182 TYR TYR A . n 
A 1 268 LYS 268 3183 3183 LYS LYS A . n 
A 1 269 TYR 269 3184 3184 TYR TYR A . n 
A 1 270 ASP 270 3185 3185 ASP ASP A . n 
A 1 271 ASN 271 3186 3186 ASN ASN A . n 
A 1 272 LEU 272 3187 3187 LEU LEU A . n 
A 1 273 ASN 273 3188 3188 ASN ASN A . n 
A 1 274 LEU 274 3189 3189 LEU LEU A . n 
A 1 275 HIS 275 3190 3190 HIS HIS A . n 
A 1 276 GLY 276 3191 3191 GLY GLY A . n 
A 1 277 HIS 277 3192 3192 HIS HIS A . n 
A 1 278 ASN 278 3193 3193 ASN ASN A . n 
A 1 279 ILE 279 3194 3194 ILE ILE A . n 
A 1 280 GLU 280 3195 3195 GLU GLU A . n 
A 1 281 GLU 281 3196 3196 GLU GLU A . n 
A 1 282 LEU 282 3197 3197 LEU LEU A . n 
A 1 283 GLU 283 3198 3198 GLU GLU A . n 
A 1 284 GLU 284 3199 3199 GLU GLU A . n 
A 1 285 VAL 285 3200 3200 VAL VAL A . n 
A 1 286 LEU 286 3201 3201 LEU LEU A . n 
A 1 287 ARG 287 3202 3202 ARG ARG A . n 
A 1 288 SER 288 3203 3203 SER SER A . n 
A 1 289 LEU 289 3204 3204 LEU LEU A . n 
A 1 290 ARG 290 3205 3205 ARG ARG A . n 
A 1 291 LEU 291 3206 3206 LEU LEU A . n 
A 1 292 LYS 292 3207 3207 LYS LYS A . n 
A 1 293 SER 293 3208 3208 SER SER A . n 
A 1 294 ARG 294 3209 3209 ARG ARG A . n 
A 1 295 VAL 295 3210 3210 VAL VAL A . n 
A 1 296 PHE 296 3211 3211 PHE PHE A . n 
A 1 297 ALA 297 3212 3212 ALA ALA A . n 
A 1 298 GLY 298 3213 3213 GLY GLY A . n 
A 1 299 PHE 299 3214 3214 PHE PHE A . n 
A 1 300 VAL 300 3215 3215 VAL VAL A . n 
A 1 301 LEU 301 3216 3216 LEU LEU A . n 
A 1 302 SER 302 3217 3217 SER SER A . n 
A 1 303 GLY 303 3218 3218 GLY GLY A . n 
A 1 304 ILE 304 3219 3219 ILE ILE A . n 
A 1 305 ARG 305 3220 3220 ARG ARG A . n 
A 1 306 THR 306 3221 3221 THR THR A . n 
A 1 307 THR 307 3222 3222 THR THR A . n 
A 1 308 ALA 308 3223 3223 ALA ALA A . n 
A 1 309 VAL 309 3224 3224 VAL VAL A . n 
A 1 310 VAL 310 3225 3225 VAL VAL A . n 
A 1 311 LYS 311 3226 3226 LYS LYS A . n 
A 1 312 VAL 312 3227 3227 VAL VAL A . n 
A 1 313 TYR 313 3228 3228 TYR TYR A . n 
A 1 314 ILE 314 3229 3229 ILE ILE A . n 
A 1 315 LYS 315 3230 3230 LYS LYS A . n 
A 1 316 SER 316 3231 3231 SER SER A . n 
A 1 317 GLY 317 3232 3232 GLY GLY A . n 
A 1 318 THR 318 3233 3233 THR THR A . n 
A 1 319 ASP 319 3234 3234 ASP ASP A . n 
A 1 320 SER 320 3235 3235 SER SER A . n 
A 1 321 ASP 321 3236 3236 ASP ASP A . n 
A 1 322 ASP 322 3237 3237 ASP ASP A . n 
A 1 323 GLU 323 3238 3238 GLU GLU A . n 
A 1 324 TYR 324 3239 3239 TYR TYR A . n 
A 1 325 ALA 325 3240 3240 ALA ALA A . n 
A 1 326 GLY 326 3241 3241 GLY GLY A . n 
A 1 327 SER 327 3242 3242 SER SER A . n 
A 1 328 PHE 328 3243 3243 PHE PHE A . n 
A 1 329 VAL 329 3244 3244 VAL VAL A . n 
A 1 330 ILE 330 3245 3245 ILE ILE A . n 
A 1 331 LEU 331 3246 3246 LEU LEU A . n 
A 1 332 GLY 332 3247 3247 GLY GLY A . n 
A 1 333 GLY 333 3248 3248 GLY GLY A . n 
A 1 334 ALA 334 3249 3249 ALA ALA A . n 
A 1 335 LYS 335 3250 3250 LYS LYS A . n 
A 1 336 GLU 336 3251 3251 GLU GLU A . n 
A 1 337 MET 337 3252 3252 MET MET A . n 
A 1 338 PRO 338 3253 3253 PRO PRO A . n 
A 1 339 TRP 339 3254 3254 TRP TRP A . n 
A 1 340 ALA 340 3255 3255 ALA ALA A . n 
A 1 341 TYR 341 3256 3256 TYR TYR A . n 
A 1 342 GLU 342 3257 3257 GLU GLU A . n 
A 1 343 ARG 343 3258 3258 ARG ARG A . n 
A 1 344 LEU 344 3259 3259 LEU LEU A . n 
A 1 345 TYR 345 3260 3260 TYR TYR A . n 
A 1 346 ARG 346 3261 3261 ARG ARG A . n 
A 1 347 PHE 347 3262 3262 PHE PHE A . n 
A 1 348 ASP 348 3263 3263 ASP ASP A . n 
A 1 349 ILE 349 3264 3264 ILE ILE A . n 
A 1 350 THR 350 3265 3265 THR THR A . n 
A 1 351 GLU 351 3266 3266 GLU GLU A . n 
A 1 352 THR 352 3267 3267 THR THR A . n 
A 1 353 VAL 353 3268 3268 VAL VAL A . n 
A 1 354 HIS 354 3269 3269 HIS HIS A . n 
A 1 355 ASN 355 3270 3270 ASN ASN A . n 
A 1 356 LEU 356 3271 3271 LEU LEU A . n 
A 1 357 ASN 357 3272 3272 ASN ASN A . n 
A 1 358 LEU 358 3273 3273 LEU LEU A . n 
A 1 359 THR 359 3274 3274 THR THR A . n 
A 1 360 ASP 360 3275 3275 ASP ASP A . n 
A 1 361 ASP 361 3276 3276 ASP ASP A . n 
A 1 362 HIS 362 3277 3277 HIS HIS A . n 
A 1 363 VAL 363 3278 3278 VAL VAL A . n 
A 1 364 LYS 364 3279 3279 LYS LYS A . n 
A 1 365 PHE 365 3280 3280 PHE PHE A . n 
A 1 366 ARG 366 3281 3281 ARG ARG A . n 
A 1 367 PHE 367 3282 3282 PHE PHE A . n 
A 1 368 ASP 368 3283 3283 ASP ASP A . n 
A 1 369 LEU 369 3284 3284 LEU LEU A . n 
A 1 370 LYS 370 3285 3285 LYS LYS A . n 
A 1 371 LYS 371 3286 3286 LYS LYS A . n 
A 1 372 TYR 372 3287 3287 TYR TYR A . n 
A 1 373 ASP 373 3288 3288 ASP ASP A . n 
A 1 374 HIS 374 3289 3289 HIS HIS A . n 
A 1 375 THR 375 3290 3290 THR THR A . n 
A 1 376 GLU 376 3291 3291 GLU GLU A . n 
A 1 377 LEU 377 3292 3292 LEU LEU A . n 
A 1 378 ASP 378 3293 3293 ASP ASP A . n 
A 1 379 ALA 379 3294 3294 ALA ALA A . n 
A 1 380 SER 380 3295 3295 SER SER A . n 
A 1 381 VAL 381 3296 3296 VAL VAL A . n 
A 1 382 LEU 382 3297 3297 LEU LEU A . n 
A 1 383 PRO 383 3298 3298 PRO PRO A . n 
A 1 384 ALA 384 3299 3299 ALA ALA A . n 
A 1 385 PRO 385 3300 3300 PRO PRO A . n 
A 1 386 ILE 386 3301 3301 ILE ILE A . n 
A 1 387 ILE 387 3302 3302 ILE ILE A . n 
A 1 388 VAL 388 3303 3303 VAL VAL A . n 
A 1 389 ARG 389 3304 3304 ARG ARG A . n 
A 1 390 ARG 390 3305 3305 ARG ARG A . n 
A 1 391 PRO 391 3306 3306 PRO PRO A . n 
A 1 392 ASN 392 3307 3307 ASN ASN A . n 
A 1 393 ASN 393 3308 3308 ASN ASN A . n 
A 1 394 ALA 394 3309 3309 ALA ALA A . n 
A 1 395 VAL 395 3310 3310 VAL VAL A . n 
A 1 396 PHE 396 3311 3311 PHE PHE A . n 
A 1 397 ASP 397 3312 3312 ASP ASP A . n 
A 1 398 ILE 398 3313 3313 ILE ILE A . n 
A 1 399 ILE 399 3314 3314 ILE ILE A . n 
A 1 400 GLU 400 3315 3315 GLU GLU A . n 
A 1 401 ILE 401 3316 3316 ILE ILE A . n 
A 1 402 PRO 402 3317 3317 PRO PRO A . n 
A 1 403 ILE 403 3318 3318 ILE ILE A . n 
A 1 404 GLY 404 3319 3319 GLY GLY A . n 
A 1 405 LYS 405 3320 3320 LYS LYS A . n 
A 1 406 ASP 406 3321 3321 ASP ASP A . n 
A 1 407 VAL 407 3322 3322 VAL VAL A . n 
A 1 408 ASN 408 3323 3323 ASN ASN A . n 
A 1 409 LEU 409 3324 3324 LEU LEU A . n 
A 1 410 PRO 410 3325 3325 PRO PRO A . n 
A 1 411 PRO 411 3326 3326 PRO PRO A . n 
A 1 412 LYS 412 3327 3327 LYS LYS A . n 
A 1 413 VAL 413 3328 3328 VAL VAL A . n 
A 1 414 VAL 414 3329 3329 VAL VAL A . n 
A 1 415 VAL 415 3330 3330 VAL VAL A . n 
A 1 416 LYS 416 3331 3331 LYS LYS A . n 
A 1 417 ARG 417 3332 3332 ARG ARG A . n 
A 1 418 GLY 418 3333 3333 GLY GLY A . n 
A 1 419 THR 419 3334 3334 THR THR A . n 
A 1 420 LYS 420 3335 3335 LYS LYS A . n 
A 1 421 ILE 421 3336 3336 ILE ILE A . n 
A 1 422 MET 422 3337 3337 MET MET A . n 
A 1 423 PHE 423 3338 3338 PHE PHE A . n 
A 1 424 MET 424 3339 3339 MET MET A . n 
A 1 425 SER 425 3340 3340 SER SER A . n 
A 1 426 VAL 426 3341 3341 VAL VAL A . n 
A 1 427 ASP 427 3342 3342 ASP ASP A . n 
A 1 428 GLU 428 3343 3343 GLU GLU A . n 
A 1 429 ALA 429 3344 3344 ALA ALA A . n 
A 1 430 VAL 430 3345 3345 VAL VAL A . n 
A 1 431 THR 431 3346 3346 THR THR A . n 
A 1 432 THR 432 3347 3347 THR THR A . n 
A 1 433 PRO 433 3348 3348 PRO PRO A . n 
A 1 434 MET 434 3349 3349 MET MET A . n 
A 1 435 LEU 435 3350 3350 LEU LEU A . n 
A 1 436 ASN 436 3351 3351 ASN ASN A . n 
A 1 437 LEU 437 3352 3352 LEU LEU A . n 
A 1 438 GLY 438 3353 3353 GLY GLY A . n 
A 1 439 SER 439 3354 3354 SER SER A . n 
A 1 440 TYR 440 3355 3355 TYR TYR A . n 
A 1 441 THR 441 3356 3356 THR THR A . n 
A 1 442 ALA 442 3357 3357 ALA ALA A . n 
A 1 443 MET 443 3358 3358 MET MET A . n 
A 1 444 PHE 444 3359 3359 PHE PHE A . n 
A 1 445 LYS 445 3360 3360 LYS LYS A . n 
A 1 446 CYS 446 3361 3361 CYS CYS A . n 
A 1 447 LYS 447 3362 3362 LYS LYS A . n 
A 1 448 VAL 448 3363 3363 VAL VAL A . n 
A 1 449 PRO 449 3364 3364 PRO PRO A . n 
A 1 450 PRO 450 3365 3365 PRO PRO A . n 
A 1 451 PHE 451 3366 3366 PHE PHE A . n 
A 1 452 SER 452 3367 3367 SER SER A . n 
A 1 453 PHE 453 3368 3368 PHE PHE A . n 
A 1 454 HIS 454 3369 3369 HIS HIS A . n 
A 1 455 ALA 455 3370 3370 ALA ALA A . n 
A 1 456 PHE 456 3371 3371 PHE PHE A . n 
A 1 457 GLU 457 3372 3372 GLU GLU A . n 
A 1 458 LEU 458 3373 3373 LEU LEU A . n 
A 1 459 GLY 459 3374 3374 GLY GLY A . n 
A 1 460 LYS 460 3375 3375 LYS LYS A . n 
A 1 461 MET 461 3376 3376 MET MET A . n 
A 1 462 TYR 462 3377 3377 TYR TYR A . n 
A 1 463 SER 463 3378 3378 SER SER A . n 
A 1 464 VAL 464 3379 3379 VAL VAL A . n 
A 1 465 GLU 465 3380 3380 GLU GLU A . n 
A 1 466 SER 466 3381 3381 SER SER A . n 
A 1 467 GLY 467 3382 3382 GLY GLY A . n 
A 1 468 ASP 468 3383 3383 ASP ASP A . n 
A 1 469 TYR 469 3384 3384 TYR TYR A . n 
A 1 470 PHE 470 3385 3385 PHE PHE A . n 
A 1 471 MET 471 3386 3386 MET MET A . n 
A 1 472 THR 472 3387 3387 THR THR A . n 
A 1 473 ALA 473 3388 3388 ALA ALA A . n 
A 1 474 SER 474 3389 3389 SER SER A . n 
A 1 475 THR 475 3390 3390 THR THR A . n 
A 1 476 THR 476 3391 3391 THR THR A . n 
A 1 477 GLU 477 3392 3392 GLU GLU A . n 
A 1 478 LEU 478 3393 3393 LEU LEU A . n 
A 1 479 CYS 479 3394 3394 CYS CYS A . n 
A 1 480 ASN 480 3395 3395 ASN ASN A . n 
A 1 481 ASP 481 3396 3396 ASP ASP A . n 
A 1 482 ASN 482 3397 3397 ASN ASN A . n 
A 1 483 ASN 483 3398 3398 ASN ASN A . n 
A 1 484 LEU 484 3399 3399 LEU LEU A . n 
A 1 485 ARG 485 3400 3400 ARG ARG A . n 
A 1 486 ILE 486 3401 3401 ILE ILE A . n 
A 1 487 HIS 487 3402 3402 HIS HIS A . n 
A 1 488 VAL 488 3403 3403 VAL VAL A . n 
A 1 489 HIS 489 3404 3404 HIS HIS A . n 
A 1 490 VAL 490 3405 3405 VAL VAL A . n 
A 1 491 ASP 491 3406 3406 ASP ASP A . n 
B 1 1   ILE 1   2916 2916 ILE ILE B . n 
B 1 2   LEU 2   2917 2917 LEU LEU B . n 
B 1 3   VAL 3   2918 2918 VAL VAL B . n 
B 1 4   ARG 4   2919 2919 ARG ARG B . n 
B 1 5   LYS 5   2920 2920 LYS LYS B . n 
B 1 6   ASN 6   2921 2921 ASN ASN B . n 
B 1 7   ILE 7   2922 2922 ILE ILE B . n 
B 1 8   HIS 8   2923 2923 HIS HIS B . n 
B 1 9   SER 9   2924 2924 SER SER B . n 
B 1 10  LEU 10  2925 2925 LEU LEU B . n 
B 1 11  SER 11  2926 2926 SER SER B . n 
B 1 12  HIS 12  2927 2927 HIS HIS B . n 
B 1 13  HIS 13  2928 2928 HIS HIS B . n 
B 1 14  GLU 14  2929 2929 GLU GLU B . n 
B 1 15  ALA 15  2930 2930 ALA ALA B . n 
B 1 16  GLU 16  2931 2931 GLU GLU B . n 
B 1 17  GLU 17  2932 2932 GLU GLU B . n 
B 1 18  LEU 18  2933 2933 LEU LEU B . n 
B 1 19  ARG 19  2934 2934 ARG ARG B . n 
B 1 20  ASP 20  2935 2935 ASP ASP B . n 
B 1 21  ALA 21  2936 2936 ALA ALA B . n 
B 1 22  LEU 22  2937 2937 LEU LEU B . n 
B 1 23  TYR 23  2938 2938 TYR TYR B . n 
B 1 24  LYS 24  2939 2939 LYS LYS B . n 
B 1 25  LEU 25  2940 2940 LEU LEU B . n 
B 1 26  GLN 26  2941 2941 GLN GLN B . n 
B 1 27  ASN 27  2942 2942 ASN ASN B . n 
B 1 28  ASP 28  2943 2943 ASP ASP B . n 
B 1 29  GLU 29  2944 2944 GLU GLU B . n 
B 1 30  SER 30  2945 2945 SER SER B . n 
B 1 31  HIS 31  2946 2946 HIS HIS B . n 
B 1 32  GLY 32  2947 2947 GLY GLY B . n 
B 1 33  GLY 33  2948 2948 GLY GLY B . n 
B 1 34  TYR 34  2949 2949 TYR TYR B . n 
B 1 35  GLU 35  2950 2950 GLU GLU B . n 
B 1 36  HIS 36  2951 2951 HIS HIS B . n 
B 1 37  ILE 37  2952 2952 ILE ILE B . n 
B 1 38  ALA 38  2953 2953 ALA ALA B . n 
B 1 39  GLY 39  2954 2954 GLY GLY B . n 
B 1 40  PHE 40  2955 2955 PHE PHE B . n 
B 1 41  HIS 41  2956 2956 HIS HIS B . n 
B 1 42  GLY 42  2957 2957 GLY GLY B . n 
B 1 43  TYR 43  2958 2958 TYR TYR B . n 
B 1 44  PRO 44  2959 2959 PRO PRO B . n 
B 1 45  ASN 45  2960 2960 ASN ASN B . n 
B 1 46  LEU 46  2961 2961 LEU LEU B . n 
B 1 47  CYS 47  2962 2962 CYS CYS B . n 
B 1 48  PRO 48  2963 2963 PRO PRO B . n 
B 1 49  GLU 49  2964 2964 GLU GLU B . n 
B 1 50  LYS 50  2965 2965 LYS LYS B . n 
B 1 51  GLY 51  2966 2966 GLY GLY B . n 
B 1 52  ASP 52  2967 2967 ASP ASP B . n 
B 1 53  GLU 53  2968 2968 GLU GLU B . n 
B 1 54  LYS 54  2969 2969 LYS LYS B . n 
B 1 55  TYR 55  2970 2970 TYR TYR B . n 
B 1 56  PRO 56  2971 2971 PRO PRO B . n 
B 1 57  CYS 57  2972 2972 CYS CYS B . n 
B 1 58  CYS 58  2973 2973 CYS CYS B . n 
B 1 59  VAL 59  2974 2974 VAL VAL B . n 
B 1 60  HIS 60  2975 2975 HIS HIS B . n 
B 1 61  GLY 61  2976 2976 GLY GLY B . n 
B 1 62  MET 62  2977 2977 MET MET B . n 
B 1 63  SER 63  2978 2978 SER SER B . n 
B 1 64  ILE 64  2979 2979 ILE ILE B . n 
B 1 65  PHE 65  2980 2980 PHE PHE B . n 
B 1 66  PRO 66  2981 2981 PRO PRO B . n 
B 1 67  HIS 67  2982 2982 HIS HIS B . n 
B 1 68  TRP 68  2983 2983 TRP TRP B . n 
B 1 69  HIS 69  2984 2984 HIS HIS B . n 
B 1 70  ARG 70  2985 2985 ARG ARG B . n 
B 1 71  LEU 71  2986 2986 LEU LEU B . n 
B 1 72  HIS 72  2987 2987 HIS HIS B . n 
B 1 73  THR 73  2988 2988 THR THR B . n 
B 1 74  ILE 74  2989 2989 ILE ILE B . n 
B 1 75  GLN 75  2990 2990 GLN GLN B . n 
B 1 76  PHE 76  2991 2991 PHE PHE B . n 
B 1 77  GLU 77  2992 2992 GLU GLU B . n 
B 1 78  ARG 78  2993 2993 ARG ARG B . n 
B 1 79  ALA 79  2994 2994 ALA ALA B . n 
B 1 80  LEU 80  2995 2995 LEU LEU B . n 
B 1 81  LYS 81  2996 2996 LYS LYS B . n 
B 1 82  LYS 82  2997 2997 LYS LYS B . n 
B 1 83  HIS 83  2998 2998 HIS HIS B . n 
B 1 84  GLY 84  2999 2999 GLY GLY B . n 
B 1 85  SER 85  3000 3000 SER SER B . n 
B 1 86  HIS 86  3001 3001 HIS HIS B . n 
B 1 87  LEU 87  3002 3002 LEU LEU B . n 
B 1 88  GLY 88  3003 3003 GLY GLY B . n 
B 1 89  ILE 89  3004 3004 ILE ILE B . n 
B 1 90  PRO 90  3005 3005 PRO PRO B . n 
B 1 91  TYR 91  3006 3006 TYR TYR B . n 
B 1 92  TRP 92  3007 3007 TRP TRP B . n 
B 1 93  ASP 93  3008 3008 ASP ASP B . n 
B 1 94  TRP 94  3009 3009 TRP TRP B . n 
B 1 95  THR 95  3010 3010 THR THR B . n 
B 1 96  GLN 96  3011 3011 GLN GLN B . n 
B 1 97  THR 97  3012 3012 THR THR B . n 
B 1 98  ILE 98  3013 3013 ILE ILE B . n 
B 1 99  SER 99  3014 3014 SER SER B . n 
B 1 100 SER 100 3015 3015 SER SER B . n 
B 1 101 LEU 101 3016 3016 LEU LEU B . n 
B 1 102 PRO 102 3017 3017 PRO PRO B . n 
B 1 103 THR 103 3018 3018 THR THR B . n 
B 1 104 PHE 104 3019 3019 PHE PHE B . n 
B 1 105 PHE 105 3020 3020 PHE PHE B . n 
B 1 106 ALA 106 3021 3021 ALA ALA B . n 
B 1 107 ASP 107 3022 3022 ASP ASP B . n 
B 1 108 SER 108 3023 3023 SER SER B . n 
B 1 109 GLY 109 3024 3024 GLY GLY B . n 
B 1 110 ASN 110 3025 3025 ASN ASN B . n 
B 1 111 ASN 111 3026 3026 ASN ASN B . n 
B 1 112 ASN 112 3027 3027 ASN ASN B . n 
B 1 113 PRO 113 3028 3028 PRO PRO B . n 
B 1 114 PHE 114 3029 3029 PHE PHE B . n 
B 1 115 PHE 115 3030 3030 PHE PHE B . n 
B 1 116 LYS 116 3031 3031 LYS LYS B . n 
B 1 117 TYR 117 3032 3032 TYR TYR B . n 
B 1 118 HIS 118 3033 3033 HIS HIS B . n 
B 1 119 ILE 119 3034 3034 ILE ILE B . n 
B 1 120 ARG 120 3035 3035 ARG ARG B . n 
B 1 121 SER 121 3036 3036 SER SER B . n 
B 1 122 ILE 122 3037 3037 ILE ILE B . n 
B 1 123 ASN 123 3038 3038 ASN ASN B . n 
B 1 124 GLN 124 3039 3039 GLN GLN B . n 
B 1 125 ASP 125 3040 3040 ASP ASP B . n 
B 1 126 THR 126 3041 3041 THR THR B . n 
B 1 127 VAL 127 3042 3042 VAL VAL B . n 
B 1 128 ARG 128 3043 3043 ARG ARG B . n 
B 1 129 ASP 129 3044 3044 ASP ASP B . n 
B 1 130 VAL 130 3045 3045 VAL VAL B . n 
B 1 131 ASN 131 3046 3046 ASN ASN B . n 
B 1 132 GLU 132 3047 3047 GLU GLU B . n 
B 1 133 ALA 133 3048 3048 ALA ALA B . n 
B 1 134 ILE 134 3049 3049 ILE ILE B . n 
B 1 135 PHE 135 3050 3050 PHE PHE B . n 
B 1 136 GLN 136 3051 ?    ?   ?   B . n 
B 1 137 GLN 137 3052 ?    ?   ?   B . n 
B 1 138 THR 138 3053 ?    ?   ?   B . n 
B 1 139 LYS 139 3054 ?    ?   ?   B . n 
B 1 140 PHE 140 3055 ?    ?   ?   B . n 
B 1 141 GLY 141 3056 ?    ?   ?   B . n 
B 1 142 GLU 142 3057 ?    ?   ?   B . n 
B 1 143 PHE 143 3058 3058 PHE PHE B . n 
B 1 144 SER 144 3059 3059 SER SER B . n 
B 1 145 SER 145 3060 3060 SER SER B . n 
B 1 146 ILE 146 3061 3061 ILE ILE B . n 
B 1 147 PHE 147 3062 3062 PHE PHE B . n 
B 1 148 TYR 148 3063 3063 TYR TYR B . n 
B 1 149 LEU 149 3064 3064 LEU LEU B . n 
B 1 150 ALA 150 3065 3065 ALA ALA B . n 
B 1 151 LEU 151 3066 3066 LEU LEU B . n 
B 1 152 GLN 152 3067 3067 GLN GLN B . n 
B 1 153 ALA 153 3068 3068 ALA ALA B . n 
B 1 154 LEU 154 3069 3069 LEU LEU B . n 
B 1 155 GLU 155 3070 3070 GLU GLU B . n 
B 1 156 GLU 156 3071 3071 GLU GLU B . n 
B 1 157 ASP 157 3072 3072 ASP ASP B . n 
B 1 158 ASN 158 3073 3073 ASN ASN B . n 
B 1 159 TYR 159 3074 3074 TYR TYR B . n 
B 1 160 CYS 160 3075 3075 CYS CYS B . n 
B 1 161 ASP 161 3076 3076 ASP ASP B . n 
B 1 162 PHE 162 3077 3077 PHE PHE B . n 
B 1 163 GLU 163 3078 3078 GLU GLU B . n 
B 1 164 VAL 164 3079 3079 VAL VAL B . n 
B 1 165 GLN 165 3080 3080 GLN GLN B . n 
B 1 166 TYR 166 3081 3081 TYR TYR B . n 
B 1 167 GLU 167 3082 3082 GLU GLU B . n 
B 1 168 ILE 168 3083 3083 ILE ILE B . n 
B 1 169 LEU 169 3084 3084 LEU LEU B . n 
B 1 170 HIS 170 3085 3085 HIS HIS B . n 
B 1 171 ASN 171 3086 3086 ASN ASN B . n 
B 1 172 GLU 172 3087 3087 GLU GLU B . n 
B 1 173 VAL 173 3088 3088 VAL VAL B . n 
B 1 174 HIS 174 3089 3089 HIS HIS B . n 
B 1 175 ALA 175 3090 3090 ALA ALA B . n 
B 1 176 LEU 176 3091 3091 LEU LEU B . n 
B 1 177 ILE 177 3092 3092 ILE ILE B . n 
B 1 178 GLY 178 3093 3093 GLY GLY B . n 
B 1 179 GLY 179 3094 3094 GLY GLY B . n 
B 1 180 ALA 180 3095 3095 ALA ALA B . n 
B 1 181 GLU 181 3096 3096 GLU GLU B . n 
B 1 182 LYS 182 3097 3097 LYS LYS B . n 
B 1 183 TYR 183 3098 3098 TYR TYR B . n 
B 1 184 SER 184 3099 3099 SER SER B . n 
B 1 185 MET 185 3100 3100 MET MET B . n 
B 1 186 SER 186 3101 3101 SER SER B . n 
B 1 187 THR 187 3102 3102 THR THR B . n 
B 1 188 LEU 188 3103 3103 LEU LEU B . n 
B 1 189 GLU 189 3104 3104 GLU GLU B . n 
B 1 190 TYR 190 3105 3105 TYR TYR B . n 
B 1 191 SER 191 3106 3106 SER SER B . n 
B 1 192 ALA 192 3107 3107 ALA ALA B . n 
B 1 193 PHE 193 3108 3108 PHE PHE B . n 
B 1 194 ASP 194 3109 3109 ASP ASP B . n 
B 1 195 PRO 195 3110 3110 PRO PRO B . n 
B 1 196 TYR 196 3111 3111 TYR TYR B . n 
B 1 197 PHE 197 3112 3112 PHE PHE B . n 
B 1 198 MET 198 3113 3113 MET MET B . n 
B 1 199 ILE 199 3114 3114 ILE ILE B . n 
B 1 200 HIS 200 3115 3115 HIS HIS B . n 
B 1 201 HIS 201 3116 3116 HIS HIS B . n 
B 1 202 ALA 202 3117 3117 ALA ALA B . n 
B 1 203 SER 203 3118 3118 SER SER B . n 
B 1 204 LEU 204 3119 3119 LEU LEU B . n 
B 1 205 ASP 205 3120 3120 ASP ASP B . n 
B 1 206 LYS 206 3121 3121 LYS LYS B . n 
B 1 207 ILE 207 3122 3122 ILE ILE B . n 
B 1 208 TRP 208 3123 3123 TRP TRP B . n 
B 1 209 ILE 209 3124 3124 ILE ILE B . n 
B 1 210 ILE 210 3125 3125 ILE ILE B . n 
B 1 211 TRP 211 3126 3126 TRP TRP B . n 
B 1 212 GLN 212 3127 3127 GLN GLN B . n 
B 1 213 GLU 213 3128 3128 GLU GLU B . n 
B 1 214 LEU 214 3129 3129 LEU LEU B . n 
B 1 215 GLN 215 3130 3130 GLN GLN B . n 
B 1 216 LYS 216 3131 3131 LYS LYS B . n 
B 1 217 ARG 217 3132 3132 ARG ARG B . n 
B 1 218 ARG 218 3133 3133 ARG ARG B . n 
B 1 219 VAL 219 3134 3134 VAL VAL B . n 
B 1 220 LYS 220 3135 3135 LYS LYS B . n 
B 1 221 PRO 221 3136 ?    ?   ?   B . n 
B 1 222 ALA 222 3137 ?    ?   ?   B . n 
B 1 223 HIS 223 3138 ?    ?   ?   B . n 
B 1 224 ALA 224 3139 ?    ?   ?   B . n 
B 1 225 GLY 225 3140 ?    ?   ?   B . n 
B 1 226 SER 226 3141 3141 SER SER B . n 
B 1 227 CYS 227 3142 3142 CYS CYS B . n 
B 1 228 ALA 228 3143 3143 ALA ALA B . n 
B 1 229 GLY 229 3144 3144 GLY GLY B . n 
B 1 230 ASP 230 3145 3145 ASP ASP B . n 
B 1 231 ILE 231 3146 3146 ILE ILE B . n 
B 1 232 MET 232 3147 3147 MET MET B . n 
B 1 233 HIS 233 3148 3148 HIS HIS B . n 
B 1 234 VAL 234 3149 3149 VAL VAL B . n 
B 1 235 PRO 235 3150 3150 PRO PRO B . n 
B 1 236 LEU 236 3151 3151 LEU LEU B . n 
B 1 237 HIS 237 3152 3152 HIS HIS B . n 
B 1 238 PRO 238 3153 3153 PRO PRO B . n 
B 1 239 PHE 239 3154 3154 PHE PHE B . n 
B 1 240 ASN 240 3155 3155 ASN ASN B . n 
B 1 241 TYR 241 3156 3156 TYR TYR B . n 
B 1 242 GLU 242 3157 3157 GLU GLU B . n 
B 1 243 SER 243 3158 3158 SER SER B . n 
B 1 244 VAL 244 3159 3159 VAL VAL B . n 
B 1 245 ASN 245 3160 3160 ASN ASN B . n 
B 1 246 ASN 246 3161 3161 ASN ASN B . n 
B 1 247 ASP 247 3162 3162 ASP ASP B . n 
B 1 248 ASP 248 3163 3163 ASP ASP B . n 
B 1 249 PHE 249 3164 3164 PHE PHE B . n 
B 1 250 THR 250 3165 3165 THR THR B . n 
B 1 251 ARG 251 3166 3166 ARG ARG B . n 
B 1 252 GLU 252 3167 3167 GLU GLU B . n 
B 1 253 ASN 253 3168 3168 ASN ASN B . n 
B 1 254 SER 254 3169 3169 SER SER B . n 
B 1 255 LEU 255 3170 3170 LEU LEU B . n 
B 1 256 PRO 256 3171 3171 PRO PRO B . n 
B 1 257 ASN 257 3172 3172 ASN ASN B . n 
B 1 258 ALA 258 3173 3173 ALA ALA B . n 
B 1 259 VAL 259 3174 3174 VAL VAL B . n 
B 1 260 VAL 260 3175 3175 VAL VAL B . n 
B 1 261 ASP 261 3176 3176 ASP ASP B . n 
B 1 262 SER 262 3177 3177 SER SER B . n 
B 1 263 HIS 263 3178 3178 HIS HIS B . n 
B 1 264 ARG 264 3179 3179 ARG ARG B . n 
B 1 265 PHE 265 3180 3180 PHE PHE B . n 
B 1 266 ASN 266 3181 3181 ASN ASN B . n 
B 1 267 TYR 267 3182 3182 TYR TYR B . n 
B 1 268 LYS 268 3183 3183 LYS LYS B . n 
B 1 269 TYR 269 3184 3184 TYR TYR B . n 
B 1 270 ASP 270 3185 3185 ASP ASP B . n 
B 1 271 ASN 271 3186 3186 ASN ASN B . n 
B 1 272 LEU 272 3187 3187 LEU LEU B . n 
B 1 273 ASN 273 3188 3188 ASN ASN B . n 
B 1 274 LEU 274 3189 3189 LEU LEU B . n 
B 1 275 HIS 275 3190 3190 HIS HIS B . n 
B 1 276 GLY 276 3191 3191 GLY GLY B . n 
B 1 277 HIS 277 3192 3192 HIS HIS B . n 
B 1 278 ASN 278 3193 3193 ASN ASN B . n 
B 1 279 ILE 279 3194 3194 ILE ILE B . n 
B 1 280 GLU 280 3195 3195 GLU GLU B . n 
B 1 281 GLU 281 3196 3196 GLU GLU B . n 
B 1 282 LEU 282 3197 3197 LEU LEU B . n 
B 1 283 GLU 283 3198 3198 GLU GLU B . n 
B 1 284 GLU 284 3199 3199 GLU GLU B . n 
B 1 285 VAL 285 3200 3200 VAL VAL B . n 
B 1 286 LEU 286 3201 3201 LEU LEU B . n 
B 1 287 ARG 287 3202 3202 ARG ARG B . n 
B 1 288 SER 288 3203 3203 SER SER B . n 
B 1 289 LEU 289 3204 3204 LEU LEU B . n 
B 1 290 ARG 290 3205 3205 ARG ARG B . n 
B 1 291 LEU 291 3206 3206 LEU LEU B . n 
B 1 292 LYS 292 3207 3207 LYS LYS B . n 
B 1 293 SER 293 3208 3208 SER SER B . n 
B 1 294 ARG 294 3209 3209 ARG ARG B . n 
B 1 295 VAL 295 3210 3210 VAL VAL B . n 
B 1 296 PHE 296 3211 3211 PHE PHE B . n 
B 1 297 ALA 297 3212 3212 ALA ALA B . n 
B 1 298 GLY 298 3213 3213 GLY GLY B . n 
B 1 299 PHE 299 3214 3214 PHE PHE B . n 
B 1 300 VAL 300 3215 3215 VAL VAL B . n 
B 1 301 LEU 301 3216 3216 LEU LEU B . n 
B 1 302 SER 302 3217 3217 SER SER B . n 
B 1 303 GLY 303 3218 3218 GLY GLY B . n 
B 1 304 ILE 304 3219 3219 ILE ILE B . n 
B 1 305 ARG 305 3220 3220 ARG ARG B . n 
B 1 306 THR 306 3221 3221 THR THR B . n 
B 1 307 THR 307 3222 3222 THR THR B . n 
B 1 308 ALA 308 3223 3223 ALA ALA B . n 
B 1 309 VAL 309 3224 3224 VAL VAL B . n 
B 1 310 VAL 310 3225 3225 VAL VAL B . n 
B 1 311 LYS 311 3226 3226 LYS LYS B . n 
B 1 312 VAL 312 3227 3227 VAL VAL B . n 
B 1 313 TYR 313 3228 3228 TYR TYR B . n 
B 1 314 ILE 314 3229 3229 ILE ILE B . n 
B 1 315 LYS 315 3230 3230 LYS LYS B . n 
B 1 316 SER 316 3231 3231 SER SER B . n 
B 1 317 GLY 317 3232 ?    ?   ?   B . n 
B 1 318 THR 318 3233 ?    ?   ?   B . n 
B 1 319 ASP 319 3234 ?    ?   ?   B . n 
B 1 320 SER 320 3235 ?    ?   ?   B . n 
B 1 321 ASP 321 3236 3236 ASP ASP B . n 
B 1 322 ASP 322 3237 3237 ASP ASP B . n 
B 1 323 GLU 323 3238 3238 GLU GLU B . n 
B 1 324 TYR 324 3239 3239 TYR TYR B . n 
B 1 325 ALA 325 3240 3240 ALA ALA B . n 
B 1 326 GLY 326 3241 3241 GLY GLY B . n 
B 1 327 SER 327 3242 3242 SER SER B . n 
B 1 328 PHE 328 3243 3243 PHE PHE B . n 
B 1 329 VAL 329 3244 3244 VAL VAL B . n 
B 1 330 ILE 330 3245 3245 ILE ILE B . n 
B 1 331 LEU 331 3246 3246 LEU LEU B . n 
B 1 332 GLY 332 3247 3247 GLY GLY B . n 
B 1 333 GLY 333 3248 3248 GLY GLY B . n 
B 1 334 ALA 334 3249 3249 ALA ALA B . n 
B 1 335 LYS 335 3250 3250 LYS LYS B . n 
B 1 336 GLU 336 3251 3251 GLU GLU B . n 
B 1 337 MET 337 3252 3252 MET MET B . n 
B 1 338 PRO 338 3253 3253 PRO PRO B . n 
B 1 339 TRP 339 3254 3254 TRP TRP B . n 
B 1 340 ALA 340 3255 3255 ALA ALA B . n 
B 1 341 TYR 341 3256 3256 TYR TYR B . n 
B 1 342 GLU 342 3257 3257 GLU GLU B . n 
B 1 343 ARG 343 3258 3258 ARG ARG B . n 
B 1 344 LEU 344 3259 3259 LEU LEU B . n 
B 1 345 TYR 345 3260 3260 TYR TYR B . n 
B 1 346 ARG 346 3261 3261 ARG ARG B . n 
B 1 347 PHE 347 3262 3262 PHE PHE B . n 
B 1 348 ASP 348 3263 3263 ASP ASP B . n 
B 1 349 ILE 349 3264 3264 ILE ILE B . n 
B 1 350 THR 350 3265 3265 THR THR B . n 
B 1 351 GLU 351 3266 3266 GLU GLU B . n 
B 1 352 THR 352 3267 3267 THR THR B . n 
B 1 353 VAL 353 3268 3268 VAL VAL B . n 
B 1 354 HIS 354 3269 3269 HIS HIS B . n 
B 1 355 ASN 355 3270 3270 ASN ASN B . n 
B 1 356 LEU 356 3271 3271 LEU LEU B . n 
B 1 357 ASN 357 3272 3272 ASN ASN B . n 
B 1 358 LEU 358 3273 3273 LEU LEU B . n 
B 1 359 THR 359 3274 3274 THR THR B . n 
B 1 360 ASP 360 3275 3275 ASP ASP B . n 
B 1 361 ASP 361 3276 3276 ASP ASP B . n 
B 1 362 HIS 362 3277 3277 HIS HIS B . n 
B 1 363 VAL 363 3278 3278 VAL VAL B . n 
B 1 364 LYS 364 3279 3279 LYS LYS B . n 
B 1 365 PHE 365 3280 3280 PHE PHE B . n 
B 1 366 ARG 366 3281 3281 ARG ARG B . n 
B 1 367 PHE 367 3282 3282 PHE PHE B . n 
B 1 368 ASP 368 3283 3283 ASP ASP B . n 
B 1 369 LEU 369 3284 3284 LEU LEU B . n 
B 1 370 LYS 370 3285 3285 LYS LYS B . n 
B 1 371 LYS 371 3286 3286 LYS LYS B . n 
B 1 372 TYR 372 3287 3287 TYR TYR B . n 
B 1 373 ASP 373 3288 3288 ASP ASP B . n 
B 1 374 HIS 374 3289 3289 HIS HIS B . n 
B 1 375 THR 375 3290 3290 THR THR B . n 
B 1 376 GLU 376 3291 3291 GLU GLU B . n 
B 1 377 LEU 377 3292 3292 LEU LEU B . n 
B 1 378 ASP 378 3293 3293 ASP ASP B . n 
B 1 379 ALA 379 3294 3294 ALA ALA B . n 
B 1 380 SER 380 3295 3295 SER SER B . n 
B 1 381 VAL 381 3296 3296 VAL VAL B . n 
B 1 382 LEU 382 3297 3297 LEU LEU B . n 
B 1 383 PRO 383 3298 3298 PRO PRO B . n 
B 1 384 ALA 384 3299 3299 ALA ALA B . n 
B 1 385 PRO 385 3300 3300 PRO PRO B . n 
B 1 386 ILE 386 3301 3301 ILE ILE B . n 
B 1 387 ILE 387 3302 3302 ILE ILE B . n 
B 1 388 VAL 388 3303 3303 VAL VAL B . n 
B 1 389 ARG 389 3304 3304 ARG ARG B . n 
B 1 390 ARG 390 3305 3305 ARG ARG B . n 
B 1 391 PRO 391 3306 3306 PRO PRO B . n 
B 1 392 ASN 392 3307 3307 ASN ASN B . n 
B 1 393 ASN 393 3308 3308 ASN ASN B . n 
B 1 394 ALA 394 3309 3309 ALA ALA B . n 
B 1 395 VAL 395 3310 3310 VAL VAL B . n 
B 1 396 PHE 396 3311 3311 PHE PHE B . n 
B 1 397 ASP 397 3312 3312 ASP ASP B . n 
B 1 398 ILE 398 3313 3313 ILE ILE B . n 
B 1 399 ILE 399 3314 3314 ILE ILE B . n 
B 1 400 GLU 400 3315 3315 GLU GLU B . n 
B 1 401 ILE 401 3316 3316 ILE ILE B . n 
B 1 402 PRO 402 3317 3317 PRO PRO B . n 
B 1 403 ILE 403 3318 3318 ILE ILE B . n 
B 1 404 GLY 404 3319 3319 GLY GLY B . n 
B 1 405 LYS 405 3320 3320 LYS LYS B . n 
B 1 406 ASP 406 3321 3321 ASP ASP B . n 
B 1 407 VAL 407 3322 3322 VAL VAL B . n 
B 1 408 ASN 408 3323 3323 ASN ASN B . n 
B 1 409 LEU 409 3324 3324 LEU LEU B . n 
B 1 410 PRO 410 3325 3325 PRO PRO B . n 
B 1 411 PRO 411 3326 3326 PRO PRO B . n 
B 1 412 LYS 412 3327 3327 LYS LYS B . n 
B 1 413 VAL 413 3328 3328 VAL VAL B . n 
B 1 414 VAL 414 3329 3329 VAL VAL B . n 
B 1 415 VAL 415 3330 3330 VAL VAL B . n 
B 1 416 LYS 416 3331 3331 LYS LYS B . n 
B 1 417 ARG 417 3332 3332 ARG ARG B . n 
B 1 418 GLY 418 3333 3333 GLY GLY B . n 
B 1 419 THR 419 3334 3334 THR THR B . n 
B 1 420 LYS 420 3335 3335 LYS LYS B . n 
B 1 421 ILE 421 3336 3336 ILE ILE B . n 
B 1 422 MET 422 3337 3337 MET MET B . n 
B 1 423 PHE 423 3338 3338 PHE PHE B . n 
B 1 424 MET 424 3339 3339 MET MET B . n 
B 1 425 SER 425 3340 3340 SER SER B . n 
B 1 426 VAL 426 3341 3341 VAL VAL B . n 
B 1 427 ASP 427 3342 3342 ASP ASP B . n 
B 1 428 GLU 428 3343 3343 GLU GLU B . n 
B 1 429 ALA 429 3344 3344 ALA ALA B . n 
B 1 430 VAL 430 3345 3345 VAL VAL B . n 
B 1 431 THR 431 3346 3346 THR THR B . n 
B 1 432 THR 432 3347 3347 THR THR B . n 
B 1 433 PRO 433 3348 3348 PRO PRO B . n 
B 1 434 MET 434 3349 3349 MET MET B . n 
B 1 435 LEU 435 3350 3350 LEU LEU B . n 
B 1 436 ASN 436 3351 3351 ASN ASN B . n 
B 1 437 LEU 437 3352 3352 LEU LEU B . n 
B 1 438 GLY 438 3353 3353 GLY GLY B . n 
B 1 439 SER 439 3354 3354 SER SER B . n 
B 1 440 TYR 440 3355 3355 TYR TYR B . n 
B 1 441 THR 441 3356 3356 THR THR B . n 
B 1 442 ALA 442 3357 3357 ALA ALA B . n 
B 1 443 MET 443 3358 3358 MET MET B . n 
B 1 444 PHE 444 3359 3359 PHE PHE B . n 
B 1 445 LYS 445 3360 3360 LYS LYS B . n 
B 1 446 CYS 446 3361 3361 CYS CYS B . n 
B 1 447 LYS 447 3362 3362 LYS LYS B . n 
B 1 448 VAL 448 3363 3363 VAL VAL B . n 
B 1 449 PRO 449 3364 3364 PRO PRO B . n 
B 1 450 PRO 450 3365 3365 PRO PRO B . n 
B 1 451 PHE 451 3366 3366 PHE PHE B . n 
B 1 452 SER 452 3367 3367 SER SER B . n 
B 1 453 PHE 453 3368 3368 PHE PHE B . n 
B 1 454 HIS 454 3369 3369 HIS HIS B . n 
B 1 455 ALA 455 3370 3370 ALA ALA B . n 
B 1 456 PHE 456 3371 3371 PHE PHE B . n 
B 1 457 GLU 457 3372 3372 GLU GLU B . n 
B 1 458 LEU 458 3373 3373 LEU LEU B . n 
B 1 459 GLY 459 3374 3374 GLY GLY B . n 
B 1 460 LYS 460 3375 3375 LYS LYS B . n 
B 1 461 MET 461 3376 3376 MET MET B . n 
B 1 462 TYR 462 3377 3377 TYR TYR B . n 
B 1 463 SER 463 3378 3378 SER SER B . n 
B 1 464 VAL 464 3379 3379 VAL VAL B . n 
B 1 465 GLU 465 3380 3380 GLU GLU B . n 
B 1 466 SER 466 3381 3381 SER SER B . n 
B 1 467 GLY 467 3382 3382 GLY GLY B . n 
B 1 468 ASP 468 3383 3383 ASP ASP B . n 
B 1 469 TYR 469 3384 3384 TYR TYR B . n 
B 1 470 PHE 470 3385 3385 PHE PHE B . n 
B 1 471 MET 471 3386 3386 MET MET B . n 
B 1 472 THR 472 3387 3387 THR THR B . n 
B 1 473 ALA 473 3388 3388 ALA ALA B . n 
B 1 474 SER 474 3389 3389 SER SER B . n 
B 1 475 THR 475 3390 3390 THR THR B . n 
B 1 476 THR 476 3391 3391 THR THR B . n 
B 1 477 GLU 477 3392 3392 GLU GLU B . n 
B 1 478 LEU 478 3393 3393 LEU LEU B . n 
B 1 479 CYS 479 3394 3394 CYS CYS B . n 
B 1 480 ASN 480 3395 3395 ASN ASN B . n 
B 1 481 ASP 481 3396 3396 ASP ASP B . n 
B 1 482 ASN 482 3397 3397 ASN ASN B . n 
B 1 483 ASN 483 3398 3398 ASN ASN B . n 
B 1 484 LEU 484 3399 3399 LEU LEU B . n 
B 1 485 ARG 485 3400 3400 ARG ARG B . n 
B 1 486 ILE 486 3401 3401 ILE ILE B . n 
B 1 487 HIS 487 3402 3402 HIS HIS B . n 
B 1 488 VAL 488 3403 3403 VAL VAL B . n 
B 1 489 HIS 489 3404 3404 HIS HIS B . n 
B 1 490 VAL 490 3405 3405 VAL VAL B . n 
B 1 491 ASP 491 3406 3406 ASP ASP B . n 
# 
_pdbx_struct_assembly.id                   1 
_pdbx_struct_assembly.details              author_defined_assembly 
_pdbx_struct_assembly.method_details       ? 
_pdbx_struct_assembly.oligomeric_details   dimeric 
_pdbx_struct_assembly.oligomeric_count     2 
# 
_pdbx_struct_assembly_gen.assembly_id       1 
_pdbx_struct_assembly_gen.oper_expression   1 
_pdbx_struct_assembly_gen.asym_id_list      A,B 
# 
_pdbx_struct_oper_list.id                   1 
_pdbx_struct_oper_list.type                 'identity operation' 
_pdbx_struct_oper_list.name                 1_555 
_pdbx_struct_oper_list.symmetry_operation   x,y,z 
_pdbx_struct_oper_list.matrix[1][1]         1.0000000000 
_pdbx_struct_oper_list.matrix[1][2]         0.0000000000 
_pdbx_struct_oper_list.matrix[1][3]         0.0000000000 
_pdbx_struct_oper_list.vector[1]            0.0000000000 
_pdbx_struct_oper_list.matrix[2][1]         0.0000000000 
_pdbx_struct_oper_list.matrix[2][2]         1.0000000000 
_pdbx_struct_oper_list.matrix[2][3]         0.0000000000 
_pdbx_struct_oper_list.vector[2]            0.0000000000 
_pdbx_struct_oper_list.matrix[3][1]         0.0000000000 
_pdbx_struct_oper_list.matrix[3][2]         0.0000000000 
_pdbx_struct_oper_list.matrix[3][3]         1.0000000000 
_pdbx_struct_oper_list.vector[3]            0.0000000000 
# 
loop_
_pdbx_audit_revision_history.ordinal 
_pdbx_audit_revision_history.data_content_type 
_pdbx_audit_revision_history.major_revision 
_pdbx_audit_revision_history.minor_revision 
_pdbx_audit_revision_history.revision_date 
1 'Structure model' 1 0 2010-02-02 
2 'Structure model' 1 1 2011-07-13 
3 'Structure model' 1 2 2017-11-01 
4 'Structure model' 1 3 2023-11-01 
# 
_pdbx_audit_revision_details.ordinal             1 
_pdbx_audit_revision_details.revision_ordinal    1 
_pdbx_audit_revision_details.data_content_type   'Structure model' 
_pdbx_audit_revision_details.provider            repository 
_pdbx_audit_revision_details.type                'Initial release' 
_pdbx_audit_revision_details.description         ? 
_pdbx_audit_revision_details.details             ? 
# 
loop_
_pdbx_audit_revision_group.ordinal 
_pdbx_audit_revision_group.revision_ordinal 
_pdbx_audit_revision_group.data_content_type 
_pdbx_audit_revision_group.group 
1 2 'Structure model' 'Version format compliance' 
2 3 'Structure model' 'Refinement description'    
3 4 'Structure model' 'Data collection'           
4 4 'Structure model' 'Database references'       
5 4 'Structure model' 'Refinement description'    
# 
loop_
_pdbx_audit_revision_category.ordinal 
_pdbx_audit_revision_category.revision_ordinal 
_pdbx_audit_revision_category.data_content_type 
_pdbx_audit_revision_category.category 
1 3 'Structure model' software                      
2 4 'Structure model' chem_comp_atom                
3 4 'Structure model' chem_comp_bond                
4 4 'Structure model' database_2                    
5 4 'Structure model' pdbx_initial_refinement_model 
# 
loop_
_pdbx_audit_revision_item.ordinal 
_pdbx_audit_revision_item.revision_ordinal 
_pdbx_audit_revision_item.data_content_type 
_pdbx_audit_revision_item.item 
1 3 'Structure model' '_software.name'                      
2 4 'Structure model' '_database_2.pdbx_DOI'                
3 4 'Structure model' '_database_2.pdbx_database_accession' 
# 
loop_
_software.name 
_software.classification 
_software.version 
_software.citation_id 
_software.pdbx_ordinal 
MAR345  'data collection' . ? 1 
PHASER  phasing           . ? 2 
RESOLVE 'model building'  . ? 3 
DM      'model building'  . ? 4 
XDS     'data reduction'  . ? 5 
XSCALE  'data scaling'    . ? 6 
RESOLVE phasing           . ? 7 
DM      phasing           . ? 8 
# 
loop_
_pdbx_unobs_or_zero_occ_residues.id 
_pdbx_unobs_or_zero_occ_residues.PDB_model_num 
_pdbx_unobs_or_zero_occ_residues.polymer_flag 
_pdbx_unobs_or_zero_occ_residues.occupancy_flag 
_pdbx_unobs_or_zero_occ_residues.auth_asym_id 
_pdbx_unobs_or_zero_occ_residues.auth_comp_id 
_pdbx_unobs_or_zero_occ_residues.auth_seq_id 
_pdbx_unobs_or_zero_occ_residues.PDB_ins_code 
_pdbx_unobs_or_zero_occ_residues.label_asym_id 
_pdbx_unobs_or_zero_occ_residues.label_comp_id 
_pdbx_unobs_or_zero_occ_residues.label_seq_id 
1  1 Y 1 A GLN 3051 ? A GLN 136 
2  1 Y 1 A GLN 3052 ? A GLN 137 
3  1 Y 1 A THR 3053 ? A THR 138 
4  1 Y 1 A LYS 3054 ? A LYS 139 
5  1 Y 1 A PHE 3055 ? A PHE 140 
6  1 Y 1 A GLY 3056 ? A GLY 141 
7  1 Y 1 A GLU 3057 ? A GLU 142 
8  1 Y 1 A PRO 3136 ? A PRO 221 
9  1 Y 1 A ALA 3137 ? A ALA 222 
10 1 Y 1 A HIS 3138 ? A HIS 223 
11 1 Y 1 A ALA 3139 ? A ALA 224 
12 1 Y 1 A GLY 3140 ? A GLY 225 
13 1 Y 1 B GLN 3051 ? B GLN 136 
14 1 Y 1 B GLN 3052 ? B GLN 137 
15 1 Y 1 B THR 3053 ? B THR 138 
16 1 Y 1 B LYS 3054 ? B LYS 139 
17 1 Y 1 B PHE 3055 ? B PHE 140 
18 1 Y 1 B GLY 3056 ? B GLY 141 
19 1 Y 1 B GLU 3057 ? B GLU 142 
20 1 Y 1 B PRO 3136 ? B PRO 221 
21 1 Y 1 B ALA 3137 ? B ALA 222 
22 1 Y 1 B HIS 3138 ? B HIS 223 
23 1 Y 1 B ALA 3139 ? B ALA 224 
24 1 Y 1 B GLY 3140 ? B GLY 225 
25 1 Y 1 B GLY 3232 ? B GLY 317 
26 1 Y 1 B THR 3233 ? B THR 318 
27 1 Y 1 B ASP 3234 ? B ASP 319 
28 1 Y 1 B SER 3235 ? B SER 320 
# 
loop_
_chem_comp_atom.comp_id 
_chem_comp_atom.atom_id 
_chem_comp_atom.type_symbol 
_chem_comp_atom.pdbx_aromatic_flag 
_chem_comp_atom.pdbx_stereo_config 
_chem_comp_atom.pdbx_ordinal 
ALA N    N N N 1   
ALA CA   C N S 2   
ALA C    C N N 3   
ALA O    O N N 4   
ALA CB   C N N 5   
ALA OXT  O N N 6   
ALA H    H N N 7   
ALA H2   H N N 8   
ALA HA   H N N 9   
ALA HB1  H N N 10  
ALA HB2  H N N 11  
ALA HB3  H N N 12  
ALA HXT  H N N 13  
ARG N    N N N 14  
ARG CA   C N S 15  
ARG C    C N N 16  
ARG O    O N N 17  
ARG CB   C N N 18  
ARG CG   C N N 19  
ARG CD   C N N 20  
ARG NE   N N N 21  
ARG CZ   C N N 22  
ARG NH1  N N N 23  
ARG NH2  N N N 24  
ARG OXT  O N N 25  
ARG H    H N N 26  
ARG H2   H N N 27  
ARG HA   H N N 28  
ARG HB2  H N N 29  
ARG HB3  H N N 30  
ARG HG2  H N N 31  
ARG HG3  H N N 32  
ARG HD2  H N N 33  
ARG HD3  H N N 34  
ARG HE   H N N 35  
ARG HH11 H N N 36  
ARG HH12 H N N 37  
ARG HH21 H N N 38  
ARG HH22 H N N 39  
ARG HXT  H N N 40  
ASN N    N N N 41  
ASN CA   C N S 42  
ASN C    C N N 43  
ASN O    O N N 44  
ASN CB   C N N 45  
ASN CG   C N N 46  
ASN OD1  O N N 47  
ASN ND2  N N N 48  
ASN OXT  O N N 49  
ASN H    H N N 50  
ASN H2   H N N 51  
ASN HA   H N N 52  
ASN HB2  H N N 53  
ASN HB3  H N N 54  
ASN HD21 H N N 55  
ASN HD22 H N N 56  
ASN HXT  H N N 57  
ASP N    N N N 58  
ASP CA   C N S 59  
ASP C    C N N 60  
ASP O    O N N 61  
ASP CB   C N N 62  
ASP CG   C N N 63  
ASP OD1  O N N 64  
ASP OD2  O N N 65  
ASP OXT  O N N 66  
ASP H    H N N 67  
ASP H2   H N N 68  
ASP HA   H N N 69  
ASP HB2  H N N 70  
ASP HB3  H N N 71  
ASP HD2  H N N 72  
ASP HXT  H N N 73  
CYS N    N N N 74  
CYS CA   C N R 75  
CYS C    C N N 76  
CYS O    O N N 77  
CYS CB   C N N 78  
CYS SG   S N N 79  
CYS OXT  O N N 80  
CYS H    H N N 81  
CYS H2   H N N 82  
CYS HA   H N N 83  
CYS HB2  H N N 84  
CYS HB3  H N N 85  
CYS HG   H N N 86  
CYS HXT  H N N 87  
GLN N    N N N 88  
GLN CA   C N S 89  
GLN C    C N N 90  
GLN O    O N N 91  
GLN CB   C N N 92  
GLN CG   C N N 93  
GLN CD   C N N 94  
GLN OE1  O N N 95  
GLN NE2  N N N 96  
GLN OXT  O N N 97  
GLN H    H N N 98  
GLN H2   H N N 99  
GLN HA   H N N 100 
GLN HB2  H N N 101 
GLN HB3  H N N 102 
GLN HG2  H N N 103 
GLN HG3  H N N 104 
GLN HE21 H N N 105 
GLN HE22 H N N 106 
GLN HXT  H N N 107 
GLU N    N N N 108 
GLU CA   C N S 109 
GLU C    C N N 110 
GLU O    O N N 111 
GLU CB   C N N 112 
GLU CG   C N N 113 
GLU CD   C N N 114 
GLU OE1  O N N 115 
GLU OE2  O N N 116 
GLU OXT  O N N 117 
GLU H    H N N 118 
GLU H2   H N N 119 
GLU HA   H N N 120 
GLU HB2  H N N 121 
GLU HB3  H N N 122 
GLU HG2  H N N 123 
GLU HG3  H N N 124 
GLU HE2  H N N 125 
GLU HXT  H N N 126 
GLY N    N N N 127 
GLY CA   C N N 128 
GLY C    C N N 129 
GLY O    O N N 130 
GLY OXT  O N N 131 
GLY H    H N N 132 
GLY H2   H N N 133 
GLY HA2  H N N 134 
GLY HA3  H N N 135 
GLY HXT  H N N 136 
HIS N    N N N 137 
HIS CA   C N S 138 
HIS C    C N N 139 
HIS O    O N N 140 
HIS CB   C N N 141 
HIS CG   C Y N 142 
HIS ND1  N Y N 143 
HIS CD2  C Y N 144 
HIS CE1  C Y N 145 
HIS NE2  N Y N 146 
HIS OXT  O N N 147 
HIS H    H N N 148 
HIS H2   H N N 149 
HIS HA   H N N 150 
HIS HB2  H N N 151 
HIS HB3  H N N 152 
HIS HD1  H N N 153 
HIS HD2  H N N 154 
HIS HE1  H N N 155 
HIS HE2  H N N 156 
HIS HXT  H N N 157 
ILE N    N N N 158 
ILE CA   C N S 159 
ILE C    C N N 160 
ILE O    O N N 161 
ILE CB   C N S 162 
ILE CG1  C N N 163 
ILE CG2  C N N 164 
ILE CD1  C N N 165 
ILE OXT  O N N 166 
ILE H    H N N 167 
ILE H2   H N N 168 
ILE HA   H N N 169 
ILE HB   H N N 170 
ILE HG12 H N N 171 
ILE HG13 H N N 172 
ILE HG21 H N N 173 
ILE HG22 H N N 174 
ILE HG23 H N N 175 
ILE HD11 H N N 176 
ILE HD12 H N N 177 
ILE HD13 H N N 178 
ILE HXT  H N N 179 
LEU N    N N N 180 
LEU CA   C N S 181 
LEU C    C N N 182 
LEU O    O N N 183 
LEU CB   C N N 184 
LEU CG   C N N 185 
LEU CD1  C N N 186 
LEU CD2  C N N 187 
LEU OXT  O N N 188 
LEU H    H N N 189 
LEU H2   H N N 190 
LEU HA   H N N 191 
LEU HB2  H N N 192 
LEU HB3  H N N 193 
LEU HG   H N N 194 
LEU HD11 H N N 195 
LEU HD12 H N N 196 
LEU HD13 H N N 197 
LEU HD21 H N N 198 
LEU HD22 H N N 199 
LEU HD23 H N N 200 
LEU HXT  H N N 201 
LYS N    N N N 202 
LYS CA   C N S 203 
LYS C    C N N 204 
LYS O    O N N 205 
LYS CB   C N N 206 
LYS CG   C N N 207 
LYS CD   C N N 208 
LYS CE   C N N 209 
LYS NZ   N N N 210 
LYS OXT  O N N 211 
LYS H    H N N 212 
LYS H2   H N N 213 
LYS HA   H N N 214 
LYS HB2  H N N 215 
LYS HB3  H N N 216 
LYS HG2  H N N 217 
LYS HG3  H N N 218 
LYS HD2  H N N 219 
LYS HD3  H N N 220 
LYS HE2  H N N 221 
LYS HE3  H N N 222 
LYS HZ1  H N N 223 
LYS HZ2  H N N 224 
LYS HZ3  H N N 225 
LYS HXT  H N N 226 
MET N    N N N 227 
MET CA   C N S 228 
MET C    C N N 229 
MET O    O N N 230 
MET CB   C N N 231 
MET CG   C N N 232 
MET SD   S N N 233 
MET CE   C N N 234 
MET OXT  O N N 235 
MET H    H N N 236 
MET H2   H N N 237 
MET HA   H N N 238 
MET HB2  H N N 239 
MET HB3  H N N 240 
MET HG2  H N N 241 
MET HG3  H N N 242 
MET HE1  H N N 243 
MET HE2  H N N 244 
MET HE3  H N N 245 
MET HXT  H N N 246 
PHE N    N N N 247 
PHE CA   C N S 248 
PHE C    C N N 249 
PHE O    O N N 250 
PHE CB   C N N 251 
PHE CG   C Y N 252 
PHE CD1  C Y N 253 
PHE CD2  C Y N 254 
PHE CE1  C Y N 255 
PHE CE2  C Y N 256 
PHE CZ   C Y N 257 
PHE OXT  O N N 258 
PHE H    H N N 259 
PHE H2   H N N 260 
PHE HA   H N N 261 
PHE HB2  H N N 262 
PHE HB3  H N N 263 
PHE HD1  H N N 264 
PHE HD2  H N N 265 
PHE HE1  H N N 266 
PHE HE2  H N N 267 
PHE HZ   H N N 268 
PHE HXT  H N N 269 
PRO N    N N N 270 
PRO CA   C N S 271 
PRO C    C N N 272 
PRO O    O N N 273 
PRO CB   C N N 274 
PRO CG   C N N 275 
PRO CD   C N N 276 
PRO OXT  O N N 277 
PRO H    H N N 278 
PRO HA   H N N 279 
PRO HB2  H N N 280 
PRO HB3  H N N 281 
PRO HG2  H N N 282 
PRO HG3  H N N 283 
PRO HD2  H N N 284 
PRO HD3  H N N 285 
PRO HXT  H N N 286 
SER N    N N N 287 
SER CA   C N S 288 
SER C    C N N 289 
SER O    O N N 290 
SER CB   C N N 291 
SER OG   O N N 292 
SER OXT  O N N 293 
SER H    H N N 294 
SER H2   H N N 295 
SER HA   H N N 296 
SER HB2  H N N 297 
SER HB3  H N N 298 
SER HG   H N N 299 
SER HXT  H N N 300 
THR N    N N N 301 
THR CA   C N S 302 
THR C    C N N 303 
THR O    O N N 304 
THR CB   C N R 305 
THR OG1  O N N 306 
THR CG2  C N N 307 
THR OXT  O N N 308 
THR H    H N N 309 
THR H2   H N N 310 
THR HA   H N N 311 
THR HB   H N N 312 
THR HG1  H N N 313 
THR HG21 H N N 314 
THR HG22 H N N 315 
THR HG23 H N N 316 
THR HXT  H N N 317 
TRP N    N N N 318 
TRP CA   C N S 319 
TRP C    C N N 320 
TRP O    O N N 321 
TRP CB   C N N 322 
TRP CG   C Y N 323 
TRP CD1  C Y N 324 
TRP CD2  C Y N 325 
TRP NE1  N Y N 326 
TRP CE2  C Y N 327 
TRP CE3  C Y N 328 
TRP CZ2  C Y N 329 
TRP CZ3  C Y N 330 
TRP CH2  C Y N 331 
TRP OXT  O N N 332 
TRP H    H N N 333 
TRP H2   H N N 334 
TRP HA   H N N 335 
TRP HB2  H N N 336 
TRP HB3  H N N 337 
TRP HD1  H N N 338 
TRP HE1  H N N 339 
TRP HE3  H N N 340 
TRP HZ2  H N N 341 
TRP HZ3  H N N 342 
TRP HH2  H N N 343 
TRP HXT  H N N 344 
TYR N    N N N 345 
TYR CA   C N S 346 
TYR C    C N N 347 
TYR O    O N N 348 
TYR CB   C N N 349 
TYR CG   C Y N 350 
TYR CD1  C Y N 351 
TYR CD2  C Y N 352 
TYR CE1  C Y N 353 
TYR CE2  C Y N 354 
TYR CZ   C Y N 355 
TYR OH   O N N 356 
TYR OXT  O N N 357 
TYR H    H N N 358 
TYR H2   H N N 359 
TYR HA   H N N 360 
TYR HB2  H N N 361 
TYR HB3  H N N 362 
TYR HD1  H N N 363 
TYR HD2  H N N 364 
TYR HE1  H N N 365 
TYR HE2  H N N 366 
TYR HH   H N N 367 
TYR HXT  H N N 368 
VAL N    N N N 369 
VAL CA   C N S 370 
VAL C    C N N 371 
VAL O    O N N 372 
VAL CB   C N N 373 
VAL CG1  C N N 374 
VAL CG2  C N N 375 
VAL OXT  O N N 376 
VAL H    H N N 377 
VAL H2   H N N 378 
VAL HA   H N N 379 
VAL HB   H N N 380 
VAL HG11 H N N 381 
VAL HG12 H N N 382 
VAL HG13 H N N 383 
VAL HG21 H N N 384 
VAL HG22 H N N 385 
VAL HG23 H N N 386 
VAL HXT  H N N 387 
# 
loop_
_chem_comp_bond.comp_id 
_chem_comp_bond.atom_id_1 
_chem_comp_bond.atom_id_2 
_chem_comp_bond.value_order 
_chem_comp_bond.pdbx_aromatic_flag 
_chem_comp_bond.pdbx_stereo_config 
_chem_comp_bond.pdbx_ordinal 
ALA N   CA   sing N N 1   
ALA N   H    sing N N 2   
ALA N   H2   sing N N 3   
ALA CA  C    sing N N 4   
ALA CA  CB   sing N N 5   
ALA CA  HA   sing N N 6   
ALA C   O    doub N N 7   
ALA C   OXT  sing N N 8   
ALA CB  HB1  sing N N 9   
ALA CB  HB2  sing N N 10  
ALA CB  HB3  sing N N 11  
ALA OXT HXT  sing N N 12  
ARG N   CA   sing N N 13  
ARG N   H    sing N N 14  
ARG N   H2   sing N N 15  
ARG CA  C    sing N N 16  
ARG CA  CB   sing N N 17  
ARG CA  HA   sing N N 18  
ARG C   O    doub N N 19  
ARG C   OXT  sing N N 20  
ARG CB  CG   sing N N 21  
ARG CB  HB2  sing N N 22  
ARG CB  HB3  sing N N 23  
ARG CG  CD   sing N N 24  
ARG CG  HG2  sing N N 25  
ARG CG  HG3  sing N N 26  
ARG CD  NE   sing N N 27  
ARG CD  HD2  sing N N 28  
ARG CD  HD3  sing N N 29  
ARG NE  CZ   sing N N 30  
ARG NE  HE   sing N N 31  
ARG CZ  NH1  sing N N 32  
ARG CZ  NH2  doub N N 33  
ARG NH1 HH11 sing N N 34  
ARG NH1 HH12 sing N N 35  
ARG NH2 HH21 sing N N 36  
ARG NH2 HH22 sing N N 37  
ARG OXT HXT  sing N N 38  
ASN N   CA   sing N N 39  
ASN N   H    sing N N 40  
ASN N   H2   sing N N 41  
ASN CA  C    sing N N 42  
ASN CA  CB   sing N N 43  
ASN CA  HA   sing N N 44  
ASN C   O    doub N N 45  
ASN C   OXT  sing N N 46  
ASN CB  CG   sing N N 47  
ASN CB  HB2  sing N N 48  
ASN CB  HB3  sing N N 49  
ASN CG  OD1  doub N N 50  
ASN CG  ND2  sing N N 51  
ASN ND2 HD21 sing N N 52  
ASN ND2 HD22 sing N N 53  
ASN OXT HXT  sing N N 54  
ASP N   CA   sing N N 55  
ASP N   H    sing N N 56  
ASP N   H2   sing N N 57  
ASP CA  C    sing N N 58  
ASP CA  CB   sing N N 59  
ASP CA  HA   sing N N 60  
ASP C   O    doub N N 61  
ASP C   OXT  sing N N 62  
ASP CB  CG   sing N N 63  
ASP CB  HB2  sing N N 64  
ASP CB  HB3  sing N N 65  
ASP CG  OD1  doub N N 66  
ASP CG  OD2  sing N N 67  
ASP OD2 HD2  sing N N 68  
ASP OXT HXT  sing N N 69  
CYS N   CA   sing N N 70  
CYS N   H    sing N N 71  
CYS N   H2   sing N N 72  
CYS CA  C    sing N N 73  
CYS CA  CB   sing N N 74  
CYS CA  HA   sing N N 75  
CYS C   O    doub N N 76  
CYS C   OXT  sing N N 77  
CYS CB  SG   sing N N 78  
CYS CB  HB2  sing N N 79  
CYS CB  HB3  sing N N 80  
CYS SG  HG   sing N N 81  
CYS OXT HXT  sing N N 82  
GLN N   CA   sing N N 83  
GLN N   H    sing N N 84  
GLN N   H2   sing N N 85  
GLN CA  C    sing N N 86  
GLN CA  CB   sing N N 87  
GLN CA  HA   sing N N 88  
GLN C   O    doub N N 89  
GLN C   OXT  sing N N 90  
GLN CB  CG   sing N N 91  
GLN CB  HB2  sing N N 92  
GLN CB  HB3  sing N N 93  
GLN CG  CD   sing N N 94  
GLN CG  HG2  sing N N 95  
GLN CG  HG3  sing N N 96  
GLN CD  OE1  doub N N 97  
GLN CD  NE2  sing N N 98  
GLN NE2 HE21 sing N N 99  
GLN NE2 HE22 sing N N 100 
GLN OXT HXT  sing N N 101 
GLU N   CA   sing N N 102 
GLU N   H    sing N N 103 
GLU N   H2   sing N N 104 
GLU CA  C    sing N N 105 
GLU CA  CB   sing N N 106 
GLU CA  HA   sing N N 107 
GLU C   O    doub N N 108 
GLU C   OXT  sing N N 109 
GLU CB  CG   sing N N 110 
GLU CB  HB2  sing N N 111 
GLU CB  HB3  sing N N 112 
GLU CG  CD   sing N N 113 
GLU CG  HG2  sing N N 114 
GLU CG  HG3  sing N N 115 
GLU CD  OE1  doub N N 116 
GLU CD  OE2  sing N N 117 
GLU OE2 HE2  sing N N 118 
GLU OXT HXT  sing N N 119 
GLY N   CA   sing N N 120 
GLY N   H    sing N N 121 
GLY N   H2   sing N N 122 
GLY CA  C    sing N N 123 
GLY CA  HA2  sing N N 124 
GLY CA  HA3  sing N N 125 
GLY C   O    doub N N 126 
GLY C   OXT  sing N N 127 
GLY OXT HXT  sing N N 128 
HIS N   CA   sing N N 129 
HIS N   H    sing N N 130 
HIS N   H2   sing N N 131 
HIS CA  C    sing N N 132 
HIS CA  CB   sing N N 133 
HIS CA  HA   sing N N 134 
HIS C   O    doub N N 135 
HIS C   OXT  sing N N 136 
HIS CB  CG   sing N N 137 
HIS CB  HB2  sing N N 138 
HIS CB  HB3  sing N N 139 
HIS CG  ND1  sing Y N 140 
HIS CG  CD2  doub Y N 141 
HIS ND1 CE1  doub Y N 142 
HIS ND1 HD1  sing N N 143 
HIS CD2 NE2  sing Y N 144 
HIS CD2 HD2  sing N N 145 
HIS CE1 NE2  sing Y N 146 
HIS CE1 HE1  sing N N 147 
HIS NE2 HE2  sing N N 148 
HIS OXT HXT  sing N N 149 
ILE N   CA   sing N N 150 
ILE N   H    sing N N 151 
ILE N   H2   sing N N 152 
ILE CA  C    sing N N 153 
ILE CA  CB   sing N N 154 
ILE CA  HA   sing N N 155 
ILE C   O    doub N N 156 
ILE C   OXT  sing N N 157 
ILE CB  CG1  sing N N 158 
ILE CB  CG2  sing N N 159 
ILE CB  HB   sing N N 160 
ILE CG1 CD1  sing N N 161 
ILE CG1 HG12 sing N N 162 
ILE CG1 HG13 sing N N 163 
ILE CG2 HG21 sing N N 164 
ILE CG2 HG22 sing N N 165 
ILE CG2 HG23 sing N N 166 
ILE CD1 HD11 sing N N 167 
ILE CD1 HD12 sing N N 168 
ILE CD1 HD13 sing N N 169 
ILE OXT HXT  sing N N 170 
LEU N   CA   sing N N 171 
LEU N   H    sing N N 172 
LEU N   H2   sing N N 173 
LEU CA  C    sing N N 174 
LEU CA  CB   sing N N 175 
LEU CA  HA   sing N N 176 
LEU C   O    doub N N 177 
LEU C   OXT  sing N N 178 
LEU CB  CG   sing N N 179 
LEU CB  HB2  sing N N 180 
LEU CB  HB3  sing N N 181 
LEU CG  CD1  sing N N 182 
LEU CG  CD2  sing N N 183 
LEU CG  HG   sing N N 184 
LEU CD1 HD11 sing N N 185 
LEU CD1 HD12 sing N N 186 
LEU CD1 HD13 sing N N 187 
LEU CD2 HD21 sing N N 188 
LEU CD2 HD22 sing N N 189 
LEU CD2 HD23 sing N N 190 
LEU OXT HXT  sing N N 191 
LYS N   CA   sing N N 192 
LYS N   H    sing N N 193 
LYS N   H2   sing N N 194 
LYS CA  C    sing N N 195 
LYS CA  CB   sing N N 196 
LYS CA  HA   sing N N 197 
LYS C   O    doub N N 198 
LYS C   OXT  sing N N 199 
LYS CB  CG   sing N N 200 
LYS CB  HB2  sing N N 201 
LYS CB  HB3  sing N N 202 
LYS CG  CD   sing N N 203 
LYS CG  HG2  sing N N 204 
LYS CG  HG3  sing N N 205 
LYS CD  CE   sing N N 206 
LYS CD  HD2  sing N N 207 
LYS CD  HD3  sing N N 208 
LYS CE  NZ   sing N N 209 
LYS CE  HE2  sing N N 210 
LYS CE  HE3  sing N N 211 
LYS NZ  HZ1  sing N N 212 
LYS NZ  HZ2  sing N N 213 
LYS NZ  HZ3  sing N N 214 
LYS OXT HXT  sing N N 215 
MET N   CA   sing N N 216 
MET N   H    sing N N 217 
MET N   H2   sing N N 218 
MET CA  C    sing N N 219 
MET CA  CB   sing N N 220 
MET CA  HA   sing N N 221 
MET C   O    doub N N 222 
MET C   OXT  sing N N 223 
MET CB  CG   sing N N 224 
MET CB  HB2  sing N N 225 
MET CB  HB3  sing N N 226 
MET CG  SD   sing N N 227 
MET CG  HG2  sing N N 228 
MET CG  HG3  sing N N 229 
MET SD  CE   sing N N 230 
MET CE  HE1  sing N N 231 
MET CE  HE2  sing N N 232 
MET CE  HE3  sing N N 233 
MET OXT HXT  sing N N 234 
PHE N   CA   sing N N 235 
PHE N   H    sing N N 236 
PHE N   H2   sing N N 237 
PHE CA  C    sing N N 238 
PHE CA  CB   sing N N 239 
PHE CA  HA   sing N N 240 
PHE C   O    doub N N 241 
PHE C   OXT  sing N N 242 
PHE CB  CG   sing N N 243 
PHE CB  HB2  sing N N 244 
PHE CB  HB3  sing N N 245 
PHE CG  CD1  doub Y N 246 
PHE CG  CD2  sing Y N 247 
PHE CD1 CE1  sing Y N 248 
PHE CD1 HD1  sing N N 249 
PHE CD2 CE2  doub Y N 250 
PHE CD2 HD2  sing N N 251 
PHE CE1 CZ   doub Y N 252 
PHE CE1 HE1  sing N N 253 
PHE CE2 CZ   sing Y N 254 
PHE CE2 HE2  sing N N 255 
PHE CZ  HZ   sing N N 256 
PHE OXT HXT  sing N N 257 
PRO N   CA   sing N N 258 
PRO N   CD   sing N N 259 
PRO N   H    sing N N 260 
PRO CA  C    sing N N 261 
PRO CA  CB   sing N N 262 
PRO CA  HA   sing N N 263 
PRO C   O    doub N N 264 
PRO C   OXT  sing N N 265 
PRO CB  CG   sing N N 266 
PRO CB  HB2  sing N N 267 
PRO CB  HB3  sing N N 268 
PRO CG  CD   sing N N 269 
PRO CG  HG2  sing N N 270 
PRO CG  HG3  sing N N 271 
PRO CD  HD2  sing N N 272 
PRO CD  HD3  sing N N 273 
PRO OXT HXT  sing N N 274 
SER N   CA   sing N N 275 
SER N   H    sing N N 276 
SER N   H2   sing N N 277 
SER CA  C    sing N N 278 
SER CA  CB   sing N N 279 
SER CA  HA   sing N N 280 
SER C   O    doub N N 281 
SER C   OXT  sing N N 282 
SER CB  OG   sing N N 283 
SER CB  HB2  sing N N 284 
SER CB  HB3  sing N N 285 
SER OG  HG   sing N N 286 
SER OXT HXT  sing N N 287 
THR N   CA   sing N N 288 
THR N   H    sing N N 289 
THR N   H2   sing N N 290 
THR CA  C    sing N N 291 
THR CA  CB   sing N N 292 
THR CA  HA   sing N N 293 
THR C   O    doub N N 294 
THR C   OXT  sing N N 295 
THR CB  OG1  sing N N 296 
THR CB  CG2  sing N N 297 
THR CB  HB   sing N N 298 
THR OG1 HG1  sing N N 299 
THR CG2 HG21 sing N N 300 
THR CG2 HG22 sing N N 301 
THR CG2 HG23 sing N N 302 
THR OXT HXT  sing N N 303 
TRP N   CA   sing N N 304 
TRP N   H    sing N N 305 
TRP N   H2   sing N N 306 
TRP CA  C    sing N N 307 
TRP CA  CB   sing N N 308 
TRP CA  HA   sing N N 309 
TRP C   O    doub N N 310 
TRP C   OXT  sing N N 311 
TRP CB  CG   sing N N 312 
TRP CB  HB2  sing N N 313 
TRP CB  HB3  sing N N 314 
TRP CG  CD1  doub Y N 315 
TRP CG  CD2  sing Y N 316 
TRP CD1 NE1  sing Y N 317 
TRP CD1 HD1  sing N N 318 
TRP CD2 CE2  doub Y N 319 
TRP CD2 CE3  sing Y N 320 
TRP NE1 CE2  sing Y N 321 
TRP NE1 HE1  sing N N 322 
TRP CE2 CZ2  sing Y N 323 
TRP CE3 CZ3  doub Y N 324 
TRP CE3 HE3  sing N N 325 
TRP CZ2 CH2  doub Y N 326 
TRP CZ2 HZ2  sing N N 327 
TRP CZ3 CH2  sing Y N 328 
TRP CZ3 HZ3  sing N N 329 
TRP CH2 HH2  sing N N 330 
TRP OXT HXT  sing N N 331 
TYR N   CA   sing N N 332 
TYR N   H    sing N N 333 
TYR N   H2   sing N N 334 
TYR CA  C    sing N N 335 
TYR CA  CB   sing N N 336 
TYR CA  HA   sing N N 337 
TYR C   O    doub N N 338 
TYR C   OXT  sing N N 339 
TYR CB  CG   sing N N 340 
TYR CB  HB2  sing N N 341 
TYR CB  HB3  sing N N 342 
TYR CG  CD1  doub Y N 343 
TYR CG  CD2  sing Y N 344 
TYR CD1 CE1  sing Y N 345 
TYR CD1 HD1  sing N N 346 
TYR CD2 CE2  doub Y N 347 
TYR CD2 HD2  sing N N 348 
TYR CE1 CZ   doub Y N 349 
TYR CE1 HE1  sing N N 350 
TYR CE2 CZ   sing Y N 351 
TYR CE2 HE2  sing N N 352 
TYR CZ  OH   sing N N 353 
TYR OH  HH   sing N N 354 
TYR OXT HXT  sing N N 355 
VAL N   CA   sing N N 356 
VAL N   H    sing N N 357 
VAL N   H2   sing N N 358 
VAL CA  C    sing N N 359 
VAL CA  CB   sing N N 360 
VAL CA  HA   sing N N 361 
VAL C   O    doub N N 362 
VAL C   OXT  sing N N 363 
VAL CB  CG1  sing N N 364 
VAL CB  CG2  sing N N 365 
VAL CB  HB   sing N N 366 
VAL CG1 HG11 sing N N 367 
VAL CG1 HG12 sing N N 368 
VAL CG1 HG13 sing N N 369 
VAL CG2 HG21 sing N N 370 
VAL CG2 HG22 sing N N 371 
VAL CG2 HG23 sing N N 372 
VAL OXT HXT  sing N N 373 
# 
loop_
_pdbx_coordinate_model.asym_id 
_pdbx_coordinate_model.type 
A 'CA ATOMS ONLY' 
B 'CA ATOMS ONLY' 
# 
_pdbx_initial_refinement_model.id               1 
_pdbx_initial_refinement_model.entity_id_list   ? 
_pdbx_initial_refinement_model.type             'experimental model' 
_pdbx_initial_refinement_model.source_name      PDB 
_pdbx_initial_refinement_model.accession_code   1JS8 
_pdbx_initial_refinement_model.details          'PDB ENTRY 1JS8' 
# 
